data_2LSH
#
_entry.id   2LSH
#
_entity_poly.entity_id   1
_entity_poly.type   'polypeptide(L)'
_entity_poly.pdbx_seq_one_letter_code
;SLPASAAKNAKLATSAAFAKQAEGTTCNVGSIACCNSPAETNNDSLLSGLLGAGLLNGLSGNTGSACAKASLIDQLGLLA
LVDHTEEGPVCKNIVACCPEGTTNCVAVDNAGAGTKAE
;
_entity_poly.pdbx_strand_id   A
#
# COMPACT_ATOMS: atom_id res chain seq x y z
N SER A 1 -7.90 17.44 15.62
CA SER A 1 -6.91 16.36 15.61
C SER A 1 -7.00 15.53 16.89
N LEU A 2 -7.95 14.62 16.94
CA LEU A 2 -8.17 13.78 18.12
C LEU A 2 -8.32 12.32 17.69
N PRO A 3 -7.25 11.53 17.78
CA PRO A 3 -7.23 10.15 17.31
C PRO A 3 -8.19 9.25 18.07
N ALA A 4 -8.96 8.46 17.31
CA ALA A 4 -9.84 7.44 17.87
C ALA A 4 -10.95 8.03 18.72
N SER A 5 -11.61 9.06 18.20
CA SER A 5 -12.77 9.64 18.87
C SER A 5 -14.05 9.35 18.08
N ALA A 6 -14.80 8.35 18.55
CA ALA A 6 -16.06 7.94 17.92
C ALA A 6 -15.84 7.43 16.50
N ALA A 7 -14.60 7.09 16.18
CA ALA A 7 -14.25 6.62 14.86
C ALA A 7 -14.28 5.09 14.81
N LYS A 8 -15.19 4.55 14.00
CA LYS A 8 -15.30 3.10 13.83
C LYS A 8 -14.80 2.70 12.45
N ASN A 9 -14.03 3.58 11.84
CA ASN A 9 -13.49 3.33 10.51
C ASN A 9 -11.98 3.47 10.52
N ALA A 10 -11.31 2.59 9.79
CA ALA A 10 -9.86 2.64 9.67
C ALA A 10 -9.44 2.47 8.22
N LYS A 11 -10.08 3.24 7.34
CA LYS A 11 -9.81 3.16 5.92
C LYS A 11 -8.79 4.23 5.51
N LEU A 12 -8.51 4.32 4.22
CA LEU A 12 -7.49 5.24 3.72
C LEU A 12 -8.04 6.65 3.59
N ALA A 13 -8.51 7.20 4.72
CA ALA A 13 -9.13 8.54 4.77
C ALA A 13 -10.49 8.55 4.06
N THR A 14 -10.61 7.75 3.01
CA THR A 14 -11.84 7.62 2.25
C THR A 14 -11.90 6.26 1.58
N SER A 15 -10.83 5.92 0.86
CA SER A 15 -10.74 4.66 0.11
C SER A 15 -11.73 4.65 -1.05
N ALA A 16 -13.01 4.39 -0.75
CA ALA A 16 -14.07 4.28 -1.75
C ALA A 16 -13.68 3.30 -2.86
N ALA A 17 -12.99 3.80 -3.87
CA ALA A 17 -12.44 2.96 -4.91
C ALA A 17 -11.46 1.95 -4.34
N PHE A 18 -10.66 2.38 -3.35
CA PHE A 18 -9.73 1.49 -2.68
C PHE A 18 -10.47 0.48 -1.84
N ALA A 19 -11.67 0.82 -1.42
CA ALA A 19 -12.53 -0.09 -0.69
C ALA A 19 -13.08 -1.16 -1.63
N LYS A 20 -13.45 -0.74 -2.84
CA LYS A 20 -13.86 -1.67 -3.88
C LYS A 20 -12.70 -2.59 -4.23
N GLN A 21 -11.50 -2.02 -4.20
CA GLN A 21 -10.26 -2.78 -4.39
C GLN A 21 -10.13 -3.83 -3.30
N ALA A 22 -10.35 -3.43 -2.05
CA ALA A 22 -10.19 -4.31 -0.90
C ALA A 22 -11.28 -5.40 -0.88
N GLU A 23 -12.35 -5.17 -1.61
CA GLU A 23 -13.43 -6.15 -1.69
C GLU A 23 -13.23 -7.09 -2.88
N GLY A 24 -12.67 -6.55 -3.96
CA GLY A 24 -12.43 -7.36 -5.15
C GLY A 24 -11.17 -8.19 -5.03
N THR A 25 -10.24 -7.75 -4.19
CA THR A 25 -9.00 -8.46 -3.98
C THR A 25 -8.98 -9.12 -2.60
N THR A 26 -8.58 -10.38 -2.56
CA THR A 26 -8.57 -11.12 -1.32
C THR A 26 -7.36 -10.74 -0.46
N CYS A 27 -7.61 -9.82 0.48
CA CYS A 27 -6.58 -9.36 1.40
C CYS A 27 -7.21 -9.15 2.77
N ASN A 28 -6.43 -8.69 3.74
CA ASN A 28 -6.94 -8.47 5.09
C ASN A 28 -6.86 -6.99 5.44
N VAL A 29 -7.68 -6.57 6.40
CA VAL A 29 -7.80 -5.15 6.75
C VAL A 29 -6.53 -4.61 7.41
N GLY A 30 -6.02 -5.33 8.40
CA GLY A 30 -4.84 -4.89 9.13
C GLY A 30 -3.57 -5.27 8.40
N SER A 31 -3.73 -5.75 7.18
CA SER A 31 -2.60 -6.12 6.34
C SER A 31 -2.85 -5.67 4.91
N ILE A 32 -3.58 -4.58 4.75
CA ILE A 32 -3.89 -4.05 3.44
C ILE A 32 -2.81 -3.07 3.02
N ALA A 33 -2.27 -3.27 1.83
CA ALA A 33 -1.13 -2.50 1.39
C ALA A 33 -1.14 -2.31 -0.11
N CYS A 34 -0.28 -1.43 -0.58
CA CYS A 34 -0.06 -1.27 -2.01
C CYS A 34 1.43 -1.41 -2.30
N CYS A 35 1.75 -2.08 -3.39
CA CYS A 35 3.13 -2.28 -3.79
C CYS A 35 3.37 -1.70 -5.17
N ASN A 36 4.49 -1.05 -5.36
CA ASN A 36 4.79 -0.45 -6.65
C ASN A 36 6.00 -1.11 -7.28
N SER A 37 6.12 -0.94 -8.60
CA SER A 37 7.30 -1.36 -9.33
C SER A 37 8.58 -0.99 -8.59
N PRO A 38 9.48 -1.98 -8.38
CA PRO A 38 10.67 -1.85 -7.54
C PRO A 38 11.52 -0.61 -7.84
N ALA A 39 11.65 -0.28 -9.12
CA ALA A 39 12.52 0.83 -9.51
C ALA A 39 12.00 2.16 -9.00
N GLU A 40 10.70 2.23 -8.74
CA GLU A 40 10.07 3.46 -8.28
C GLU A 40 9.95 3.46 -6.77
N THR A 41 9.57 2.31 -6.22
CA THR A 41 9.51 2.14 -4.78
C THR A 41 10.90 2.30 -4.16
N ASN A 42 11.91 1.89 -4.91
CA ASN A 42 13.28 1.98 -4.45
C ASN A 42 14.00 3.12 -5.16
N ASN A 43 13.21 4.00 -5.77
CA ASN A 43 13.76 5.17 -6.48
C ASN A 43 14.69 5.95 -5.57
N ASP A 44 14.23 6.22 -4.36
CA ASP A 44 15.06 6.88 -3.37
C ASP A 44 15.72 5.83 -2.47
N SER A 45 17.01 6.00 -2.18
CA SER A 45 17.73 5.05 -1.34
C SER A 45 17.18 5.10 0.08
N LEU A 46 16.64 6.25 0.47
CA LEU A 46 16.05 6.41 1.78
C LEU A 46 14.62 5.90 1.78
N LEU A 47 13.98 5.94 0.62
CA LEU A 47 12.61 5.46 0.47
C LEU A 47 12.53 3.98 0.85
N SER A 48 13.57 3.24 0.49
CA SER A 48 13.64 1.81 0.81
C SER A 48 13.55 1.57 2.32
N GLY A 49 14.09 2.49 3.10
CA GLY A 49 14.02 2.38 4.55
C GLY A 49 12.84 3.14 5.12
N LEU A 50 12.24 3.97 4.30
CA LEU A 50 11.11 4.81 4.71
C LEU A 50 9.82 3.98 4.77
N LEU A 51 9.72 3.01 3.88
CA LEU A 51 8.54 2.12 3.85
C LEU A 51 8.58 1.15 5.02
N GLY A 52 9.77 0.79 5.44
CA GLY A 52 9.93 -0.18 6.50
C GLY A 52 10.00 0.47 7.86
N ALA A 53 8.94 1.18 8.24
CA ALA A 53 8.89 1.88 9.52
C ALA A 53 8.96 0.90 10.68
N GLY A 54 8.52 -0.33 10.42
CA GLY A 54 8.52 -1.34 11.46
C GLY A 54 9.42 -2.51 11.12
N LEU A 55 10.39 -2.27 10.24
CA LEU A 55 11.35 -3.30 9.82
C LEU A 55 10.64 -4.40 9.03
N LEU A 56 9.77 -3.99 8.12
CA LEU A 56 8.99 -4.94 7.33
C LEU A 56 9.77 -5.38 6.09
N ASN A 57 9.17 -6.28 5.31
CA ASN A 57 9.82 -6.85 4.15
C ASN A 57 9.03 -6.56 2.88
N GLY A 58 9.49 -7.10 1.77
CA GLY A 58 8.89 -6.80 0.48
C GLY A 58 7.96 -7.90 0.01
N LEU A 59 7.78 -8.01 -1.31
CA LEU A 59 6.90 -9.03 -1.87
C LEU A 59 7.46 -10.42 -1.63
N SER A 60 6.58 -11.36 -1.33
CA SER A 60 6.97 -12.73 -1.02
C SER A 60 7.63 -13.41 -2.22
N GLY A 61 8.96 -13.41 -2.22
CA GLY A 61 9.71 -14.03 -3.30
C GLY A 61 10.29 -13.00 -4.24
N ASN A 62 9.85 -11.75 -4.09
CA ASN A 62 10.30 -10.68 -4.95
C ASN A 62 10.80 -9.49 -4.13
N THR A 63 12.09 -9.46 -3.89
CA THR A 63 12.71 -8.37 -3.18
C THR A 63 12.83 -7.13 -4.09
N GLY A 64 11.85 -6.27 -4.01
CA GLY A 64 11.86 -5.05 -4.79
C GLY A 64 10.55 -4.29 -4.65
N SER A 65 9.46 -4.95 -5.00
CA SER A 65 8.14 -4.36 -4.85
C SER A 65 7.67 -4.46 -3.40
N ALA A 66 8.09 -3.50 -2.60
CA ALA A 66 7.68 -3.45 -1.21
C ALA A 66 6.27 -2.87 -1.10
N CYS A 67 5.57 -3.20 -0.03
CA CYS A 67 4.20 -2.76 0.14
C CYS A 67 4.03 -1.96 1.43
N ALA A 68 3.38 -0.81 1.32
CA ALA A 68 3.12 0.03 2.48
C ALA A 68 1.65 -0.07 2.86
N LYS A 69 1.40 -0.24 4.16
CA LYS A 69 0.05 -0.48 4.65
C LYS A 69 -0.65 0.83 4.95
N ALA A 70 -1.96 0.76 5.15
CA ALA A 70 -2.75 1.95 5.46
C ALA A 70 -2.25 2.63 6.72
N SER A 71 -1.75 1.85 7.66
CA SER A 71 -1.24 2.38 8.91
C SER A 71 0.08 3.10 8.64
N LEU A 72 0.86 2.52 7.74
CA LEU A 72 2.11 3.11 7.30
C LEU A 72 1.84 4.40 6.54
N ILE A 73 0.71 4.45 5.86
CA ILE A 73 0.28 5.64 5.14
C ILE A 73 0.00 6.78 6.11
N ASP A 74 -0.53 6.44 7.28
CA ASP A 74 -0.82 7.43 8.31
C ASP A 74 0.42 7.72 9.15
N GLN A 75 1.49 6.96 8.93
CA GLN A 75 2.74 7.18 9.65
C GLN A 75 3.66 8.07 8.84
N LEU A 76 3.73 7.79 7.55
CA LEU A 76 4.62 8.51 6.66
C LEU A 76 3.90 8.94 5.39
N GLY A 77 3.26 7.98 4.72
CA GLY A 77 2.55 8.30 3.49
C GLY A 77 3.42 8.09 2.27
N LEU A 78 4.04 6.91 2.18
CA LEU A 78 4.95 6.58 1.08
C LEU A 78 4.29 6.80 -0.29
N LEU A 79 4.60 7.92 -0.92
CA LEU A 79 3.98 8.29 -2.18
C LEU A 79 4.57 7.48 -3.35
N ALA A 80 5.48 6.58 -3.04
CA ALA A 80 6.11 5.75 -4.06
C ALA A 80 5.13 4.71 -4.59
N LEU A 81 4.25 4.22 -3.73
CA LEU A 81 3.32 3.17 -4.09
C LEU A 81 1.87 3.64 -3.93
N VAL A 82 1.70 4.89 -3.59
CA VAL A 82 0.37 5.47 -3.43
C VAL A 82 0.08 6.43 -4.57
N ASP A 83 -1.13 6.39 -5.09
CA ASP A 83 -1.54 7.31 -6.14
C ASP A 83 -2.78 8.07 -5.70
N HIS A 84 -2.97 9.27 -6.22
CA HIS A 84 -4.12 10.05 -5.86
C HIS A 84 -5.02 10.32 -7.06
N THR A 85 -6.30 10.09 -6.85
CA THR A 85 -7.31 10.42 -7.84
C THR A 85 -8.51 11.02 -7.10
N GLU A 86 -9.52 11.48 -7.83
CA GLU A 86 -10.67 12.11 -7.20
C GLU A 86 -11.49 11.09 -6.42
N GLU A 87 -11.25 9.81 -6.72
CA GLU A 87 -11.89 8.72 -6.00
C GLU A 87 -11.23 8.51 -4.64
N GLY A 88 -10.15 9.24 -4.40
CA GLY A 88 -9.47 9.18 -3.11
C GLY A 88 -8.07 8.61 -3.22
N PRO A 89 -7.39 8.39 -2.09
CA PRO A 89 -6.09 7.73 -2.05
C PRO A 89 -6.19 6.28 -2.49
N VAL A 90 -5.47 5.93 -3.55
CA VAL A 90 -5.61 4.63 -4.17
C VAL A 90 -4.25 4.00 -4.46
N CYS A 91 -4.28 2.79 -5.02
CA CYS A 91 -3.06 2.08 -5.38
C CYS A 91 -2.40 2.75 -6.57
N LYS A 92 -1.08 2.70 -6.60
CA LYS A 92 -0.31 3.21 -7.72
C LYS A 92 -0.17 2.13 -8.79
N ASN A 93 0.01 0.89 -8.36
CA ASN A 93 0.20 -0.21 -9.30
C ASN A 93 -0.32 -1.53 -8.75
N ILE A 94 0.53 -2.23 -8.00
CA ILE A 94 0.24 -3.60 -7.60
C ILE A 94 -0.44 -3.64 -6.23
N VAL A 95 -1.54 -4.40 -6.13
CA VAL A 95 -2.25 -4.55 -4.88
C VAL A 95 -1.89 -5.88 -4.21
N ALA A 96 -1.57 -5.84 -2.93
CA ALA A 96 -1.16 -7.04 -2.19
C ALA A 96 -1.46 -6.91 -0.71
N CYS A 97 -1.38 -8.02 0.01
CA CYS A 97 -1.60 -8.03 1.44
C CYS A 97 -0.27 -8.22 2.18
N CYS A 98 0.02 -7.31 3.10
CA CYS A 98 1.32 -7.27 3.74
C CYS A 98 1.19 -7.07 5.25
N PRO A 99 1.93 -7.85 6.05
CA PRO A 99 1.89 -7.76 7.52
C PRO A 99 2.76 -6.64 8.08
N GLU A 100 2.29 -5.99 9.13
CA GLU A 100 3.12 -5.06 9.87
C GLU A 100 3.98 -5.85 10.85
N GLY A 101 5.29 -5.64 10.77
CA GLY A 101 6.20 -6.39 11.59
C GLY A 101 7.36 -6.87 10.76
N THR A 102 7.48 -8.17 10.57
CA THR A 102 8.57 -8.70 9.77
C THR A 102 8.15 -9.94 9.01
N THR A 103 7.95 -9.77 7.70
CA THR A 103 7.70 -10.85 6.74
C THR A 103 7.33 -10.22 5.41
N ASN A 104 7.30 -11.05 4.38
CA ASN A 104 6.99 -10.58 3.05
C ASN A 104 5.49 -10.41 2.87
N CYS A 105 5.10 -9.82 1.76
CA CYS A 105 3.70 -9.57 1.48
C CYS A 105 3.24 -10.43 0.30
N VAL A 106 2.00 -10.91 0.36
CA VAL A 106 1.47 -11.79 -0.65
C VAL A 106 0.68 -11.00 -1.70
N ALA A 107 0.89 -11.33 -2.96
CA ALA A 107 0.24 -10.62 -4.04
C ALA A 107 -0.80 -11.50 -4.73
N VAL A 108 -2.03 -11.02 -4.79
CA VAL A 108 -3.12 -11.77 -5.39
C VAL A 108 -3.51 -11.20 -6.75
N ASP A 109 -2.68 -10.31 -7.25
CA ASP A 109 -2.92 -9.68 -8.55
C ASP A 109 -1.82 -10.08 -9.53
N ASN A 110 -0.68 -9.38 -9.43
CA ASN A 110 0.53 -9.68 -10.20
C ASN A 110 0.43 -9.20 -11.65
N ALA A 111 -0.62 -9.62 -12.33
CA ALA A 111 -0.78 -9.32 -13.75
C ALA A 111 -2.11 -8.62 -14.03
N GLY A 112 -2.68 -7.98 -13.02
CA GLY A 112 -3.93 -7.27 -13.21
C GLY A 112 -3.75 -5.77 -13.16
N ALA A 113 -2.57 -5.35 -12.67
CA ALA A 113 -2.18 -3.94 -12.61
C ALA A 113 -2.96 -3.20 -11.53
N GLY A 114 -3.48 -3.93 -10.57
CA GLY A 114 -4.16 -3.32 -9.42
C GLY A 114 -5.30 -2.41 -9.82
N THR A 115 -6.24 -2.95 -10.58
CA THR A 115 -7.39 -2.19 -11.00
C THR A 115 -8.47 -2.19 -9.91
N LYS A 116 -9.30 -1.17 -9.91
CA LYS A 116 -10.39 -1.07 -8.95
C LYS A 116 -11.68 -0.75 -9.68
N ALA A 117 -12.79 -1.29 -9.19
CA ALA A 117 -14.09 -1.00 -9.75
C ALA A 117 -14.50 0.44 -9.42
N GLU A 118 -14.23 1.34 -10.36
CA GLU A 118 -14.47 2.77 -10.18
C GLU A 118 -13.79 3.27 -8.91
N SER A 1 -1.34 13.91 20.30
CA SER A 1 -1.47 14.29 18.88
C SER A 1 -2.60 15.29 18.68
N LEU A 2 -2.39 16.25 17.80
CA LEU A 2 -3.40 17.26 17.52
C LEU A 2 -4.00 17.05 16.13
N PRO A 3 -5.31 16.78 16.06
CA PRO A 3 -6.01 16.52 14.80
C PRO A 3 -6.32 17.80 14.02
N ALA A 4 -5.88 18.93 14.56
CA ALA A 4 -6.15 20.23 13.95
C ALA A 4 -4.96 20.73 13.15
N SER A 5 -3.83 20.06 13.29
CA SER A 5 -2.61 20.46 12.59
C SER A 5 -2.53 19.82 11.21
N ALA A 6 -2.53 18.50 11.18
CA ALA A 6 -2.38 17.77 9.92
C ALA A 6 -3.71 17.23 9.42
N ALA A 7 -3.86 15.90 9.40
CA ALA A 7 -5.07 15.24 8.93
C ALA A 7 -5.32 15.50 7.45
N LYS A 8 -4.25 15.88 6.74
CA LYS A 8 -4.35 16.23 5.33
C LYS A 8 -3.30 15.47 4.53
N ASN A 9 -2.97 14.28 5.00
CA ASN A 9 -1.97 13.46 4.33
C ASN A 9 -2.64 12.36 3.50
N ALA A 10 -2.92 11.22 4.11
CA ALA A 10 -3.55 10.12 3.40
C ALA A 10 -4.34 9.24 4.35
N LYS A 11 -5.61 9.57 4.53
CA LYS A 11 -6.49 8.80 5.41
C LYS A 11 -7.05 7.61 4.66
N LEU A 12 -7.11 6.47 5.33
CA LEU A 12 -7.68 5.28 4.74
C LEU A 12 -9.14 5.16 5.15
N ALA A 13 -9.95 6.03 4.57
CA ALA A 13 -11.39 6.05 4.83
C ALA A 13 -12.13 6.69 3.66
N THR A 14 -11.61 7.82 3.21
CA THR A 14 -12.18 8.53 2.07
C THR A 14 -11.88 7.80 0.76
N SER A 15 -10.84 6.98 0.79
CA SER A 15 -10.40 6.22 -0.38
C SER A 15 -11.29 4.99 -0.59
N ALA A 16 -12.56 5.22 -0.86
CA ALA A 16 -13.50 4.14 -1.12
C ALA A 16 -13.06 3.33 -2.34
N ALA A 17 -12.41 4.00 -3.28
CA ALA A 17 -11.89 3.36 -4.48
C ALA A 17 -10.78 2.38 -4.14
N PHE A 18 -10.02 2.68 -3.07
CA PHE A 18 -8.93 1.83 -2.66
C PHE A 18 -9.47 0.49 -2.16
N ALA A 19 -10.58 0.54 -1.43
CA ALA A 19 -11.19 -0.67 -0.92
C ALA A 19 -11.97 -1.39 -2.00
N LYS A 20 -12.46 -0.64 -2.98
CA LYS A 20 -13.11 -1.24 -4.16
C LYS A 20 -12.16 -2.24 -4.80
N GLN A 21 -10.91 -1.82 -4.90
CA GLN A 21 -9.83 -2.64 -5.40
C GLN A 21 -9.71 -3.94 -4.60
N ALA A 22 -9.69 -3.80 -3.29
CA ALA A 22 -9.45 -4.92 -2.38
C ALA A 22 -10.72 -5.73 -2.13
N GLU A 23 -11.82 -5.33 -2.74
CA GLU A 23 -13.08 -6.03 -2.54
C GLU A 23 -13.11 -7.31 -3.38
N GLY A 24 -12.20 -7.42 -4.33
CA GLY A 24 -12.08 -8.62 -5.13
C GLY A 24 -10.99 -9.54 -4.60
N THR A 25 -10.21 -9.02 -3.65
CA THR A 25 -9.12 -9.78 -3.06
C THR A 25 -9.46 -10.20 -1.64
N THR A 26 -8.60 -11.00 -1.02
CA THR A 26 -8.84 -11.44 0.35
C THR A 26 -7.71 -11.00 1.26
N CYS A 27 -7.92 -9.89 1.95
CA CYS A 27 -6.96 -9.38 2.91
C CYS A 27 -7.70 -8.79 4.09
N ASN A 28 -7.06 -8.73 5.25
CA ASN A 28 -7.70 -8.26 6.46
C ASN A 28 -7.41 -6.78 6.69
N VAL A 29 -8.11 -6.17 7.64
CA VAL A 29 -7.91 -4.76 7.95
C VAL A 29 -6.52 -4.55 8.55
N GLY A 30 -5.76 -3.63 7.98
CA GLY A 30 -4.39 -3.41 8.42
C GLY A 30 -3.42 -4.23 7.61
N SER A 31 -3.86 -5.40 7.21
CA SER A 31 -3.07 -6.29 6.37
C SER A 31 -3.40 -6.07 4.90
N ILE A 32 -3.87 -4.87 4.59
CA ILE A 32 -4.24 -4.50 3.24
C ILE A 32 -3.26 -3.44 2.73
N ALA A 33 -2.71 -3.66 1.54
CA ALA A 33 -1.66 -2.79 1.05
C ALA A 33 -1.66 -2.68 -0.47
N CYS A 34 -0.71 -1.92 -0.97
CA CYS A 34 -0.51 -1.78 -2.40
C CYS A 34 0.92 -2.16 -2.74
N CYS A 35 1.09 -2.98 -3.77
CA CYS A 35 2.41 -3.38 -4.20
C CYS A 35 2.82 -2.58 -5.41
N ASN A 36 3.93 -1.86 -5.29
CA ASN A 36 4.39 -0.99 -6.36
C ASN A 36 5.70 -1.50 -6.93
N SER A 37 5.91 -1.28 -8.22
CA SER A 37 7.11 -1.71 -8.91
C SER A 37 8.38 -1.20 -8.20
N PRO A 38 9.35 -2.11 -7.96
CA PRO A 38 10.54 -1.81 -7.14
C PRO A 38 11.31 -0.58 -7.58
N ALA A 39 11.41 -0.36 -8.88
CA ALA A 39 12.21 0.74 -9.41
C ALA A 39 11.64 2.10 -9.04
N GLU A 40 10.36 2.12 -8.65
CA GLU A 40 9.72 3.36 -8.26
C GLU A 40 9.63 3.43 -6.74
N THR A 41 9.35 2.29 -6.12
CA THR A 41 9.33 2.18 -4.67
C THR A 41 10.72 2.48 -4.09
N ASN A 42 11.75 2.18 -4.86
CA ASN A 42 13.12 2.39 -4.43
C ASN A 42 13.72 3.60 -5.13
N ASN A 43 12.87 4.39 -5.77
CA ASN A 43 13.32 5.58 -6.50
C ASN A 43 14.00 6.56 -5.55
N ASP A 44 13.41 6.74 -4.38
CA ASP A 44 14.02 7.54 -3.34
C ASP A 44 14.78 6.63 -2.38
N SER A 45 16.02 6.97 -2.11
CA SER A 45 16.83 6.20 -1.18
C SER A 45 16.29 6.34 0.25
N LEU A 46 15.60 7.45 0.49
CA LEU A 46 14.93 7.67 1.76
C LEU A 46 13.68 6.80 1.83
N LEU A 47 13.05 6.58 0.68
CA LEU A 47 11.86 5.75 0.59
C LEU A 47 12.19 4.31 0.95
N SER A 48 13.41 3.89 0.63
CA SER A 48 13.87 2.55 0.94
C SER A 48 13.88 2.30 2.45
N GLY A 49 13.93 3.37 3.22
CA GLY A 49 13.83 3.25 4.67
C GLY A 49 12.48 3.73 5.17
N LEU A 50 11.71 4.34 4.28
CA LEU A 50 10.40 4.86 4.60
C LEU A 50 9.35 3.76 4.52
N LEU A 51 9.65 2.71 3.75
CA LEU A 51 8.76 1.56 3.65
C LEU A 51 8.91 0.69 4.89
N GLY A 52 10.09 0.70 5.48
CA GLY A 52 10.36 -0.10 6.65
C GLY A 52 10.23 0.71 7.92
N ALA A 53 8.99 0.85 8.41
CA ALA A 53 8.73 1.55 9.66
C ALA A 53 9.08 0.65 10.84
N GLY A 54 9.40 -0.59 10.52
CA GLY A 54 9.83 -1.55 11.51
C GLY A 54 10.76 -2.58 10.91
N LEU A 55 10.44 -3.85 11.08
CA LEU A 55 11.26 -4.92 10.54
C LEU A 55 10.54 -5.56 9.36
N LEU A 56 10.17 -4.74 8.39
CA LEU A 56 9.34 -5.18 7.28
C LEU A 56 10.16 -5.93 6.24
N ASN A 57 9.44 -6.54 5.31
CA ASN A 57 10.04 -7.23 4.18
C ASN A 57 9.33 -6.78 2.91
N GLY A 58 9.75 -7.33 1.78
CA GLY A 58 9.20 -6.91 0.51
C GLY A 58 8.15 -7.86 -0.02
N LEU A 59 8.26 -8.21 -1.30
CA LEU A 59 7.31 -9.12 -1.94
C LEU A 59 7.64 -10.56 -1.59
N SER A 60 6.64 -11.41 -1.60
CA SER A 60 6.81 -12.82 -1.30
C SER A 60 7.76 -13.50 -2.29
N GLY A 61 9.05 -13.47 -1.97
CA GLY A 61 10.05 -14.07 -2.83
C GLY A 61 10.76 -13.06 -3.71
N ASN A 62 10.36 -11.80 -3.62
CA ASN A 62 10.97 -10.76 -4.44
C ASN A 62 11.49 -9.62 -3.57
N THR A 63 12.80 -9.60 -3.37
CA THR A 63 13.43 -8.58 -2.56
C THR A 63 13.60 -7.28 -3.34
N GLY A 64 12.50 -6.58 -3.54
CA GLY A 64 12.55 -5.31 -4.25
C GLY A 64 11.25 -4.55 -4.13
N SER A 65 10.15 -5.20 -4.50
CA SER A 65 8.82 -4.60 -4.39
C SER A 65 8.32 -4.64 -2.97
N ALA A 66 8.80 -3.70 -2.16
CA ALA A 66 8.30 -3.56 -0.80
C ALA A 66 6.93 -2.90 -0.85
N CYS A 67 5.94 -3.54 -0.24
CA CYS A 67 4.58 -3.05 -0.30
C CYS A 67 4.13 -2.55 1.06
N ALA A 68 3.61 -1.33 1.08
CA ALA A 68 3.25 -0.68 2.32
C ALA A 68 1.74 -0.65 2.49
N LYS A 69 1.31 -0.78 3.73
CA LYS A 69 -0.12 -0.87 4.03
C LYS A 69 -0.62 0.45 4.59
N ALA A 70 -1.88 0.46 5.00
CA ALA A 70 -2.51 1.67 5.53
C ALA A 70 -1.74 2.21 6.73
N SER A 71 -1.09 1.33 7.46
CA SER A 71 -0.29 1.74 8.60
C SER A 71 0.88 2.61 8.15
N LEU A 72 1.49 2.22 7.05
CA LEU A 72 2.62 2.95 6.49
C LEU A 72 2.14 4.18 5.74
N ILE A 73 0.99 4.05 5.10
CA ILE A 73 0.44 5.15 4.33
C ILE A 73 0.06 6.30 5.26
N ASP A 74 -0.45 5.95 6.45
CA ASP A 74 -0.79 6.94 7.46
C ASP A 74 0.47 7.52 8.10
N GLN A 75 1.44 6.65 8.37
CA GLN A 75 2.64 7.04 9.10
C GLN A 75 3.62 7.84 8.22
N LEU A 76 3.98 7.29 7.08
CA LEU A 76 5.02 7.87 6.25
C LEU A 76 4.43 8.55 5.02
N GLY A 77 3.48 7.87 4.37
CA GLY A 77 2.83 8.46 3.21
C GLY A 77 3.71 8.41 1.96
N LEU A 78 4.24 7.23 1.67
CA LEU A 78 5.10 7.02 0.51
C LEU A 78 4.35 7.30 -0.80
N LEU A 79 4.66 8.43 -1.42
CA LEU A 79 3.98 8.86 -2.66
C LEU A 79 4.38 7.98 -3.85
N ALA A 80 5.34 7.10 -3.65
CA ALA A 80 5.75 6.19 -4.70
C ALA A 80 4.87 4.95 -4.70
N LEU A 81 4.13 4.76 -3.62
CA LEU A 81 3.31 3.58 -3.45
C LEU A 81 1.83 3.90 -3.60
N VAL A 82 1.44 5.09 -3.16
CA VAL A 82 0.04 5.51 -3.26
C VAL A 82 -0.12 6.57 -4.32
N ASP A 83 -1.16 6.44 -5.10
CA ASP A 83 -1.51 7.44 -6.10
C ASP A 83 -2.60 8.35 -5.54
N HIS A 84 -2.97 9.39 -6.28
CA HIS A 84 -3.92 10.36 -5.77
C HIS A 84 -4.89 10.79 -6.85
N THR A 85 -6.15 10.42 -6.69
CA THR A 85 -7.21 10.81 -7.61
C THR A 85 -8.26 11.63 -6.87
N GLU A 86 -9.39 11.84 -7.51
CA GLU A 86 -10.50 12.56 -6.89
C GLU A 86 -11.06 11.76 -5.73
N GLU A 87 -11.01 10.43 -5.86
CA GLU A 87 -11.49 9.54 -4.82
C GLU A 87 -10.47 9.37 -3.70
N GLY A 88 -9.37 10.12 -3.78
CA GLY A 88 -8.40 10.13 -2.71
C GLY A 88 -7.16 9.33 -3.03
N PRO A 89 -6.45 8.85 -2.00
CA PRO A 89 -5.26 8.01 -2.17
C PRO A 89 -5.64 6.60 -2.61
N VAL A 90 -5.05 6.15 -3.70
CA VAL A 90 -5.44 4.89 -4.30
C VAL A 90 -4.23 4.04 -4.65
N CYS A 91 -4.46 2.83 -5.11
CA CYS A 91 -3.40 1.93 -5.50
C CYS A 91 -2.71 2.47 -6.75
N LYS A 92 -1.43 2.79 -6.63
CA LYS A 92 -0.66 3.32 -7.74
C LYS A 92 -0.29 2.21 -8.70
N ASN A 93 -0.23 0.99 -8.19
CA ASN A 93 0.19 -0.15 -8.99
C ASN A 93 -0.77 -1.32 -8.79
N ILE A 94 -0.34 -2.35 -8.05
CA ILE A 94 -1.13 -3.57 -7.91
C ILE A 94 -1.60 -3.75 -6.47
N VAL A 95 -2.76 -4.37 -6.31
CA VAL A 95 -3.33 -4.61 -4.98
C VAL A 95 -2.68 -5.83 -4.32
N ALA A 96 -2.51 -5.77 -3.01
CA ALA A 96 -1.85 -6.86 -2.29
C ALA A 96 -2.29 -6.93 -0.84
N CYS A 97 -1.91 -8.00 -0.16
CA CYS A 97 -2.21 -8.17 1.25
C CYS A 97 -0.92 -8.40 2.03
N CYS A 98 -0.52 -7.40 2.81
CA CYS A 98 0.75 -7.44 3.50
C CYS A 98 0.59 -7.15 4.99
N PRO A 99 1.34 -7.85 5.85
CA PRO A 99 1.26 -7.68 7.30
C PRO A 99 2.20 -6.58 7.82
N GLU A 100 1.85 -6.01 8.97
CA GLU A 100 2.70 -5.05 9.66
C GLU A 100 3.49 -5.74 10.76
N GLY A 101 4.81 -5.74 10.62
CA GLY A 101 5.66 -6.32 11.65
C GLY A 101 6.88 -6.97 11.06
N THR A 102 6.65 -8.07 10.33
CA THR A 102 7.74 -8.81 9.70
C THR A 102 7.21 -9.63 8.52
N THR A 103 8.10 -10.32 7.83
CA THR A 103 7.75 -11.18 6.70
C THR A 103 7.27 -10.36 5.49
N ASN A 104 7.17 -11.04 4.36
CA ASN A 104 6.91 -10.39 3.09
C ASN A 104 5.42 -10.28 2.82
N CYS A 105 5.08 -9.70 1.66
CA CYS A 105 3.71 -9.44 1.30
C CYS A 105 3.30 -10.31 0.10
N VAL A 106 2.02 -10.67 0.05
CA VAL A 106 1.52 -11.47 -1.06
C VAL A 106 0.71 -10.60 -2.01
N ALA A 107 0.90 -10.82 -3.29
CA ALA A 107 0.20 -10.04 -4.31
C ALA A 107 -0.62 -10.94 -5.22
N VAL A 108 -1.92 -10.75 -5.22
CA VAL A 108 -2.81 -11.55 -6.05
C VAL A 108 -3.61 -10.67 -7.01
N ASP A 109 -3.04 -9.52 -7.35
CA ASP A 109 -3.67 -8.61 -8.31
C ASP A 109 -3.79 -9.29 -9.67
N ASN A 110 -2.67 -9.82 -10.15
CA ASN A 110 -2.61 -10.69 -11.33
C ASN A 110 -2.88 -9.95 -12.63
N ALA A 111 -2.90 -8.63 -12.59
CA ALA A 111 -3.10 -7.84 -13.79
C ALA A 111 -1.93 -6.88 -13.99
N GLY A 112 -1.50 -6.25 -12.91
CA GLY A 112 -0.44 -5.28 -12.99
C GLY A 112 -0.95 -3.88 -12.75
N ALA A 113 -2.23 -3.79 -12.42
CA ALA A 113 -2.89 -2.51 -12.19
C ALA A 113 -4.21 -2.73 -11.46
N GLY A 114 -4.31 -2.20 -10.25
CA GLY A 114 -5.51 -2.35 -9.46
C GLY A 114 -6.74 -1.80 -10.13
N THR A 115 -6.62 -0.56 -10.63
CA THR A 115 -7.71 0.14 -11.30
C THR A 115 -8.88 0.39 -10.35
N LYS A 116 -8.95 1.60 -9.80
CA LYS A 116 -10.01 1.96 -8.88
C LYS A 116 -11.33 2.13 -9.62
N ALA A 117 -11.25 2.39 -10.91
CA ALA A 117 -12.42 2.50 -11.75
C ALA A 117 -13.04 1.14 -11.99
N GLU A 118 -14.27 0.97 -11.56
CA GLU A 118 -14.98 -0.29 -11.68
C GLU A 118 -16.48 -0.04 -11.57
N SER A 1 -1.91 5.34 13.64
CA SER A 1 -3.18 5.55 14.39
C SER A 1 -3.54 7.03 14.42
N LEU A 2 -2.54 7.89 14.63
CA LEU A 2 -2.77 9.32 14.67
C LEU A 2 -1.92 10.02 13.62
N PRO A 3 -2.47 11.06 12.98
CA PRO A 3 -1.77 11.80 11.92
C PRO A 3 -0.65 12.69 12.47
N ALA A 4 0.42 12.06 12.92
CA ALA A 4 1.59 12.78 13.41
C ALA A 4 2.29 13.47 12.25
N SER A 5 2.23 12.84 11.09
CA SER A 5 2.78 13.41 9.86
C SER A 5 1.84 14.48 9.32
N ALA A 6 2.40 15.46 8.63
CA ALA A 6 1.62 16.55 8.06
C ALA A 6 0.99 16.14 6.74
N ALA A 7 0.27 15.02 6.75
CA ALA A 7 -0.35 14.49 5.54
C ALA A 7 -1.87 14.59 5.62
N LYS A 8 -2.39 15.77 5.36
CA LYS A 8 -3.83 15.98 5.37
C LYS A 8 -4.39 15.77 3.98
N ASN A 9 -3.49 15.51 3.04
CA ASN A 9 -3.84 15.36 1.64
C ASN A 9 -3.95 13.90 1.25
N ALA A 10 -3.12 13.05 1.84
CA ALA A 10 -3.10 11.63 1.50
C ALA A 10 -3.47 10.77 2.69
N LYS A 11 -4.65 10.17 2.66
CA LYS A 11 -5.11 9.29 3.72
C LYS A 11 -5.81 8.08 3.15
N LEU A 12 -5.85 7.01 3.92
CA LEU A 12 -6.58 5.83 3.55
C LEU A 12 -8.03 5.93 4.02
N ALA A 13 -8.31 6.94 4.83
CA ALA A 13 -9.63 7.13 5.41
C ALA A 13 -10.57 7.84 4.44
N THR A 14 -10.02 8.34 3.35
CA THR A 14 -10.81 9.08 2.37
C THR A 14 -10.72 8.47 0.98
N SER A 15 -10.08 7.31 0.89
CA SER A 15 -9.91 6.61 -0.36
C SER A 15 -11.25 6.22 -0.96
N ALA A 16 -12.10 5.57 -0.15
CA ALA A 16 -13.43 5.12 -0.58
C ALA A 16 -13.35 4.11 -1.74
N ALA A 17 -13.03 4.61 -2.93
CA ALA A 17 -12.95 3.78 -4.12
C ALA A 17 -11.86 2.71 -4.00
N PHE A 18 -10.82 3.00 -3.22
CA PHE A 18 -9.77 2.03 -2.96
C PHE A 18 -10.34 0.81 -2.23
N ALA A 19 -11.25 1.06 -1.32
CA ALA A 19 -11.91 -0.01 -0.57
C ALA A 19 -12.87 -0.79 -1.46
N LYS A 20 -13.31 -0.15 -2.55
CA LYS A 20 -14.21 -0.81 -3.49
C LYS A 20 -13.40 -1.79 -4.34
N GLN A 21 -12.11 -1.53 -4.40
CA GLN A 21 -11.18 -2.43 -5.04
C GLN A 21 -10.80 -3.55 -4.08
N ALA A 22 -10.58 -3.17 -2.83
CA ALA A 22 -10.13 -4.08 -1.81
C ALA A 22 -11.23 -5.02 -1.32
N GLU A 23 -12.48 -4.69 -1.61
CA GLU A 23 -13.60 -5.54 -1.20
C GLU A 23 -13.74 -6.74 -2.13
N GLY A 24 -12.98 -6.74 -3.22
CA GLY A 24 -13.01 -7.86 -4.14
C GLY A 24 -12.06 -8.96 -3.73
N THR A 25 -11.10 -8.61 -2.88
CA THR A 25 -10.12 -9.58 -2.39
C THR A 25 -10.11 -9.57 -0.87
N THR A 26 -10.34 -10.72 -0.26
CA THR A 26 -10.42 -10.80 1.19
C THR A 26 -9.07 -10.59 1.85
N CYS A 27 -8.84 -9.37 2.30
CA CYS A 27 -7.66 -9.03 3.08
C CYS A 27 -8.06 -8.06 4.18
N ASN A 28 -7.31 -8.07 5.27
CA ASN A 28 -7.68 -7.29 6.45
C ASN A 28 -7.17 -5.87 6.29
N VAL A 29 -7.83 -4.91 6.95
CA VAL A 29 -7.48 -3.51 6.82
C VAL A 29 -6.05 -3.23 7.25
N GLY A 30 -5.62 -3.86 8.34
CA GLY A 30 -4.26 -3.68 8.83
C GLY A 30 -3.24 -4.46 8.01
N SER A 31 -3.74 -5.31 7.12
CA SER A 31 -2.87 -6.13 6.30
C SER A 31 -3.05 -5.81 4.81
N ILE A 32 -3.79 -4.74 4.53
CA ILE A 32 -4.04 -4.34 3.16
C ILE A 32 -2.95 -3.38 2.70
N ALA A 33 -2.49 -3.56 1.47
CA ALA A 33 -1.32 -2.83 0.99
C ALA A 33 -1.34 -2.57 -0.51
N CYS A 34 -0.29 -1.93 -0.98
CA CYS A 34 -0.08 -1.72 -2.39
C CYS A 34 1.41 -1.82 -2.72
N CYS A 35 1.73 -2.40 -3.86
CA CYS A 35 3.11 -2.55 -4.30
C CYS A 35 3.36 -1.71 -5.53
N ASN A 36 4.62 -1.39 -5.78
CA ASN A 36 5.01 -0.68 -6.98
C ASN A 36 6.38 -1.17 -7.43
N SER A 37 6.62 -1.09 -8.75
CA SER A 37 7.89 -1.53 -9.35
C SER A 37 9.11 -1.07 -8.55
N PRO A 38 10.11 -1.95 -8.43
CA PRO A 38 11.28 -1.75 -7.56
C PRO A 38 11.97 -0.41 -7.78
N ALA A 39 12.35 -0.11 -9.01
CA ALA A 39 13.17 1.07 -9.29
C ALA A 39 12.42 2.38 -9.04
N GLU A 40 11.13 2.31 -8.77
CA GLU A 40 10.35 3.49 -8.47
C GLU A 40 10.15 3.66 -6.97
N THR A 41 9.68 2.59 -6.34
CA THR A 41 9.47 2.59 -4.90
C THR A 41 10.82 2.64 -4.16
N ASN A 42 11.83 2.02 -4.76
CA ASN A 42 13.15 1.95 -4.15
C ASN A 42 14.08 2.98 -4.80
N ASN A 43 13.49 3.91 -5.53
CA ASN A 43 14.25 4.95 -6.22
C ASN A 43 15.01 5.80 -5.21
N ASP A 44 14.34 6.12 -4.11
CA ASP A 44 14.96 6.94 -3.07
C ASP A 44 15.57 6.06 -1.99
N SER A 45 16.73 6.45 -1.50
CA SER A 45 17.42 5.72 -0.45
C SER A 45 16.60 5.72 0.84
N LEU A 46 16.01 6.87 1.18
CA LEU A 46 15.21 6.98 2.38
C LEU A 46 13.93 6.19 2.25
N LEU A 47 13.40 6.14 1.03
CA LEU A 47 12.20 5.37 0.74
C LEU A 47 12.41 3.89 1.05
N SER A 48 13.61 3.39 0.80
CA SER A 48 13.94 2.00 1.06
C SER A 48 13.90 1.71 2.57
N GLY A 49 14.06 2.75 3.39
CA GLY A 49 13.96 2.58 4.83
C GLY A 49 12.59 3.00 5.33
N LEU A 50 11.80 3.56 4.43
CA LEU A 50 10.46 4.02 4.76
C LEU A 50 9.47 2.86 4.72
N LEU A 51 9.75 1.89 3.85
CA LEU A 51 8.89 0.70 3.74
C LEU A 51 9.11 -0.25 4.91
N GLY A 52 10.22 -0.05 5.61
CA GLY A 52 10.58 -0.93 6.70
C GLY A 52 10.52 -0.23 8.04
N ALA A 53 9.33 -0.05 8.57
CA ALA A 53 9.15 0.56 9.88
C ALA A 53 9.43 -0.46 10.99
N GLY A 54 10.60 -1.08 10.93
CA GLY A 54 10.96 -2.10 11.87
C GLY A 54 11.80 -3.19 11.23
N LEU A 55 11.29 -4.41 11.22
CA LEU A 55 11.99 -5.52 10.60
C LEU A 55 11.16 -6.07 9.45
N LEU A 56 10.71 -5.18 8.58
CA LEU A 56 9.76 -5.52 7.54
C LEU A 56 10.44 -6.12 6.32
N ASN A 57 9.62 -6.54 5.38
CA ASN A 57 10.08 -7.15 4.15
C ASN A 57 9.32 -6.57 2.97
N GLY A 58 9.62 -7.04 1.79
CA GLY A 58 8.99 -6.53 0.59
C GLY A 58 8.07 -7.56 -0.04
N LEU A 59 8.20 -7.75 -1.34
CA LEU A 59 7.45 -8.77 -2.04
C LEU A 59 7.90 -10.15 -1.58
N SER A 60 6.99 -11.11 -1.61
CA SER A 60 7.29 -12.48 -1.20
C SER A 60 8.30 -13.12 -2.14
N GLY A 61 9.58 -12.96 -1.80
CA GLY A 61 10.64 -13.54 -2.60
C GLY A 61 11.45 -12.50 -3.36
N ASN A 62 10.77 -11.48 -3.85
CA ASN A 62 11.42 -10.46 -4.66
C ASN A 62 11.97 -9.32 -3.79
N THR A 63 13.27 -9.38 -3.50
CA THR A 63 13.91 -8.35 -2.70
C THR A 63 14.15 -7.09 -3.52
N GLY A 64 13.08 -6.36 -3.80
CA GLY A 64 13.17 -5.13 -4.54
C GLY A 64 11.87 -4.37 -4.51
N SER A 65 10.79 -5.06 -4.85
CA SER A 65 9.46 -4.49 -4.79
C SER A 65 8.94 -4.49 -3.35
N ALA A 66 9.41 -3.57 -2.55
CA ALA A 66 8.91 -3.41 -1.20
C ALA A 66 7.57 -2.71 -1.23
N CYS A 67 6.65 -3.12 -0.37
CA CYS A 67 5.30 -2.59 -0.42
C CYS A 67 4.91 -1.95 0.91
N ALA A 68 4.07 -0.94 0.83
CA ALA A 68 3.58 -0.28 2.02
C ALA A 68 2.13 -0.63 2.25
N LYS A 69 1.80 -0.85 3.50
CA LYS A 69 0.44 -1.20 3.89
C LYS A 69 -0.30 0.06 4.29
N ALA A 70 -1.61 -0.03 4.43
CA ALA A 70 -2.40 1.11 4.88
C ALA A 70 -1.95 1.54 6.26
N SER A 71 -1.46 0.57 7.05
CA SER A 71 -0.93 0.83 8.37
C SER A 71 0.34 1.70 8.29
N LEU A 72 1.04 1.62 7.17
CA LEU A 72 2.24 2.42 6.97
C LEU A 72 1.91 3.75 6.30
N ILE A 73 0.81 3.78 5.57
CA ILE A 73 0.31 5.03 5.02
C ILE A 73 -0.28 5.88 6.14
N ASP A 74 -0.78 5.20 7.16
CA ASP A 74 -1.24 5.83 8.39
C ASP A 74 -0.06 6.15 9.30
N GLN A 75 1.10 5.59 8.96
CA GLN A 75 2.31 5.77 9.75
C GLN A 75 3.15 6.92 9.21
N LEU A 76 3.33 6.97 7.89
CA LEU A 76 4.21 7.95 7.30
C LEU A 76 3.46 8.86 6.32
N GLY A 77 2.57 8.28 5.51
CA GLY A 77 1.86 9.06 4.53
C GLY A 77 2.59 9.14 3.21
N LEU A 78 3.00 7.98 2.71
CA LEU A 78 3.80 7.89 1.51
C LEU A 78 2.93 7.99 0.24
N LEU A 79 3.58 8.24 -0.89
CA LEU A 79 2.87 8.40 -2.16
C LEU A 79 3.38 7.40 -3.20
N ALA A 80 4.35 6.60 -2.80
CA ALA A 80 5.03 5.67 -3.72
C ALA A 80 4.06 4.72 -4.43
N LEU A 81 3.02 4.30 -3.72
CA LEU A 81 2.08 3.34 -4.26
C LEU A 81 0.69 3.95 -4.39
N VAL A 82 0.62 5.27 -4.54
CA VAL A 82 -0.65 5.95 -4.71
C VAL A 82 -0.70 6.67 -6.05
N ASP A 83 -1.84 6.57 -6.74
CA ASP A 83 -1.98 7.14 -8.07
C ASP A 83 -3.16 8.11 -8.16
N HIS A 84 -3.30 8.72 -9.33
CA HIS A 84 -4.30 9.75 -9.57
C HIS A 84 -5.72 9.26 -9.26
N THR A 85 -6.45 10.08 -8.55
CA THR A 85 -7.81 9.75 -8.18
C THR A 85 -8.58 11.02 -7.83
N GLU A 86 -9.90 11.00 -8.06
CA GLU A 86 -10.75 12.14 -7.75
C GLU A 86 -11.64 11.82 -6.54
N GLU A 87 -11.79 10.53 -6.26
CA GLU A 87 -12.61 10.09 -5.14
C GLU A 87 -11.78 9.98 -3.88
N GLY A 88 -10.62 9.36 -4.01
CA GLY A 88 -9.76 9.14 -2.86
C GLY A 88 -8.57 8.29 -3.23
N PRO A 89 -7.43 8.49 -2.56
CA PRO A 89 -6.14 7.83 -2.91
C PRO A 89 -6.29 6.34 -3.17
N VAL A 90 -5.80 5.88 -4.32
CA VAL A 90 -5.94 4.48 -4.71
C VAL A 90 -4.59 3.87 -5.09
N CYS A 91 -4.62 2.59 -5.46
CA CYS A 91 -3.40 1.86 -5.79
C CYS A 91 -2.77 2.40 -7.07
N LYS A 92 -1.46 2.58 -7.05
CA LYS A 92 -0.73 3.08 -8.19
C LYS A 92 -0.34 1.96 -9.14
N ASN A 93 -0.17 0.76 -8.62
CA ASN A 93 0.42 -0.31 -9.40
C ASN A 93 -0.12 -1.69 -9.02
N ILE A 94 0.57 -2.35 -8.11
CA ILE A 94 0.34 -3.75 -7.83
C ILE A 94 -0.49 -3.93 -6.56
N VAL A 95 -1.67 -4.50 -6.71
CA VAL A 95 -2.54 -4.80 -5.56
C VAL A 95 -1.98 -5.98 -4.79
N ALA A 96 -1.79 -5.80 -3.49
CA ALA A 96 -1.19 -6.83 -2.65
C ALA A 96 -1.61 -6.67 -1.19
N CYS A 97 -1.19 -7.59 -0.35
CA CYS A 97 -1.47 -7.52 1.08
C CYS A 97 -0.19 -7.66 1.87
N CYS A 98 0.05 -6.72 2.78
CA CYS A 98 1.30 -6.65 3.54
C CYS A 98 1.04 -6.74 5.04
N PRO A 99 1.86 -7.51 5.74
CA PRO A 99 1.85 -7.55 7.20
C PRO A 99 2.74 -6.44 7.78
N GLU A 100 2.44 -6.03 9.00
CA GLU A 100 3.30 -5.09 9.71
C GLU A 100 4.16 -5.87 10.71
N GLY A 101 5.30 -5.31 11.08
CA GLY A 101 6.18 -5.98 11.99
C GLY A 101 7.29 -6.72 11.28
N THR A 102 6.94 -7.80 10.61
CA THR A 102 7.92 -8.64 9.93
C THR A 102 7.31 -9.34 8.71
N THR A 103 8.17 -9.99 7.93
CA THR A 103 7.77 -10.86 6.81
C THR A 103 7.29 -10.07 5.59
N ASN A 104 7.14 -10.80 4.47
CA ASN A 104 6.90 -10.21 3.17
C ASN A 104 5.42 -10.17 2.82
N CYS A 105 5.11 -9.62 1.66
CA CYS A 105 3.73 -9.45 1.21
C CYS A 105 3.41 -10.32 0.00
N VAL A 106 2.20 -10.85 -0.02
CA VAL A 106 1.71 -11.62 -1.16
C VAL A 106 1.02 -10.68 -2.15
N ALA A 107 1.08 -11.00 -3.43
CA ALA A 107 0.49 -10.14 -4.45
C ALA A 107 -0.79 -10.74 -5.02
N VAL A 108 -1.77 -9.89 -5.27
CA VAL A 108 -3.05 -10.36 -5.81
C VAL A 108 -3.46 -9.54 -7.03
N ASP A 109 -2.49 -8.88 -7.65
CA ASP A 109 -2.75 -8.11 -8.87
C ASP A 109 -3.01 -9.07 -10.03
N ASN A 110 -2.07 -9.99 -10.23
CA ASN A 110 -2.17 -11.01 -11.30
C ASN A 110 -2.15 -10.36 -12.68
N ALA A 111 -3.28 -9.84 -13.09
CA ALA A 111 -3.43 -9.22 -14.40
C ALA A 111 -4.73 -8.43 -14.47
N GLY A 112 -4.92 -7.53 -13.52
CA GLY A 112 -6.13 -6.75 -13.47
C GLY A 112 -6.10 -5.67 -12.43
N ALA A 113 -5.52 -4.52 -12.78
CA ALA A 113 -5.45 -3.39 -11.88
C ALA A 113 -5.53 -2.08 -12.67
N GLY A 114 -6.74 -1.58 -12.87
CA GLY A 114 -6.92 -0.34 -13.60
C GLY A 114 -6.57 0.87 -12.77
N THR A 115 -7.39 1.15 -11.76
CA THR A 115 -7.14 2.26 -10.86
C THR A 115 -8.04 2.16 -9.62
N LYS A 116 -9.31 1.85 -9.85
CA LYS A 116 -10.31 1.79 -8.78
C LYS A 116 -11.66 1.36 -9.35
N ALA A 117 -11.92 1.76 -10.59
CA ALA A 117 -13.14 1.37 -11.26
C ALA A 117 -12.91 0.13 -12.10
N GLU A 118 -13.00 -1.03 -11.46
CA GLU A 118 -12.69 -2.28 -12.12
C GLU A 118 -13.98 -3.00 -12.52
N SER A 1 -12.40 25.89 10.28
CA SER A 1 -12.17 25.82 11.73
C SER A 1 -12.24 24.37 12.23
N LEU A 2 -11.45 24.06 13.24
CA LEU A 2 -11.39 22.70 13.80
C LEU A 2 -12.77 22.25 14.29
N PRO A 3 -13.24 21.08 13.83
CA PRO A 3 -14.52 20.51 14.26
C PRO A 3 -14.52 20.10 15.73
N ALA A 4 -13.33 20.09 16.33
CA ALA A 4 -13.14 19.78 17.75
C ALA A 4 -13.76 18.44 18.14
N SER A 5 -13.64 17.47 17.25
CA SER A 5 -14.14 16.13 17.50
C SER A 5 -13.26 15.09 16.81
N ALA A 6 -13.60 14.75 15.58
CA ALA A 6 -12.83 13.78 14.81
C ALA A 6 -12.67 14.26 13.38
N ALA A 7 -11.45 14.63 13.01
CA ALA A 7 -11.17 15.11 11.66
C ALA A 7 -10.37 14.08 10.88
N LYS A 8 -10.00 13.00 11.54
CA LYS A 8 -9.18 11.96 10.91
C LYS A 8 -9.38 10.62 11.58
N ASN A 9 -10.02 9.72 10.86
CA ASN A 9 -10.12 8.34 11.28
C ASN A 9 -9.23 7.49 10.40
N ALA A 10 -9.08 6.24 10.78
CA ALA A 10 -8.25 5.29 10.05
C ALA A 10 -8.90 4.89 8.72
N LYS A 11 -8.94 5.83 7.79
CA LYS A 11 -9.45 5.60 6.45
C LYS A 11 -8.54 6.29 5.44
N LEU A 12 -8.51 5.79 4.21
CA LEU A 12 -7.68 6.39 3.16
C LEU A 12 -8.32 7.68 2.64
N ALA A 13 -8.49 8.66 3.54
CA ALA A 13 -9.09 9.95 3.21
C ALA A 13 -10.47 9.77 2.59
N THR A 14 -11.22 8.80 3.12
CA THR A 14 -12.52 8.42 2.58
C THR A 14 -12.39 7.98 1.12
N SER A 15 -11.44 7.07 0.87
CA SER A 15 -11.13 6.60 -0.47
C SER A 15 -12.38 6.13 -1.20
N ALA A 16 -13.13 5.22 -0.55
CA ALA A 16 -14.36 4.64 -1.11
C ALA A 16 -14.06 3.74 -2.31
N ALA A 17 -13.42 4.30 -3.31
CA ALA A 17 -13.07 3.57 -4.53
C ALA A 17 -12.07 2.46 -4.24
N PHE A 18 -11.16 2.74 -3.31
CA PHE A 18 -10.15 1.77 -2.91
C PHE A 18 -10.80 0.60 -2.15
N ALA A 19 -11.95 0.88 -1.55
CA ALA A 19 -12.65 -0.14 -0.77
C ALA A 19 -13.31 -1.17 -1.67
N LYS A 20 -13.60 -0.78 -2.91
CA LYS A 20 -14.17 -1.71 -3.88
C LYS A 20 -13.12 -2.76 -4.21
N GLN A 21 -11.88 -2.34 -4.14
CA GLN A 21 -10.73 -3.19 -4.36
C GLN A 21 -10.51 -4.12 -3.17
N ALA A 22 -10.93 -3.65 -1.99
CA ALA A 22 -10.71 -4.38 -0.74
C ALA A 22 -11.59 -5.62 -0.66
N GLU A 23 -12.64 -5.68 -1.47
CA GLU A 23 -13.47 -6.86 -1.55
C GLU A 23 -13.36 -7.52 -2.92
N GLY A 24 -12.69 -6.81 -3.84
CA GLY A 24 -12.44 -7.38 -5.15
C GLY A 24 -11.22 -8.27 -5.12
N THR A 25 -10.34 -8.00 -4.17
CA THR A 25 -9.14 -8.80 -3.98
C THR A 25 -9.04 -9.22 -2.52
N THR A 26 -8.72 -10.48 -2.29
CA THR A 26 -8.66 -11.02 -0.94
C THR A 26 -7.41 -10.53 -0.20
N CYS A 27 -7.57 -9.48 0.59
CA CYS A 27 -6.52 -8.95 1.44
C CYS A 27 -7.13 -8.43 2.72
N ASN A 28 -6.52 -8.73 3.85
CA ASN A 28 -7.06 -8.33 5.15
C ASN A 28 -6.94 -6.82 5.32
N VAL A 29 -7.93 -6.22 5.98
CA VAL A 29 -7.95 -4.77 6.17
C VAL A 29 -6.76 -4.31 7.01
N GLY A 30 -6.37 -5.11 7.99
CA GLY A 30 -5.26 -4.75 8.85
C GLY A 30 -3.92 -5.06 8.21
N SER A 31 -3.96 -5.73 7.07
CA SER A 31 -2.76 -6.10 6.34
C SER A 31 -2.94 -5.79 4.86
N ILE A 32 -3.58 -4.67 4.55
CA ILE A 32 -3.81 -4.28 3.18
C ILE A 32 -2.76 -3.24 2.76
N ALA A 33 -2.19 -3.43 1.58
CA ALA A 33 -1.07 -2.61 1.16
C ALA A 33 -1.08 -2.41 -0.34
N CYS A 34 -0.19 -1.53 -0.80
CA CYS A 34 0.05 -1.34 -2.21
C CYS A 34 1.51 -1.64 -2.50
N CYS A 35 1.77 -2.18 -3.68
CA CYS A 35 3.11 -2.58 -4.06
C CYS A 35 3.47 -1.99 -5.42
N ASN A 36 4.76 -1.86 -5.70
CA ASN A 36 5.21 -1.27 -6.95
C ASN A 36 6.56 -1.84 -7.36
N SER A 37 6.90 -1.70 -8.62
CA SER A 37 8.19 -2.12 -9.14
C SER A 37 9.34 -1.51 -8.33
N PRO A 38 10.46 -2.25 -8.19
CA PRO A 38 11.59 -1.83 -7.37
C PRO A 38 12.12 -0.43 -7.75
N ALA A 39 12.13 -0.13 -9.04
CA ALA A 39 12.70 1.12 -9.51
C ALA A 39 11.83 2.32 -9.12
N GLU A 40 10.60 2.03 -8.71
CA GLU A 40 9.66 3.07 -8.30
C GLU A 40 9.58 3.13 -6.79
N THR A 41 9.37 1.96 -6.19
CA THR A 41 9.31 1.83 -4.74
C THR A 41 10.61 2.29 -4.09
N ASN A 42 11.71 1.99 -4.77
CA ASN A 42 13.03 2.29 -4.27
C ASN A 42 13.63 3.49 -4.98
N ASN A 43 12.77 4.25 -5.65
CA ASN A 43 13.21 5.44 -6.40
C ASN A 43 13.97 6.40 -5.50
N ASP A 44 13.64 6.37 -4.21
CA ASP A 44 14.38 7.11 -3.21
C ASP A 44 15.04 6.15 -2.24
N SER A 45 16.31 6.37 -1.95
CA SER A 45 17.08 5.47 -1.10
C SER A 45 16.59 5.49 0.35
N LEU A 46 15.88 6.56 0.73
CA LEU A 46 15.31 6.64 2.07
C LEU A 46 13.89 6.07 2.07
N LEU A 47 13.27 6.10 0.91
CA LEU A 47 11.90 5.67 0.75
C LEU A 47 11.73 4.19 1.09
N SER A 48 12.74 3.39 0.73
CA SER A 48 12.69 1.94 0.94
C SER A 48 12.65 1.59 2.43
N GLY A 49 13.08 2.51 3.27
CA GLY A 49 13.03 2.27 4.70
C GLY A 49 11.80 2.86 5.34
N LEU A 50 11.06 3.64 4.57
CA LEU A 50 9.87 4.31 5.06
C LEU A 50 8.65 3.41 4.95
N LEU A 51 8.69 2.47 4.01
CA LEU A 51 7.54 1.60 3.75
C LEU A 51 7.45 0.46 4.76
N GLY A 52 8.50 0.29 5.55
CA GLY A 52 8.51 -0.77 6.53
C GLY A 52 8.87 -0.25 7.90
N ALA A 53 7.85 0.11 8.67
CA ALA A 53 8.04 0.66 10.01
C ALA A 53 8.36 -0.45 11.00
N GLY A 54 9.59 -0.95 10.92
CA GLY A 54 10.04 -2.00 11.83
C GLY A 54 11.23 -2.75 11.28
N LEU A 55 11.00 -3.54 10.23
CA LEU A 55 12.06 -4.30 9.59
C LEU A 55 11.94 -4.20 8.07
N LEU A 56 10.70 -4.28 7.59
CA LEU A 56 10.37 -4.17 6.16
C LEU A 56 10.84 -5.39 5.37
N ASN A 57 9.95 -5.86 4.52
CA ASN A 57 10.23 -6.89 3.55
C ASN A 57 9.49 -6.55 2.28
N GLY A 58 9.61 -7.39 1.28
CA GLY A 58 8.95 -7.13 0.02
C GLY A 58 7.90 -8.17 -0.28
N LEU A 59 7.74 -8.49 -1.55
CA LEU A 59 6.87 -9.58 -1.96
C LEU A 59 7.41 -10.90 -1.44
N SER A 60 6.54 -11.88 -1.28
CA SER A 60 6.93 -13.19 -0.79
C SER A 60 8.12 -13.77 -1.58
N GLY A 61 9.31 -13.68 -0.99
CA GLY A 61 10.51 -14.19 -1.63
C GLY A 61 10.98 -13.30 -2.77
N ASN A 62 10.53 -12.07 -2.77
CA ASN A 62 10.84 -11.13 -3.84
C ASN A 62 11.50 -9.87 -3.29
N THR A 63 12.82 -9.85 -3.28
CA THR A 63 13.56 -8.69 -2.80
C THR A 63 13.62 -7.60 -3.86
N GLY A 64 12.75 -6.61 -3.71
CA GLY A 64 12.73 -5.48 -4.63
C GLY A 64 11.38 -4.82 -4.65
N SER A 65 10.35 -5.61 -4.93
CA SER A 65 8.99 -5.14 -4.91
C SER A 65 8.46 -5.15 -3.48
N ALA A 66 8.75 -4.07 -2.75
CA ALA A 66 8.26 -3.93 -1.39
C ALA A 66 6.92 -3.22 -1.39
N CYS A 67 6.09 -3.51 -0.41
CA CYS A 67 4.73 -2.95 -0.38
C CYS A 67 4.47 -2.20 0.92
N ALA A 68 3.85 -1.04 0.80
CA ALA A 68 3.51 -0.22 1.96
C ALA A 68 2.02 -0.30 2.22
N LYS A 69 1.65 -0.38 3.49
CA LYS A 69 0.27 -0.60 3.89
C LYS A 69 -0.41 0.73 4.20
N ALA A 70 -1.73 0.68 4.34
CA ALA A 70 -2.51 1.89 4.64
C ALA A 70 -2.10 2.48 5.99
N SER A 71 -1.71 1.61 6.92
CA SER A 71 -1.24 2.04 8.22
C SER A 71 0.09 2.79 8.08
N LEU A 72 0.85 2.41 7.07
CA LEU A 72 2.14 3.03 6.81
C LEU A 72 1.97 4.35 6.07
N ILE A 73 0.82 4.50 5.42
CA ILE A 73 0.53 5.72 4.67
C ILE A 73 0.39 6.90 5.63
N ASP A 74 -0.27 6.68 6.76
CA ASP A 74 -0.43 7.74 7.76
C ASP A 74 0.72 7.73 8.76
N GLN A 75 1.64 6.79 8.57
CA GLN A 75 2.80 6.68 9.43
C GLN A 75 3.98 7.43 8.83
N LEU A 76 4.29 7.11 7.58
CA LEU A 76 5.45 7.71 6.91
C LEU A 76 5.02 8.51 5.67
N GLY A 77 4.15 7.92 4.85
CA GLY A 77 3.66 8.65 3.70
C GLY A 77 4.33 8.25 2.39
N LEU A 78 4.32 6.96 2.11
CA LEU A 78 4.96 6.42 0.89
C LEU A 78 4.26 6.92 -0.37
N LEU A 79 4.74 8.03 -0.91
CA LEU A 79 4.14 8.62 -2.10
C LEU A 79 4.46 7.82 -3.36
N ALA A 80 5.40 6.88 -3.25
CA ALA A 80 5.77 6.02 -4.37
C ALA A 80 4.83 4.84 -4.49
N LEU A 81 4.07 4.59 -3.42
CA LEU A 81 3.19 3.44 -3.37
C LEU A 81 1.73 3.85 -3.48
N VAL A 82 1.46 5.13 -3.26
CA VAL A 82 0.09 5.62 -3.29
C VAL A 82 -0.11 6.59 -4.45
N ASP A 83 -1.23 6.46 -5.13
CA ASP A 83 -1.60 7.37 -6.21
C ASP A 83 -2.84 8.16 -5.81
N HIS A 84 -3.29 9.10 -6.63
CA HIS A 84 -4.34 10.00 -6.22
C HIS A 84 -5.42 10.18 -7.27
N THR A 85 -6.65 9.92 -6.86
CA THR A 85 -7.82 10.21 -7.67
C THR A 85 -8.68 11.24 -6.95
N GLU A 86 -9.89 11.46 -7.43
CA GLU A 86 -10.78 12.43 -6.79
C GLU A 86 -11.34 11.87 -5.50
N GLU A 87 -11.46 10.55 -5.44
CA GLU A 87 -12.01 9.87 -4.27
C GLU A 87 -10.99 9.80 -3.13
N GLY A 88 -9.73 10.07 -3.44
CA GLY A 88 -8.71 10.02 -2.43
C GLY A 88 -7.45 9.31 -2.89
N PRO A 89 -6.56 8.95 -1.94
CA PRO A 89 -5.37 8.16 -2.24
C PRO A 89 -5.70 6.71 -2.50
N VAL A 90 -5.25 6.22 -3.64
CA VAL A 90 -5.55 4.86 -4.07
C VAL A 90 -4.27 4.09 -4.36
N CYS A 91 -4.42 2.85 -4.81
CA CYS A 91 -3.27 2.02 -5.14
C CYS A 91 -2.62 2.55 -6.42
N LYS A 92 -1.31 2.74 -6.38
CA LYS A 92 -0.59 3.31 -7.50
C LYS A 92 -0.34 2.27 -8.58
N ASN A 93 -0.24 1.00 -8.20
CA ASN A 93 0.19 -0.03 -9.14
C ASN A 93 -0.33 -1.42 -8.74
N ILE A 94 0.47 -2.13 -7.96
CA ILE A 94 0.21 -3.53 -7.64
C ILE A 94 -0.53 -3.65 -6.31
N VAL A 95 -1.51 -4.54 -6.26
CA VAL A 95 -2.29 -4.75 -5.04
C VAL A 95 -1.82 -6.02 -4.31
N ALA A 96 -1.43 -5.85 -3.06
CA ALA A 96 -0.91 -6.96 -2.27
C ALA A 96 -1.31 -6.82 -0.81
N CYS A 97 -1.31 -7.92 -0.09
CA CYS A 97 -1.62 -7.89 1.33
C CYS A 97 -0.34 -8.08 2.14
N CYS A 98 -0.06 -7.13 3.03
CA CYS A 98 1.21 -7.08 3.73
C CYS A 98 1.02 -6.81 5.20
N PRO A 99 1.69 -7.58 6.06
CA PRO A 99 1.69 -7.35 7.51
C PRO A 99 2.37 -6.03 7.88
N GLU A 100 2.28 -5.65 9.15
CA GLU A 100 2.71 -4.33 9.61
C GLU A 100 4.13 -3.98 9.19
N GLY A 101 5.13 -4.46 9.94
CA GLY A 101 6.49 -4.09 9.66
C GLY A 101 7.43 -5.26 9.52
N THR A 102 6.88 -6.46 9.65
CA THR A 102 7.71 -7.67 9.63
C THR A 102 7.21 -8.68 8.61
N THR A 103 8.14 -9.36 7.95
CA THR A 103 7.84 -10.42 7.00
C THR A 103 7.28 -9.89 5.69
N ASN A 104 7.42 -10.70 4.65
CA ASN A 104 7.04 -10.33 3.28
C ASN A 104 5.53 -10.30 3.11
N CYS A 105 5.11 -9.75 1.97
CA CYS A 105 3.70 -9.64 1.66
C CYS A 105 3.34 -10.52 0.48
N VAL A 106 2.16 -11.12 0.55
CA VAL A 106 1.63 -11.90 -0.56
C VAL A 106 0.94 -10.98 -1.57
N ALA A 107 1.02 -11.34 -2.83
CA ALA A 107 0.40 -10.54 -3.87
C ALA A 107 -0.60 -11.38 -4.67
N VAL A 108 -1.87 -11.01 -4.59
CA VAL A 108 -2.90 -11.71 -5.34
C VAL A 108 -3.01 -11.12 -6.73
N ASP A 109 -2.31 -10.03 -6.91
CA ASP A 109 -2.21 -9.37 -8.21
C ASP A 109 -0.77 -9.39 -8.65
N ASN A 110 -0.55 -9.70 -9.91
CA ASN A 110 0.78 -9.80 -10.45
C ASN A 110 0.95 -8.83 -11.61
N ALA A 111 0.81 -7.54 -11.28
CA ALA A 111 0.94 -6.45 -12.25
C ALA A 111 -0.17 -6.48 -13.28
N GLY A 112 -1.40 -6.63 -12.80
CA GLY A 112 -2.55 -6.62 -13.68
C GLY A 112 -3.73 -5.85 -13.11
N ALA A 113 -3.48 -5.12 -12.02
CA ALA A 113 -4.52 -4.32 -11.40
C ALA A 113 -4.49 -2.88 -11.91
N GLY A 114 -4.99 -1.95 -11.09
CA GLY A 114 -5.05 -0.56 -11.50
C GLY A 114 -5.15 0.37 -10.31
N THR A 115 -5.31 1.65 -10.57
CA THR A 115 -5.40 2.67 -9.53
C THR A 115 -6.57 2.38 -8.59
N LYS A 116 -7.77 2.43 -9.14
CA LYS A 116 -8.98 2.15 -8.37
C LYS A 116 -10.07 1.62 -9.28
N ALA A 117 -10.90 0.74 -8.73
CA ALA A 117 -12.03 0.20 -9.47
C ALA A 117 -13.20 1.18 -9.46
N GLU A 118 -13.72 1.49 -10.64
CA GLU A 118 -14.85 2.39 -10.77
C GLU A 118 -16.14 1.59 -10.71
N SER A 1 5.90 19.74 4.63
CA SER A 1 4.97 19.66 5.77
C SER A 1 5.60 20.27 7.01
N LEU A 2 4.78 20.79 7.92
CA LEU A 2 5.28 21.38 9.14
C LEU A 2 5.09 20.41 10.32
N PRO A 3 6.22 19.96 10.91
CA PRO A 3 6.20 19.01 12.03
C PRO A 3 5.65 19.64 13.31
N ALA A 4 5.16 18.78 14.21
CA ALA A 4 4.58 19.20 15.50
C ALA A 4 3.21 19.84 15.35
N SER A 5 2.89 20.31 14.14
CA SER A 5 1.60 20.90 13.86
C SER A 5 0.59 19.84 13.41
N ALA A 6 0.88 18.58 13.73
CA ALA A 6 0.03 17.45 13.36
C ALA A 6 -0.24 17.43 11.85
N ALA A 7 0.73 16.95 11.09
CA ALA A 7 0.61 16.92 9.65
C ALA A 7 -0.01 15.61 9.17
N LYS A 8 -1.31 15.49 9.39
CA LYS A 8 -2.05 14.32 8.95
C LYS A 8 -2.43 14.47 7.47
N ASN A 9 -1.60 13.93 6.60
CA ASN A 9 -1.79 14.08 5.15
C ASN A 9 -2.75 13.04 4.60
N ALA A 10 -2.77 11.87 5.22
CA ALA A 10 -3.53 10.74 4.70
C ALA A 10 -5.00 10.82 5.06
N LYS A 11 -5.80 10.02 4.38
CA LYS A 11 -7.23 9.95 4.64
C LYS A 11 -7.68 8.51 4.77
N LEU A 12 -7.66 7.78 3.65
CA LEU A 12 -8.04 6.37 3.58
C LEU A 12 -9.56 6.20 3.65
N ALA A 13 -10.21 6.98 4.49
CA ALA A 13 -11.67 6.92 4.63
C ALA A 13 -12.37 7.42 3.37
N THR A 14 -11.78 8.40 2.70
CA THR A 14 -12.34 8.97 1.50
C THR A 14 -12.07 8.10 0.28
N SER A 15 -11.06 7.25 0.38
CA SER A 15 -10.69 6.34 -0.71
C SER A 15 -11.66 5.17 -0.80
N ALA A 16 -12.90 5.47 -1.20
CA ALA A 16 -13.94 4.45 -1.35
C ALA A 16 -13.59 3.48 -2.47
N ALA A 17 -12.71 3.90 -3.36
CA ALA A 17 -12.25 3.06 -4.44
C ALA A 17 -11.16 2.12 -3.96
N PHE A 18 -10.43 2.55 -2.94
CA PHE A 18 -9.33 1.76 -2.41
C PHE A 18 -9.84 0.70 -1.44
N ALA A 19 -10.80 1.08 -0.60
CA ALA A 19 -11.38 0.16 0.38
C ALA A 19 -12.06 -1.04 -0.28
N LYS A 20 -12.40 -0.89 -1.56
CA LYS A 20 -13.02 -1.98 -2.31
C LYS A 20 -12.04 -3.14 -2.50
N GLN A 21 -10.76 -2.84 -2.31
CA GLN A 21 -9.70 -3.85 -2.40
C GLN A 21 -9.88 -4.91 -1.32
N ALA A 22 -10.49 -4.51 -0.20
CA ALA A 22 -10.69 -5.39 0.94
C ALA A 22 -11.75 -6.45 0.64
N GLU A 23 -12.56 -6.19 -0.38
CA GLU A 23 -13.59 -7.12 -0.78
C GLU A 23 -13.12 -7.95 -1.97
N GLY A 24 -12.46 -7.31 -2.91
CA GLY A 24 -11.91 -8.02 -4.05
C GLY A 24 -10.80 -8.97 -3.63
N THR A 25 -10.09 -8.61 -2.58
CA THR A 25 -9.06 -9.44 -2.02
C THR A 25 -9.21 -9.50 -0.50
N THR A 26 -9.34 -10.70 0.03
CA THR A 26 -9.57 -10.88 1.46
C THR A 26 -8.33 -10.56 2.27
N CYS A 27 -8.27 -9.34 2.80
CA CYS A 27 -7.15 -8.89 3.61
C CYS A 27 -7.67 -8.08 4.79
N ASN A 28 -6.77 -7.57 5.62
CA ASN A 28 -7.14 -6.82 6.81
C ASN A 28 -6.52 -5.42 6.75
N VAL A 29 -6.83 -4.59 7.74
CA VAL A 29 -6.34 -3.22 7.79
C VAL A 29 -4.82 -3.15 7.65
N GLY A 30 -4.11 -3.89 8.47
CA GLY A 30 -2.66 -3.92 8.40
C GLY A 30 -2.16 -4.99 7.45
N SER A 31 -3.02 -5.43 6.55
CA SER A 31 -2.65 -6.41 5.55
C SER A 31 -2.94 -5.87 4.14
N ILE A 32 -3.67 -4.78 4.06
CA ILE A 32 -3.92 -4.13 2.78
C ILE A 32 -2.72 -3.25 2.44
N ALA A 33 -2.18 -3.45 1.25
CA ALA A 33 -0.97 -2.76 0.86
C ALA A 33 -0.94 -2.50 -0.64
N CYS A 34 -0.21 -1.47 -1.02
CA CYS A 34 -0.03 -1.13 -2.42
C CYS A 34 1.46 -1.12 -2.75
N CYS A 35 1.80 -1.57 -3.94
CA CYS A 35 3.19 -1.63 -4.36
C CYS A 35 3.38 -0.93 -5.69
N ASN A 36 4.64 -0.64 -5.99
CA ASN A 36 5.01 -0.05 -7.26
C ASN A 36 6.25 -0.75 -7.79
N SER A 37 6.49 -0.61 -9.09
CA SER A 37 7.66 -1.18 -9.72
C SER A 37 8.92 -0.89 -8.88
N PRO A 38 9.79 -1.89 -8.71
CA PRO A 38 10.99 -1.79 -7.86
C PRO A 38 11.80 -0.51 -8.09
N ALA A 39 11.89 -0.09 -9.35
CA ALA A 39 12.67 1.08 -9.72
C ALA A 39 12.02 2.38 -9.25
N GLU A 40 10.79 2.29 -8.74
CA GLU A 40 10.07 3.46 -8.24
C GLU A 40 9.97 3.38 -6.72
N THR A 41 9.70 2.19 -6.22
CA THR A 41 9.66 1.94 -4.78
C THR A 41 11.06 2.12 -4.17
N ASN A 42 12.07 1.71 -4.90
CA ASN A 42 13.45 1.79 -4.45
C ASN A 42 14.15 2.99 -5.08
N ASN A 43 13.35 3.90 -5.63
CA ASN A 43 13.87 5.07 -6.33
C ASN A 43 14.61 5.98 -5.37
N ASP A 44 14.14 6.00 -4.13
CA ASP A 44 14.77 6.81 -3.09
C ASP A 44 15.57 5.92 -2.13
N SER A 45 16.66 6.46 -1.63
CA SER A 45 17.52 5.73 -0.71
C SER A 45 16.84 5.52 0.64
N LEU A 46 16.09 6.53 1.08
CA LEU A 46 15.41 6.48 2.37
C LEU A 46 14.05 5.79 2.26
N LEU A 47 13.52 5.76 1.04
CA LEU A 47 12.23 5.12 0.77
C LEU A 47 12.21 3.68 1.27
N SER A 48 13.26 2.94 0.93
CA SER A 48 13.37 1.54 1.31
C SER A 48 13.48 1.38 2.83
N GLY A 49 13.85 2.46 3.53
CA GLY A 49 13.93 2.43 4.97
C GLY A 49 12.64 2.92 5.61
N LEU A 50 11.94 3.81 4.91
CA LEU A 50 10.66 4.30 5.37
C LEU A 50 9.59 3.24 5.19
N LEU A 51 9.83 2.33 4.25
CA LEU A 51 8.96 1.17 4.06
C LEU A 51 8.85 0.40 5.37
N GLY A 52 10.00 0.08 5.95
CA GLY A 52 10.01 -0.62 7.21
C GLY A 52 9.93 0.33 8.39
N ALA A 53 8.74 0.89 8.62
CA ALA A 53 8.54 1.80 9.73
C ALA A 53 7.87 1.06 10.87
N GLY A 54 8.20 -0.21 10.97
CA GLY A 54 7.57 -1.09 11.93
C GLY A 54 7.77 -2.54 11.53
N LEU A 55 6.69 -3.19 11.13
CA LEU A 55 6.78 -4.57 10.67
C LEU A 55 6.34 -4.66 9.21
N LEU A 56 7.18 -4.16 8.32
CA LEU A 56 6.92 -4.19 6.90
C LEU A 56 8.05 -4.90 6.17
N ASN A 57 7.70 -5.79 5.27
CA ASN A 57 8.69 -6.52 4.49
C ASN A 57 8.37 -6.43 3.01
N GLY A 58 9.17 -7.09 2.19
CA GLY A 58 9.04 -6.95 0.76
C GLY A 58 8.18 -8.02 0.12
N LEU A 59 8.29 -8.17 -1.18
CA LEU A 59 7.52 -9.16 -1.93
C LEU A 59 7.91 -10.57 -1.50
N SER A 60 7.02 -11.52 -1.76
CA SER A 60 7.22 -12.91 -1.36
C SER A 60 8.44 -13.52 -2.03
N GLY A 61 9.59 -13.36 -1.39
CA GLY A 61 10.83 -13.95 -1.88
C GLY A 61 11.55 -13.05 -2.86
N ASN A 62 11.05 -11.84 -3.08
CA ASN A 62 11.63 -10.94 -4.06
C ASN A 62 12.15 -9.67 -3.41
N THR A 63 13.36 -9.27 -3.79
CA THR A 63 13.96 -8.05 -3.28
C THR A 63 13.82 -6.92 -4.30
N GLY A 64 13.27 -5.80 -3.87
CA GLY A 64 13.09 -4.67 -4.76
C GLY A 64 11.66 -4.19 -4.78
N SER A 65 10.73 -5.12 -4.95
CA SER A 65 9.32 -4.80 -4.90
C SER A 65 8.84 -4.77 -3.45
N ALA A 66 8.42 -3.60 -3.00
CA ALA A 66 7.92 -3.45 -1.64
C ALA A 66 6.56 -2.77 -1.65
N CYS A 67 5.72 -3.15 -0.70
CA CYS A 67 4.39 -2.58 -0.59
C CYS A 67 4.19 -1.90 0.76
N ALA A 68 3.60 -0.72 0.75
CA ALA A 68 3.30 -0.02 1.99
C ALA A 68 1.81 -0.08 2.26
N LYS A 69 1.46 -0.01 3.54
CA LYS A 69 0.07 -0.13 3.95
C LYS A 69 -0.43 1.19 4.50
N ALA A 70 -1.68 1.20 4.96
CA ALA A 70 -2.29 2.40 5.50
C ALA A 70 -1.54 2.89 6.73
N SER A 71 -0.84 1.97 7.40
CA SER A 71 -0.06 2.29 8.57
C SER A 71 1.11 3.19 8.19
N LEU A 72 1.60 3.01 6.97
CA LEU A 72 2.72 3.80 6.47
C LEU A 72 2.21 5.04 5.77
N ILE A 73 1.07 4.92 5.12
CA ILE A 73 0.46 6.02 4.40
C ILE A 73 0.03 7.12 5.36
N ASP A 74 -0.51 6.73 6.52
CA ASP A 74 -0.92 7.70 7.54
C ASP A 74 0.27 8.10 8.41
N GLN A 75 1.43 7.49 8.17
CA GLN A 75 2.63 7.82 8.92
C GLN A 75 3.46 8.86 8.18
N LEU A 76 3.77 8.57 6.93
CA LEU A 76 4.65 9.43 6.14
C LEU A 76 4.00 9.85 4.82
N GLY A 77 3.12 9.00 4.29
CA GLY A 77 2.49 9.31 3.02
C GLY A 77 3.36 8.92 1.84
N LEU A 78 3.85 7.68 1.86
CA LEU A 78 4.76 7.18 0.84
C LEU A 78 4.15 7.25 -0.56
N LEU A 79 4.46 8.30 -1.29
CA LEU A 79 3.90 8.53 -2.62
C LEU A 79 4.61 7.69 -3.68
N ALA A 80 5.51 6.81 -3.23
CA ALA A 80 6.24 5.95 -4.15
C ALA A 80 5.34 4.90 -4.77
N LEU A 81 4.26 4.55 -4.08
CA LEU A 81 3.37 3.50 -4.53
C LEU A 81 1.91 3.94 -4.51
N VAL A 82 1.67 5.18 -4.13
CA VAL A 82 0.32 5.67 -3.99
C VAL A 82 -0.01 6.70 -5.05
N ASP A 83 -1.21 6.61 -5.59
CA ASP A 83 -1.70 7.56 -6.57
C ASP A 83 -3.02 8.16 -6.08
N HIS A 84 -3.58 9.09 -6.83
CA HIS A 84 -4.75 9.82 -6.37
C HIS A 84 -5.81 9.98 -7.46
N THR A 85 -7.06 9.78 -7.07
CA THR A 85 -8.19 10.01 -7.96
C THR A 85 -9.28 10.77 -7.23
N GLU A 86 -10.45 10.88 -7.84
CA GLU A 86 -11.58 11.53 -7.21
C GLU A 86 -11.97 10.81 -5.92
N GLU A 87 -11.97 9.49 -6.00
CA GLU A 87 -12.32 8.63 -4.87
C GLU A 87 -11.14 8.46 -3.91
N GLY A 88 -10.44 9.54 -3.64
CA GLY A 88 -9.40 9.54 -2.64
C GLY A 88 -8.08 8.98 -3.14
N PRO A 89 -7.12 8.76 -2.22
CA PRO A 89 -5.85 8.12 -2.55
C PRO A 89 -6.02 6.64 -2.85
N VAL A 90 -5.40 6.18 -3.91
CA VAL A 90 -5.57 4.81 -4.38
C VAL A 90 -4.22 4.17 -4.67
N CYS A 91 -4.23 3.20 -5.56
CA CYS A 91 -3.01 2.47 -5.90
C CYS A 91 -2.36 3.09 -7.13
N LYS A 92 -1.05 2.93 -7.23
CA LYS A 92 -0.32 3.48 -8.37
C LYS A 92 -0.18 2.47 -9.48
N ASN A 93 -0.04 1.19 -9.11
CA ASN A 93 0.27 0.16 -10.09
C ASN A 93 -0.10 -1.24 -9.59
N ILE A 94 0.54 -1.66 -8.50
CA ILE A 94 0.42 -3.05 -8.05
C ILE A 94 -0.34 -3.14 -6.72
N VAL A 95 -1.29 -4.04 -6.66
CA VAL A 95 -2.03 -4.30 -5.43
C VAL A 95 -1.55 -5.62 -4.82
N ALA A 96 -1.41 -5.66 -3.49
CA ALA A 96 -0.90 -6.84 -2.82
C ALA A 96 -1.46 -6.97 -1.42
N CYS A 97 -1.26 -8.15 -0.84
CA CYS A 97 -1.66 -8.40 0.54
C CYS A 97 -0.43 -8.58 1.40
N CYS A 98 -0.23 -7.65 2.32
CA CYS A 98 0.95 -7.63 3.15
C CYS A 98 0.60 -7.38 4.60
N PRO A 99 0.70 -8.42 5.44
CA PRO A 99 0.51 -8.29 6.90
C PRO A 99 1.63 -7.47 7.55
N GLU A 100 1.29 -6.69 8.58
CA GLU A 100 2.32 -6.02 9.38
C GLU A 100 2.97 -7.01 10.34
N GLY A 101 3.76 -7.90 9.77
CA GLY A 101 4.41 -8.93 10.54
C GLY A 101 4.53 -10.21 9.77
N THR A 102 5.29 -10.17 8.68
CA THR A 102 5.42 -11.32 7.80
C THR A 102 6.79 -11.35 7.14
N THR A 103 7.19 -12.54 6.73
CA THR A 103 8.46 -12.75 6.03
C THR A 103 8.43 -12.09 4.69
N ASN A 104 7.29 -12.17 4.06
CA ASN A 104 7.09 -11.52 2.78
C ASN A 104 5.62 -11.24 2.55
N CYS A 105 5.34 -10.31 1.66
CA CYS A 105 3.97 -9.98 1.30
C CYS A 105 3.73 -10.42 -0.14
N VAL A 106 2.55 -10.97 -0.40
CA VAL A 106 2.26 -11.53 -1.71
C VAL A 106 1.50 -10.53 -2.58
N ALA A 107 1.90 -10.43 -3.84
CA ALA A 107 1.22 -9.57 -4.79
C ALA A 107 0.12 -10.36 -5.50
N VAL A 108 -1.08 -9.79 -5.54
CA VAL A 108 -2.20 -10.46 -6.17
C VAL A 108 -2.37 -10.01 -7.61
N ASP A 109 -1.58 -9.03 -7.97
CA ASP A 109 -1.57 -8.52 -9.34
C ASP A 109 -0.87 -9.53 -10.22
N ASN A 110 -1.52 -9.89 -11.33
CA ASN A 110 -0.96 -10.89 -12.23
C ASN A 110 -1.03 -10.39 -13.67
N ALA A 111 -1.19 -9.09 -13.85
CA ALA A 111 -1.35 -8.53 -15.18
C ALA A 111 -0.69 -7.16 -15.34
N GLY A 112 -0.59 -6.44 -14.24
CA GLY A 112 -0.06 -5.09 -14.29
C GLY A 112 -1.18 -4.07 -14.31
N ALA A 113 -2.15 -4.26 -13.42
CA ALA A 113 -3.32 -3.40 -13.36
C ALA A 113 -3.76 -3.21 -11.92
N GLY A 114 -3.76 -1.97 -11.47
CA GLY A 114 -4.19 -1.67 -10.12
C GLY A 114 -4.16 -0.19 -9.81
N THR A 115 -5.04 0.55 -10.48
CA THR A 115 -5.20 1.97 -10.19
C THR A 115 -6.06 2.14 -8.94
N LYS A 116 -7.29 1.64 -9.01
CA LYS A 116 -8.18 1.62 -7.87
C LYS A 116 -8.71 0.20 -7.70
N ALA A 117 -10.02 0.05 -7.76
CA ALA A 117 -10.64 -1.26 -7.79
C ALA A 117 -11.46 -1.39 -9.06
N GLU A 118 -11.35 -2.53 -9.73
CA GLU A 118 -12.12 -2.79 -10.92
C GLU A 118 -13.54 -3.19 -10.55
N SER A 1 -2.81 11.66 10.82
CA SER A 1 -4.03 11.79 11.64
C SER A 1 -3.71 12.48 12.96
N LEU A 2 -4.68 12.48 13.87
CA LEU A 2 -4.50 13.08 15.20
C LEU A 2 -3.31 12.44 15.92
N PRO A 3 -2.47 13.27 16.56
CA PRO A 3 -1.29 12.80 17.29
C PRO A 3 -1.63 11.84 18.44
N ALA A 4 -1.48 10.55 18.18
CA ALA A 4 -1.71 9.52 19.16
C ALA A 4 -1.04 8.22 18.72
N SER A 5 -0.76 7.34 19.65
CA SER A 5 -0.13 6.06 19.33
C SER A 5 -1.18 5.08 18.77
N ALA A 6 -2.42 5.53 18.71
CA ALA A 6 -3.51 4.70 18.26
C ALA A 6 -3.88 5.01 16.81
N ALA A 7 -2.87 5.23 15.99
CA ALA A 7 -3.09 5.51 14.57
C ALA A 7 -3.16 4.20 13.77
N LYS A 8 -4.12 3.35 14.14
CA LYS A 8 -4.26 2.05 13.49
C LYS A 8 -5.70 1.82 13.03
N ASN A 9 -6.55 2.84 13.20
CA ASN A 9 -7.95 2.74 12.82
C ASN A 9 -8.34 3.90 11.91
N ALA A 10 -7.35 4.47 11.24
CA ALA A 10 -7.57 5.61 10.37
C ALA A 10 -7.90 5.14 8.95
N LYS A 11 -8.80 5.84 8.29
CA LYS A 11 -9.19 5.49 6.94
C LYS A 11 -8.39 6.29 5.93
N LEU A 12 -8.27 5.78 4.71
CA LEU A 12 -7.50 6.44 3.66
C LEU A 12 -8.29 7.59 3.04
N ALA A 13 -8.63 8.58 3.87
CA ALA A 13 -9.32 9.81 3.44
C ALA A 13 -10.35 9.56 2.33
N THR A 14 -11.48 8.98 2.71
CA THR A 14 -12.53 8.63 1.74
C THR A 14 -12.03 7.62 0.71
N SER A 15 -11.67 6.45 1.21
CA SER A 15 -11.12 5.39 0.38
C SER A 15 -12.22 4.56 -0.26
N ALA A 16 -13.19 5.22 -0.89
CA ALA A 16 -14.29 4.52 -1.52
C ALA A 16 -13.77 3.75 -2.73
N ALA A 17 -13.03 4.45 -3.58
CA ALA A 17 -12.39 3.84 -4.74
C ALA A 17 -11.42 2.74 -4.33
N PHE A 18 -10.78 2.93 -3.17
CA PHE A 18 -9.84 1.93 -2.66
C PHE A 18 -10.57 0.68 -2.22
N ALA A 19 -11.64 0.87 -1.46
CA ALA A 19 -12.43 -0.24 -0.95
C ALA A 19 -13.19 -0.96 -2.07
N LYS A 20 -13.44 -0.27 -3.17
CA LYS A 20 -14.10 -0.86 -4.32
C LYS A 20 -13.17 -1.89 -4.94
N GLN A 21 -11.88 -1.68 -4.72
CA GLN A 21 -10.85 -2.56 -5.22
C GLN A 21 -10.50 -3.63 -4.19
N ALA A 22 -10.49 -3.23 -2.92
CA ALA A 22 -10.12 -4.11 -1.82
C ALA A 22 -11.13 -5.23 -1.61
N GLU A 23 -12.33 -5.06 -2.14
CA GLU A 23 -13.37 -6.07 -2.00
C GLU A 23 -13.25 -7.11 -3.10
N GLY A 24 -12.38 -6.85 -4.06
CA GLY A 24 -12.14 -7.80 -5.14
C GLY A 24 -10.82 -8.50 -4.98
N THR A 25 -10.12 -8.19 -3.91
CA THR A 25 -8.84 -8.79 -3.62
C THR A 25 -8.94 -9.63 -2.35
N THR A 26 -8.59 -10.91 -2.43
CA THR A 26 -8.68 -11.78 -1.27
C THR A 26 -7.59 -11.47 -0.26
N CYS A 27 -7.94 -10.63 0.71
CA CYS A 27 -7.04 -10.24 1.79
C CYS A 27 -7.85 -9.90 3.03
N ASN A 28 -7.18 -9.47 4.09
CA ASN A 28 -7.86 -9.04 5.31
C ASN A 28 -7.65 -7.55 5.50
N VAL A 29 -8.61 -6.88 6.14
CA VAL A 29 -8.52 -5.44 6.37
C VAL A 29 -7.25 -5.09 7.15
N GLY A 30 -6.93 -5.91 8.15
CA GLY A 30 -5.75 -5.67 8.96
C GLY A 30 -4.48 -6.15 8.29
N SER A 31 -4.59 -6.53 7.03
CA SER A 31 -3.43 -6.97 6.25
C SER A 31 -3.56 -6.51 4.81
N ILE A 32 -4.19 -5.36 4.60
CA ILE A 32 -4.37 -4.81 3.27
C ILE A 32 -3.26 -3.81 2.97
N ALA A 33 -2.68 -3.90 1.78
CA ALA A 33 -1.56 -3.07 1.44
C ALA A 33 -1.51 -2.75 -0.05
N CYS A 34 -0.63 -1.84 -0.42
CA CYS A 34 -0.36 -1.53 -1.81
C CYS A 34 1.08 -1.85 -2.14
N CYS A 35 1.31 -2.37 -3.34
CA CYS A 35 2.64 -2.74 -3.78
C CYS A 35 2.97 -2.07 -5.11
N ASN A 36 4.25 -1.91 -5.38
CA ASN A 36 4.71 -1.32 -6.62
C ASN A 36 6.14 -1.78 -6.94
N SER A 37 6.52 -1.65 -8.20
CA SER A 37 7.83 -2.09 -8.67
C SER A 37 8.97 -1.38 -7.93
N PRO A 38 10.11 -2.07 -7.76
CA PRO A 38 11.26 -1.56 -6.99
C PRO A 38 11.91 -0.34 -7.64
N ALA A 39 11.80 -0.22 -8.96
CA ALA A 39 12.47 0.85 -9.70
C ALA A 39 11.87 2.22 -9.35
N GLU A 40 10.74 2.19 -8.66
CA GLU A 40 10.08 3.40 -8.23
C GLU A 40 10.22 3.57 -6.71
N THR A 41 9.87 2.53 -5.97
CA THR A 41 9.88 2.57 -4.52
C THR A 41 11.31 2.65 -3.96
N ASN A 42 12.30 2.25 -4.75
CA ASN A 42 13.68 2.25 -4.30
C ASN A 42 14.48 3.39 -4.91
N ASN A 43 13.81 4.24 -5.69
CA ASN A 43 14.48 5.32 -6.39
C ASN A 43 14.94 6.42 -5.43
N ASP A 44 14.04 6.83 -4.55
CA ASP A 44 14.35 7.85 -3.55
C ASP A 44 15.22 7.25 -2.45
N SER A 45 16.28 7.97 -2.10
CA SER A 45 17.18 7.53 -1.04
C SER A 45 16.45 7.46 0.30
N LEU A 46 15.35 8.21 0.40
CA LEU A 46 14.53 8.19 1.60
C LEU A 46 13.50 7.08 1.50
N LEU A 47 13.04 6.80 0.29
CA LEU A 47 12.00 5.80 0.07
C LEU A 47 12.49 4.40 0.44
N SER A 48 13.77 4.15 0.23
CA SER A 48 14.37 2.86 0.55
C SER A 48 14.35 2.60 2.05
N GLY A 49 14.17 3.67 2.83
CA GLY A 49 13.99 3.53 4.26
C GLY A 49 12.54 3.69 4.65
N LEU A 50 11.81 4.49 3.89
CA LEU A 50 10.39 4.72 4.11
C LEU A 50 9.60 3.43 4.03
N LEU A 51 10.01 2.55 3.12
CA LEU A 51 9.33 1.27 2.93
C LEU A 51 9.63 0.32 4.08
N GLY A 52 10.61 0.68 4.90
CA GLY A 52 10.99 -0.17 6.01
C GLY A 52 10.64 0.44 7.35
N ALA A 53 9.35 0.57 7.62
CA ALA A 53 8.89 1.17 8.86
C ALA A 53 8.97 0.19 10.02
N GLY A 54 10.19 -0.18 10.40
CA GLY A 54 10.40 -1.04 11.55
C GLY A 54 10.41 -2.51 11.19
N LEU A 55 11.57 -2.99 10.73
CA LEU A 55 11.77 -4.41 10.43
C LEU A 55 10.87 -4.89 9.27
N LEU A 56 10.38 -3.94 8.48
CA LEU A 56 9.55 -4.23 7.32
C LEU A 56 10.21 -5.24 6.38
N ASN A 57 9.38 -6.07 5.76
CA ASN A 57 9.85 -7.05 4.78
C ASN A 57 9.32 -6.68 3.41
N GLY A 58 9.64 -7.50 2.42
CA GLY A 58 9.24 -7.21 1.06
C GLY A 58 8.16 -8.14 0.57
N LEU A 59 8.03 -8.27 -0.73
CA LEU A 59 7.05 -9.16 -1.33
C LEU A 59 7.55 -10.60 -1.25
N SER A 60 6.63 -11.51 -0.93
CA SER A 60 6.93 -12.92 -0.73
C SER A 60 7.68 -13.53 -1.91
N GLY A 61 8.96 -13.81 -1.70
CA GLY A 61 9.74 -14.52 -2.70
C GLY A 61 10.39 -13.61 -3.72
N ASN A 62 9.99 -12.35 -3.76
CA ASN A 62 10.54 -11.43 -4.74
C ASN A 62 11.05 -10.17 -4.06
N THR A 63 12.36 -9.97 -4.13
CA THR A 63 13.01 -8.84 -3.51
C THR A 63 12.77 -7.57 -4.33
N GLY A 64 12.96 -6.42 -3.69
CA GLY A 64 12.81 -5.16 -4.37
C GLY A 64 11.43 -4.57 -4.21
N SER A 65 10.41 -5.42 -4.31
CA SER A 65 9.03 -4.98 -4.20
C SER A 65 8.64 -4.84 -2.73
N ALA A 66 8.30 -3.62 -2.33
CA ALA A 66 7.88 -3.35 -0.96
C ALA A 66 6.38 -3.08 -0.92
N CYS A 67 5.73 -3.53 0.14
CA CYS A 67 4.29 -3.35 0.27
C CYS A 67 3.96 -2.47 1.46
N ALA A 68 3.16 -1.44 1.22
CA ALA A 68 2.80 -0.49 2.26
C ALA A 68 1.32 -0.60 2.60
N LYS A 69 1.03 -0.70 3.88
CA LYS A 69 -0.34 -0.84 4.34
C LYS A 69 -0.88 0.53 4.74
N ALA A 70 -2.16 0.60 5.06
CA ALA A 70 -2.79 1.85 5.44
C ALA A 70 -2.09 2.47 6.66
N SER A 71 -1.54 1.61 7.51
CA SER A 71 -0.82 2.05 8.70
C SER A 71 0.47 2.79 8.32
N LEU A 72 1.02 2.42 7.16
CA LEU A 72 2.27 3.03 6.69
C LEU A 72 1.99 4.31 5.92
N ILE A 73 0.74 4.45 5.49
CA ILE A 73 0.31 5.64 4.78
C ILE A 73 0.43 6.86 5.69
N ASP A 74 0.04 6.70 6.95
CA ASP A 74 0.13 7.79 7.92
C ASP A 74 1.49 7.77 8.62
N GLN A 75 2.21 6.67 8.44
CA GLN A 75 3.51 6.49 9.08
C GLN A 75 4.59 7.30 8.37
N LEU A 76 4.69 7.10 7.06
CA LEU A 76 5.75 7.73 6.29
C LEU A 76 5.16 8.51 5.10
N GLY A 77 4.03 8.04 4.58
CA GLY A 77 3.42 8.71 3.45
C GLY A 77 4.18 8.45 2.16
N LEU A 78 4.49 7.20 1.92
CA LEU A 78 5.27 6.79 0.75
C LEU A 78 4.42 6.85 -0.52
N LEU A 79 4.54 7.95 -1.26
CA LEU A 79 3.77 8.14 -2.48
C LEU A 79 4.33 7.30 -3.63
N ALA A 80 5.27 6.42 -3.31
CA ALA A 80 5.81 5.48 -4.29
C ALA A 80 4.83 4.33 -4.49
N LEU A 81 4.05 4.04 -3.45
CA LEU A 81 3.07 2.96 -3.51
C LEU A 81 1.66 3.50 -3.33
N VAL A 82 1.56 4.79 -3.05
CA VAL A 82 0.26 5.43 -2.89
C VAL A 82 0.06 6.50 -3.94
N ASP A 83 -1.15 6.55 -4.50
CA ASP A 83 -1.47 7.56 -5.50
C ASP A 83 -2.81 8.22 -5.17
N HIS A 84 -3.22 9.19 -5.97
CA HIS A 84 -4.42 9.96 -5.68
C HIS A 84 -5.26 10.14 -6.93
N THR A 85 -6.29 9.32 -7.06
CA THR A 85 -7.24 9.47 -8.17
C THR A 85 -8.27 10.54 -7.82
N GLU A 86 -9.28 10.69 -8.67
CA GLU A 86 -10.33 11.69 -8.48
C GLU A 86 -11.34 11.22 -7.45
N GLU A 87 -10.85 10.89 -6.26
CA GLU A 87 -11.70 10.40 -5.18
C GLU A 87 -10.96 10.54 -3.85
N GLY A 88 -9.82 9.89 -3.75
CA GLY A 88 -9.02 9.95 -2.54
C GLY A 88 -7.67 9.29 -2.72
N PRO A 89 -6.88 9.18 -1.63
CA PRO A 89 -5.60 8.47 -1.66
C PRO A 89 -5.83 6.96 -1.78
N VAL A 90 -5.28 6.38 -2.83
CA VAL A 90 -5.59 5.00 -3.18
C VAL A 90 -4.35 4.23 -3.55
N CYS A 91 -4.56 2.99 -4.00
CA CYS A 91 -3.48 2.13 -4.45
C CYS A 91 -2.87 2.69 -5.72
N LYS A 92 -1.56 2.80 -5.75
CA LYS A 92 -0.87 3.33 -6.91
C LYS A 92 -0.91 2.33 -8.05
N ASN A 93 -0.67 1.08 -7.72
CA ASN A 93 -0.55 0.05 -8.73
C ASN A 93 -1.01 -1.31 -8.21
N ILE A 94 -0.05 -2.15 -7.84
CA ILE A 94 -0.31 -3.54 -7.53
C ILE A 94 -1.01 -3.71 -6.19
N VAL A 95 -2.13 -4.42 -6.21
CA VAL A 95 -2.89 -4.69 -5.00
C VAL A 95 -2.39 -5.99 -4.36
N ALA A 96 -2.17 -5.96 -3.05
CA ALA A 96 -1.62 -7.10 -2.34
C ALA A 96 -2.04 -7.11 -0.87
N CYS A 97 -1.80 -8.24 -0.21
CA CYS A 97 -2.04 -8.34 1.22
C CYS A 97 -0.71 -8.42 1.95
N CYS A 98 -0.56 -7.64 3.00
CA CYS A 98 0.73 -7.50 3.65
C CYS A 98 0.58 -7.16 5.13
N PRO A 99 1.36 -7.82 5.98
CA PRO A 99 1.44 -7.51 7.41
C PRO A 99 2.32 -6.28 7.63
N GLU A 100 2.52 -5.91 8.90
CA GLU A 100 3.28 -4.71 9.22
C GLU A 100 4.80 -4.90 9.04
N GLY A 101 5.56 -4.70 10.12
CA GLY A 101 7.01 -4.78 10.04
C GLY A 101 7.54 -6.16 10.37
N THR A 102 6.98 -7.17 9.71
CA THR A 102 7.44 -8.54 9.86
C THR A 102 6.77 -9.42 8.84
N THR A 103 7.54 -10.31 8.24
CA THR A 103 7.06 -11.26 7.24
C THR A 103 6.76 -10.58 5.92
N ASN A 104 6.96 -11.32 4.85
CA ASN A 104 6.77 -10.81 3.50
C ASN A 104 5.30 -10.66 3.18
N CYS A 105 5.01 -9.92 2.13
CA CYS A 105 3.64 -9.69 1.72
C CYS A 105 3.36 -10.38 0.39
N VAL A 106 2.14 -10.91 0.24
CA VAL A 106 1.77 -11.65 -0.95
C VAL A 106 0.95 -10.77 -1.89
N ALA A 107 1.23 -10.86 -3.18
CA ALA A 107 0.50 -10.10 -4.18
C ALA A 107 -0.58 -10.97 -4.80
N VAL A 108 -1.82 -10.50 -4.73
CA VAL A 108 -2.95 -11.26 -5.23
C VAL A 108 -3.36 -10.79 -6.62
N ASP A 109 -2.48 -10.01 -7.22
CA ASP A 109 -2.67 -9.57 -8.60
C ASP A 109 -1.47 -9.98 -9.44
N ASN A 110 -1.75 -10.76 -10.46
CA ASN A 110 -0.73 -11.19 -11.41
C ASN A 110 -1.33 -11.23 -12.81
N ALA A 111 -2.58 -10.78 -12.91
CA ALA A 111 -3.34 -10.83 -14.16
C ALA A 111 -4.73 -10.23 -13.97
N GLY A 112 -4.87 -9.37 -12.97
CA GLY A 112 -6.15 -8.73 -12.72
C GLY A 112 -6.12 -7.25 -13.06
N ALA A 113 -4.91 -6.74 -13.28
CA ALA A 113 -4.69 -5.35 -13.70
C ALA A 113 -5.04 -4.37 -12.58
N GLY A 114 -4.39 -4.52 -11.44
CA GLY A 114 -4.60 -3.61 -10.35
C GLY A 114 -3.96 -2.26 -10.61
N THR A 115 -4.80 -1.24 -10.69
CA THR A 115 -4.34 0.12 -10.91
C THR A 115 -5.42 1.10 -10.47
N LYS A 116 -5.26 1.68 -9.29
CA LYS A 116 -6.23 2.64 -8.79
C LYS A 116 -5.77 4.07 -9.05
N ALA A 117 -4.63 4.21 -9.70
CA ALA A 117 -4.20 5.54 -10.15
C ALA A 117 -4.88 5.87 -11.46
N GLU A 118 -6.18 6.16 -11.33
CA GLU A 118 -7.11 6.35 -12.45
C GLU A 118 -8.48 5.88 -11.97
N SER A 1 15.34 11.83 -1.71
CA SER A 1 16.15 13.05 -1.61
C SER A 1 15.64 13.92 -0.45
N LEU A 2 15.17 15.13 -0.75
CA LEU A 2 14.62 16.00 0.28
C LEU A 2 13.18 16.33 -0.04
N PRO A 3 12.29 16.22 0.96
CA PRO A 3 10.86 16.47 0.80
C PRO A 3 10.55 17.96 0.58
N ALA A 4 9.33 18.24 0.17
CA ALA A 4 8.88 19.60 -0.04
C ALA A 4 7.88 20.00 1.04
N SER A 5 7.06 21.00 0.76
CA SER A 5 6.08 21.49 1.73
C SER A 5 4.74 20.80 1.52
N ALA A 6 4.15 20.99 0.34
CA ALA A 6 2.82 20.48 0.05
C ALA A 6 2.87 19.00 -0.36
N ALA A 7 3.40 18.17 0.52
CA ALA A 7 3.49 16.74 0.27
C ALA A 7 2.70 15.98 1.33
N LYS A 8 1.38 15.91 1.14
CA LYS A 8 0.51 15.28 2.13
C LYS A 8 -0.73 14.72 1.46
N ASN A 9 -0.56 14.18 0.27
CA ASN A 9 -1.67 13.64 -0.51
C ASN A 9 -1.99 12.20 -0.10
N ALA A 10 -1.98 11.94 1.21
CA ALA A 10 -2.25 10.62 1.73
C ALA A 10 -3.41 10.67 2.72
N LYS A 11 -4.33 9.71 2.58
CA LYS A 11 -5.50 9.64 3.45
C LYS A 11 -5.78 8.21 3.86
N LEU A 12 -6.18 7.39 2.89
CA LEU A 12 -6.44 5.95 3.07
C LEU A 12 -7.75 5.70 3.81
N ALA A 13 -7.93 6.34 4.96
CA ALA A 13 -9.14 6.16 5.76
C ALA A 13 -10.36 6.66 5.01
N THR A 14 -10.17 7.71 4.21
CA THR A 14 -11.25 8.30 3.44
C THR A 14 -11.38 7.66 2.06
N SER A 15 -10.47 6.75 1.74
CA SER A 15 -10.47 6.09 0.45
C SER A 15 -11.44 4.90 0.44
N ALA A 16 -12.68 5.15 0.03
CA ALA A 16 -13.66 4.08 -0.09
C ALA A 16 -13.32 3.19 -1.26
N ALA A 17 -12.71 3.80 -2.28
CA ALA A 17 -12.26 3.06 -3.45
C ALA A 17 -11.11 2.12 -3.09
N PHE A 18 -10.29 2.50 -2.12
CA PHE A 18 -9.22 1.63 -1.65
C PHE A 18 -9.80 0.49 -0.83
N ALA A 19 -10.87 0.77 -0.09
CA ALA A 19 -11.59 -0.26 0.64
C ALA A 19 -12.30 -1.19 -0.34
N LYS A 20 -12.69 -0.65 -1.49
CA LYS A 20 -13.27 -1.44 -2.56
C LYS A 20 -12.22 -2.38 -3.10
N GLN A 21 -11.00 -1.87 -3.17
CA GLN A 21 -9.85 -2.65 -3.58
C GLN A 21 -9.60 -3.81 -2.64
N ALA A 22 -9.87 -3.59 -1.36
CA ALA A 22 -9.66 -4.61 -0.33
C ALA A 22 -10.73 -5.69 -0.38
N GLU A 23 -11.77 -5.46 -1.15
CA GLU A 23 -12.86 -6.42 -1.27
C GLU A 23 -12.89 -7.03 -2.66
N GLY A 24 -12.56 -6.23 -3.66
CA GLY A 24 -12.46 -6.73 -5.02
C GLY A 24 -11.35 -7.74 -5.16
N THR A 25 -10.29 -7.51 -4.41
CA THR A 25 -9.19 -8.45 -4.35
C THR A 25 -9.03 -8.96 -2.92
N THR A 26 -8.95 -10.28 -2.77
CA THR A 26 -9.00 -10.91 -1.46
C THR A 26 -7.75 -10.63 -0.62
N CYS A 27 -7.90 -9.65 0.27
CA CYS A 27 -6.86 -9.30 1.24
C CYS A 27 -7.54 -8.87 2.53
N ASN A 28 -6.77 -8.47 3.53
CA ASN A 28 -7.35 -8.05 4.81
C ASN A 28 -7.37 -6.54 4.90
N VAL A 29 -8.35 -6.00 5.63
CA VAL A 29 -8.53 -4.56 5.76
C VAL A 29 -7.39 -3.95 6.58
N GLY A 30 -6.86 -4.72 7.53
CA GLY A 30 -5.73 -4.27 8.30
C GLY A 30 -4.44 -4.46 7.54
N SER A 31 -4.27 -5.66 7.02
CA SER A 31 -3.09 -6.00 6.25
C SER A 31 -3.29 -5.65 4.76
N ILE A 32 -3.67 -4.40 4.49
CA ILE A 32 -3.91 -3.96 3.13
C ILE A 32 -2.80 -3.01 2.67
N ALA A 33 -2.37 -3.17 1.42
CA ALA A 33 -1.28 -2.36 0.89
C ALA A 33 -1.41 -2.14 -0.60
N CYS A 34 -0.44 -1.43 -1.15
CA CYS A 34 -0.31 -1.28 -2.59
C CYS A 34 1.14 -1.53 -2.97
N CYS A 35 1.35 -2.30 -4.03
CA CYS A 35 2.68 -2.61 -4.48
C CYS A 35 2.99 -1.85 -5.76
N ASN A 36 4.23 -1.44 -5.91
CA ASN A 36 4.67 -0.70 -7.09
C ASN A 36 6.03 -1.20 -7.52
N SER A 37 6.30 -1.10 -8.82
CA SER A 37 7.57 -1.53 -9.41
C SER A 37 8.78 -1.11 -8.57
N PRO A 38 9.77 -2.02 -8.45
CA PRO A 38 10.91 -1.86 -7.53
C PRO A 38 11.76 -0.61 -7.80
N ALA A 39 12.00 -0.31 -9.07
CA ALA A 39 12.89 0.78 -9.44
C ALA A 39 12.31 2.14 -9.04
N GLU A 40 11.01 2.17 -8.85
CA GLU A 40 10.31 3.39 -8.49
C GLU A 40 10.04 3.42 -7.00
N THR A 41 9.67 2.26 -6.46
CA THR A 41 9.45 2.11 -5.03
C THR A 41 10.75 2.32 -4.25
N ASN A 42 11.84 1.87 -4.85
CA ASN A 42 13.16 1.95 -4.23
C ASN A 42 13.98 3.08 -4.83
N ASN A 43 13.30 3.96 -5.54
CA ASN A 43 13.95 5.05 -6.29
C ASN A 43 14.75 5.97 -5.38
N ASP A 44 14.37 6.02 -4.11
CA ASP A 44 15.03 6.88 -3.15
C ASP A 44 15.60 6.07 -2.00
N SER A 45 16.83 6.37 -1.61
CA SER A 45 17.47 5.68 -0.51
C SER A 45 16.67 5.81 0.79
N LEU A 46 16.04 6.97 0.98
CA LEU A 46 15.21 7.19 2.15
C LEU A 46 13.87 6.47 2.00
N LEU A 47 13.33 6.53 0.79
CA LEU A 47 12.08 5.84 0.45
C LEU A 47 12.20 4.35 0.72
N SER A 48 13.33 3.77 0.35
CA SER A 48 13.58 2.35 0.55
C SER A 48 13.63 1.97 2.04
N GLY A 49 13.65 2.97 2.92
CA GLY A 49 13.57 2.71 4.35
C GLY A 49 12.24 3.11 4.92
N LEU A 50 11.42 3.72 4.07
CA LEU A 50 10.12 4.24 4.48
C LEU A 50 9.06 3.15 4.44
N LEU A 51 9.26 2.14 3.60
CA LEU A 51 8.26 1.09 3.43
C LEU A 51 8.27 0.08 4.59
N GLY A 52 9.15 0.32 5.56
CA GLY A 52 9.25 -0.56 6.69
C GLY A 52 9.60 0.17 7.96
N ALA A 53 8.59 0.68 8.65
CA ALA A 53 8.78 1.40 9.91
C ALA A 53 9.05 0.42 11.05
N GLY A 54 10.00 -0.48 10.84
CA GLY A 54 10.33 -1.48 11.83
C GLY A 54 11.30 -2.49 11.26
N LEU A 55 10.78 -3.65 10.86
CA LEU A 55 11.59 -4.67 10.22
C LEU A 55 10.74 -5.45 9.23
N LEU A 56 10.01 -4.72 8.40
CA LEU A 56 9.10 -5.34 7.46
C LEU A 56 9.81 -5.67 6.15
N ASN A 57 9.05 -6.21 5.21
CA ASN A 57 9.59 -6.66 3.95
C ASN A 57 8.64 -6.33 2.83
N GLY A 58 8.99 -6.76 1.63
CA GLY A 58 8.21 -6.43 0.46
C GLY A 58 7.54 -7.64 -0.15
N LEU A 59 7.88 -7.94 -1.40
CA LEU A 59 7.32 -9.08 -2.09
C LEU A 59 7.75 -10.38 -1.43
N SER A 60 6.83 -11.32 -1.34
CA SER A 60 7.08 -12.60 -0.70
C SER A 60 8.17 -13.39 -1.42
N GLY A 61 9.41 -13.17 -1.01
CA GLY A 61 10.53 -13.91 -1.58
C GLY A 61 11.43 -13.02 -2.43
N ASN A 62 10.84 -12.08 -3.14
CA ASN A 62 11.61 -11.23 -4.05
C ASN A 62 12.09 -9.98 -3.35
N THR A 63 13.37 -9.97 -2.98
CA THR A 63 13.97 -8.83 -2.31
C THR A 63 14.24 -7.70 -3.31
N GLY A 64 13.28 -6.78 -3.41
CA GLY A 64 13.42 -5.64 -4.29
C GLY A 64 12.12 -4.88 -4.42
N SER A 65 11.06 -5.58 -4.78
CA SER A 65 9.74 -5.00 -4.83
C SER A 65 9.19 -4.89 -3.41
N ALA A 66 9.13 -3.67 -2.90
CA ALA A 66 8.61 -3.44 -1.56
C ALA A 66 7.25 -2.78 -1.66
N CYS A 67 6.44 -2.96 -0.63
CA CYS A 67 5.09 -2.40 -0.63
C CYS A 67 4.79 -1.76 0.70
N ALA A 68 4.02 -0.69 0.68
CA ALA A 68 3.71 0.03 1.90
C ALA A 68 2.27 -0.25 2.32
N LYS A 69 2.12 -0.60 3.59
CA LYS A 69 0.82 -0.94 4.16
C LYS A 69 0.11 0.35 4.58
N ALA A 70 -1.21 0.27 4.77
CA ALA A 70 -1.99 1.44 5.13
C ALA A 70 -1.47 2.08 6.42
N SER A 71 -1.02 1.25 7.35
CA SER A 71 -0.47 1.73 8.61
C SER A 71 0.81 2.51 8.35
N LEU A 72 1.53 2.13 7.30
CA LEU A 72 2.76 2.79 6.92
C LEU A 72 2.47 4.07 6.16
N ILE A 73 1.39 4.05 5.41
CA ILE A 73 0.96 5.23 4.67
C ILE A 73 0.52 6.32 5.66
N ASP A 74 -0.06 5.88 6.76
CA ASP A 74 -0.45 6.77 7.84
C ASP A 74 0.79 7.24 8.61
N GLN A 75 1.73 6.33 8.84
CA GLN A 75 2.90 6.61 9.66
C GLN A 75 3.94 7.46 8.93
N LEU A 76 4.38 7.01 7.77
CA LEU A 76 5.48 7.66 7.07
C LEU A 76 4.98 8.37 5.81
N GLY A 77 3.90 7.86 5.22
CA GLY A 77 3.28 8.56 4.11
C GLY A 77 3.94 8.30 2.77
N LEU A 78 4.15 7.03 2.46
CA LEU A 78 4.78 6.63 1.21
C LEU A 78 3.90 6.93 0.01
N LEU A 79 4.28 7.93 -0.75
CA LEU A 79 3.54 8.31 -1.94
C LEU A 79 4.05 7.57 -3.17
N ALA A 80 4.87 6.54 -2.94
CA ALA A 80 5.47 5.77 -4.01
C ALA A 80 4.45 4.84 -4.67
N LEU A 81 3.43 4.45 -3.91
CA LEU A 81 2.44 3.49 -4.40
C LEU A 81 1.05 4.10 -4.43
N VAL A 82 0.95 5.40 -4.22
CA VAL A 82 -0.34 6.07 -4.23
C VAL A 82 -0.51 6.85 -5.51
N ASP A 83 -1.69 6.77 -6.11
CA ASP A 83 -1.95 7.40 -7.40
C ASP A 83 -3.03 8.47 -7.28
N HIS A 84 -3.16 9.26 -8.35
CA HIS A 84 -4.18 10.29 -8.46
C HIS A 84 -5.57 9.69 -8.29
N THR A 85 -6.49 10.45 -7.72
CA THR A 85 -7.82 9.93 -7.44
C THR A 85 -8.86 11.04 -7.40
N GLU A 86 -10.11 10.66 -7.65
CA GLU A 86 -11.24 11.58 -7.53
C GLU A 86 -12.11 11.14 -6.36
N GLU A 87 -11.70 10.06 -5.71
CA GLU A 87 -12.41 9.52 -4.56
C GLU A 87 -11.52 9.64 -3.32
N GLY A 88 -10.68 8.64 -3.13
CA GLY A 88 -9.68 8.70 -2.10
C GLY A 88 -8.40 8.05 -2.59
N PRO A 89 -7.23 8.43 -2.03
CA PRO A 89 -5.93 7.88 -2.44
C PRO A 89 -5.97 6.36 -2.60
N VAL A 90 -5.69 5.90 -3.82
CA VAL A 90 -5.85 4.48 -4.15
C VAL A 90 -4.53 3.86 -4.60
N CYS A 91 -4.59 2.58 -4.93
CA CYS A 91 -3.43 1.83 -5.41
C CYS A 91 -3.00 2.35 -6.78
N LYS A 92 -1.71 2.62 -6.92
CA LYS A 92 -1.16 3.16 -8.15
C LYS A 92 -0.99 2.08 -9.21
N ASN A 93 -0.75 0.86 -8.77
CA ASN A 93 -0.38 -0.21 -9.70
C ASN A 93 -0.86 -1.58 -9.22
N ILE A 94 -0.01 -2.25 -8.46
CA ILE A 94 -0.22 -3.65 -8.12
C ILE A 94 -0.91 -3.80 -6.76
N VAL A 95 -2.05 -4.47 -6.76
CA VAL A 95 -2.80 -4.70 -5.52
C VAL A 95 -2.27 -5.91 -4.77
N ALA A 96 -1.98 -5.72 -3.49
CA ALA A 96 -1.43 -6.80 -2.67
C ALA A 96 -1.77 -6.57 -1.20
N CYS A 97 -1.50 -7.57 -0.36
CA CYS A 97 -1.78 -7.46 1.06
C CYS A 97 -0.49 -7.50 1.87
N CYS A 98 -0.29 -6.47 2.69
CA CYS A 98 0.92 -6.34 3.50
C CYS A 98 0.58 -6.42 4.99
N PRO A 99 1.13 -7.41 5.70
CA PRO A 99 0.97 -7.51 7.15
C PRO A 99 1.85 -6.49 7.87
N GLU A 100 1.32 -5.89 8.92
CA GLU A 100 2.10 -4.99 9.76
C GLU A 100 3.01 -5.80 10.69
N GLY A 101 4.22 -5.32 10.88
CA GLY A 101 5.16 -6.00 11.75
C GLY A 101 6.41 -6.46 11.01
N THR A 102 6.37 -7.68 10.51
CA THR A 102 7.54 -8.28 9.87
C THR A 102 7.14 -9.10 8.66
N THR A 103 8.16 -9.67 7.99
CA THR A 103 7.97 -10.59 6.87
C THR A 103 7.33 -9.93 5.64
N ASN A 104 6.91 -10.74 4.69
CA ASN A 104 6.63 -10.29 3.33
C ASN A 104 5.16 -10.02 3.10
N CYS A 105 4.88 -9.47 1.93
CA CYS A 105 3.51 -9.23 1.48
C CYS A 105 3.19 -10.14 0.30
N VAL A 106 1.97 -10.64 0.25
CA VAL A 106 1.54 -11.49 -0.85
C VAL A 106 0.79 -10.65 -1.91
N ALA A 107 0.99 -11.00 -3.16
CA ALA A 107 0.33 -10.32 -4.26
C ALA A 107 -0.79 -11.19 -4.81
N VAL A 108 -2.01 -10.73 -4.67
CA VAL A 108 -3.17 -11.51 -5.05
C VAL A 108 -3.58 -11.23 -6.50
N ASP A 109 -2.82 -10.35 -7.13
CA ASP A 109 -3.01 -10.04 -8.54
C ASP A 109 -1.67 -9.68 -9.17
N ASN A 110 -1.50 -10.03 -10.42
CA ASN A 110 -0.26 -9.80 -11.13
C ASN A 110 -0.50 -8.92 -12.35
N ALA A 111 -1.68 -8.31 -12.42
CA ALA A 111 -2.04 -7.51 -13.57
C ALA A 111 -2.26 -6.04 -13.20
N GLY A 112 -3.24 -5.79 -12.36
CA GLY A 112 -3.64 -4.43 -12.07
C GLY A 112 -4.60 -3.91 -13.13
N ALA A 113 -5.85 -4.38 -13.06
CA ALA A 113 -6.84 -4.04 -14.06
C ALA A 113 -7.41 -2.64 -13.83
N GLY A 114 -6.76 -1.65 -14.42
CA GLY A 114 -7.25 -0.28 -14.33
C GLY A 114 -6.69 0.45 -13.12
N THR A 115 -7.37 1.50 -12.72
CA THR A 115 -6.96 2.28 -11.56
C THR A 115 -7.85 1.95 -10.35
N LYS A 116 -9.03 2.54 -10.32
CA LYS A 116 -10.00 2.28 -9.28
C LYS A 116 -11.42 2.46 -9.83
N ALA A 117 -11.55 2.38 -11.14
CA ALA A 117 -12.82 2.62 -11.79
C ALA A 117 -13.40 1.34 -12.38
N GLU A 118 -14.56 0.95 -11.87
CA GLU A 118 -15.27 -0.21 -12.37
C GLU A 118 -16.73 0.16 -12.62
N SER A 1 -30.04 -2.75 6.52
CA SER A 1 -28.96 -1.82 6.92
C SER A 1 -28.75 -1.89 8.43
N LEU A 2 -27.55 -2.32 8.83
CA LEU A 2 -27.18 -2.43 10.23
C LEU A 2 -25.74 -2.92 10.34
N PRO A 3 -24.85 -2.08 10.90
CA PRO A 3 -23.43 -2.42 11.07
C PRO A 3 -23.22 -3.51 12.12
N ALA A 4 -23.26 -4.75 11.68
CA ALA A 4 -23.03 -5.89 12.56
C ALA A 4 -21.56 -6.32 12.48
N SER A 5 -21.15 -7.18 13.40
CA SER A 5 -19.79 -7.69 13.41
C SER A 5 -19.53 -8.58 12.21
N ALA A 6 -18.24 -8.74 11.87
CA ALA A 6 -17.82 -9.55 10.74
C ALA A 6 -18.26 -8.92 9.42
N ALA A 7 -17.66 -7.80 9.08
CA ALA A 7 -17.95 -7.09 7.85
C ALA A 7 -16.66 -6.52 7.26
N LYS A 8 -16.58 -6.50 5.94
CA LYS A 8 -15.38 -6.04 5.27
C LYS A 8 -15.55 -4.60 4.80
N ASN A 9 -15.49 -3.67 5.74
CA ASN A 9 -15.64 -2.27 5.41
C ASN A 9 -14.57 -1.42 6.08
N ALA A 10 -13.71 -0.84 5.26
CA ALA A 10 -12.60 -0.03 5.73
C ALA A 10 -12.04 0.79 4.58
N LYS A 11 -11.81 2.07 4.82
CA LYS A 11 -11.28 2.95 3.79
C LYS A 11 -10.04 3.66 4.30
N LEU A 12 -9.08 3.89 3.41
CA LEU A 12 -7.88 4.61 3.77
C LEU A 12 -8.15 6.11 3.73
N ALA A 13 -8.87 6.58 4.75
CA ALA A 13 -9.27 7.99 4.89
C ALA A 13 -10.36 8.37 3.88
N THR A 14 -10.35 7.72 2.73
CA THR A 14 -11.34 7.94 1.70
C THR A 14 -11.57 6.66 0.91
N SER A 15 -10.54 6.26 0.15
CA SER A 15 -10.55 5.02 -0.63
C SER A 15 -11.57 5.05 -1.78
N ALA A 16 -12.86 5.06 -1.42
CA ALA A 16 -13.96 4.98 -2.38
C ALA A 16 -13.85 3.73 -3.24
N ALA A 17 -13.12 3.83 -4.35
CA ALA A 17 -12.95 2.71 -5.25
C ALA A 17 -12.07 1.63 -4.62
N PHE A 18 -11.07 2.07 -3.86
CA PHE A 18 -10.16 1.15 -3.20
C PHE A 18 -10.87 0.42 -2.06
N ALA A 19 -12.01 0.94 -1.64
CA ALA A 19 -12.80 0.31 -0.60
C ALA A 19 -13.56 -0.89 -1.16
N LYS A 20 -13.65 -0.97 -2.49
CA LYS A 20 -14.25 -2.11 -3.13
C LYS A 20 -13.21 -3.21 -3.24
N GLN A 21 -11.96 -2.78 -3.23
CA GLN A 21 -10.84 -3.69 -3.26
C GLN A 21 -10.75 -4.48 -1.96
N ALA A 22 -11.17 -3.84 -0.87
CA ALA A 22 -11.19 -4.50 0.44
C ALA A 22 -12.23 -5.62 0.48
N GLU A 23 -13.15 -5.59 -0.48
CA GLU A 23 -14.16 -6.63 -0.60
C GLU A 23 -13.79 -7.63 -1.69
N GLY A 24 -13.47 -7.11 -2.88
CA GLY A 24 -13.12 -7.97 -4.00
C GLY A 24 -11.81 -8.72 -3.79
N THR A 25 -11.00 -8.23 -2.87
CA THR A 25 -9.75 -8.89 -2.52
C THR A 25 -9.75 -9.31 -1.06
N THR A 26 -9.31 -10.53 -0.79
CA THR A 26 -9.26 -11.01 0.58
C THR A 26 -7.97 -10.57 1.27
N CYS A 27 -8.05 -9.50 2.03
CA CYS A 27 -6.92 -8.98 2.79
C CYS A 27 -7.40 -8.51 4.15
N ASN A 28 -6.49 -7.97 4.96
CA ASN A 28 -6.82 -7.57 6.32
C ASN A 28 -6.56 -6.09 6.54
N VAL A 29 -6.97 -5.58 7.70
CA VAL A 29 -6.87 -4.16 8.01
C VAL A 29 -5.42 -3.67 8.01
N GLY A 30 -4.54 -4.43 8.65
CA GLY A 30 -3.15 -4.06 8.71
C GLY A 30 -2.34 -4.84 7.71
N SER A 31 -3.02 -5.37 6.71
CA SER A 31 -2.35 -6.14 5.68
C SER A 31 -2.67 -5.61 4.29
N ILE A 32 -3.57 -4.63 4.20
CA ILE A 32 -3.88 -4.03 2.91
C ILE A 32 -2.79 -3.02 2.55
N ALA A 33 -2.22 -3.18 1.38
CA ALA A 33 -1.04 -2.40 1.01
C ALA A 33 -0.99 -2.12 -0.48
N CYS A 34 -0.21 -1.11 -0.84
CA CYS A 34 0.03 -0.79 -2.23
C CYS A 34 1.50 -1.01 -2.55
N CYS A 35 1.77 -1.58 -3.71
CA CYS A 35 3.13 -1.91 -4.10
C CYS A 35 3.50 -1.26 -5.43
N ASN A 36 4.79 -1.15 -5.69
CA ASN A 36 5.27 -0.59 -6.93
C ASN A 36 6.56 -1.29 -7.35
N SER A 37 6.90 -1.20 -8.63
CA SER A 37 8.11 -1.80 -9.18
C SER A 37 9.35 -1.41 -8.35
N PRO A 38 10.37 -2.29 -8.31
CA PRO A 38 11.54 -2.13 -7.43
C PRO A 38 12.21 -0.78 -7.56
N ALA A 39 12.49 -0.37 -8.80
CA ALA A 39 13.26 0.84 -9.04
C ALA A 39 12.44 2.11 -8.72
N GLU A 40 11.15 1.95 -8.51
CA GLU A 40 10.29 3.08 -8.19
C GLU A 40 9.97 3.10 -6.70
N THR A 41 9.67 1.93 -6.16
CA THR A 41 9.42 1.79 -4.73
C THR A 41 10.71 2.06 -3.95
N ASN A 42 11.84 1.68 -4.53
CA ASN A 42 13.15 1.88 -3.92
C ASN A 42 13.87 3.05 -4.58
N ASN A 43 13.12 3.84 -5.34
CA ASN A 43 13.66 4.96 -6.11
C ASN A 43 14.60 5.84 -5.30
N ASP A 44 14.25 6.06 -4.04
CA ASP A 44 15.09 6.86 -3.16
C ASP A 44 15.67 5.99 -2.07
N SER A 45 16.93 6.25 -1.70
CA SER A 45 17.60 5.47 -0.67
C SER A 45 16.86 5.56 0.67
N LEU A 46 16.28 6.73 0.95
CA LEU A 46 15.51 6.92 2.17
C LEU A 46 14.15 6.24 2.05
N LEU A 47 13.61 6.22 0.82
CA LEU A 47 12.30 5.63 0.55
C LEU A 47 12.32 4.14 0.89
N SER A 48 13.42 3.48 0.57
CA SER A 48 13.58 2.05 0.85
C SER A 48 13.42 1.75 2.33
N GLY A 49 13.82 2.69 3.18
CA GLY A 49 13.69 2.51 4.61
C GLY A 49 12.30 2.87 5.10
N LEU A 50 11.68 3.83 4.41
CA LEU A 50 10.35 4.31 4.78
C LEU A 50 9.29 3.24 4.52
N LEU A 51 9.62 2.28 3.65
CA LEU A 51 8.71 1.19 3.32
C LEU A 51 8.61 0.17 4.45
N GLY A 52 9.54 0.26 5.40
CA GLY A 52 9.56 -0.70 6.49
C GLY A 52 9.58 -0.01 7.83
N ALA A 53 8.43 0.52 8.24
CA ALA A 53 8.35 1.27 9.49
C ALA A 53 8.18 0.33 10.68
N GLY A 54 7.74 -0.89 10.42
CA GLY A 54 7.55 -1.85 11.47
C GLY A 54 8.01 -3.25 11.08
N LEU A 55 9.33 -3.41 10.90
CA LEU A 55 9.93 -4.69 10.55
C LEU A 55 9.27 -5.30 9.33
N LEU A 56 9.08 -4.47 8.32
CA LEU A 56 8.40 -4.91 7.10
C LEU A 56 9.37 -5.58 6.14
N ASN A 57 8.82 -6.34 5.22
CA ASN A 57 9.59 -7.04 4.20
C ASN A 57 9.06 -6.68 2.81
N GLY A 58 9.65 -7.28 1.79
CA GLY A 58 9.28 -6.96 0.43
C GLY A 58 8.33 -7.99 -0.16
N LEU A 59 8.36 -8.14 -1.47
CA LEU A 59 7.49 -9.10 -2.15
C LEU A 59 7.94 -10.54 -1.85
N SER A 60 6.96 -11.43 -1.78
CA SER A 60 7.21 -12.84 -1.53
C SER A 60 8.12 -13.45 -2.62
N GLY A 61 9.41 -13.55 -2.32
CA GLY A 61 10.35 -14.15 -3.24
C GLY A 61 11.01 -13.13 -4.15
N ASN A 62 10.71 -11.86 -3.91
CA ASN A 62 11.23 -10.78 -4.75
C ASN A 62 11.88 -9.70 -3.91
N THR A 63 13.20 -9.74 -3.84
CA THR A 63 13.97 -8.78 -3.07
C THR A 63 14.18 -7.48 -3.84
N GLY A 64 13.11 -6.71 -3.98
CA GLY A 64 13.19 -5.44 -4.67
C GLY A 64 11.97 -4.59 -4.45
N SER A 65 10.82 -5.08 -4.86
CA SER A 65 9.57 -4.36 -4.68
C SER A 65 9.04 -4.56 -3.26
N ALA A 66 9.01 -3.47 -2.51
CA ALA A 66 8.41 -3.46 -1.19
C ALA A 66 7.11 -2.67 -1.25
N CYS A 67 6.17 -2.98 -0.36
CA CYS A 67 4.87 -2.34 -0.41
C CYS A 67 4.54 -1.73 0.93
N ALA A 68 3.91 -0.56 0.91
CA ALA A 68 3.53 0.12 2.13
C ALA A 68 2.04 0.00 2.34
N LYS A 69 1.66 -0.44 3.53
CA LYS A 69 0.28 -0.68 3.87
C LYS A 69 -0.44 0.63 4.15
N ALA A 70 -1.76 0.57 4.27
CA ALA A 70 -2.57 1.74 4.57
C ALA A 70 -2.17 2.37 5.90
N SER A 71 -1.65 1.54 6.81
CA SER A 71 -1.22 2.01 8.11
C SER A 71 0.08 2.78 7.95
N LEU A 72 0.85 2.37 6.97
CA LEU A 72 2.12 3.00 6.66
C LEU A 72 1.89 4.27 5.84
N ILE A 73 0.80 4.29 5.10
CA ILE A 73 0.44 5.46 4.32
C ILE A 73 0.13 6.63 5.25
N ASP A 74 -0.60 6.33 6.33
CA ASP A 74 -0.91 7.33 7.35
C ASP A 74 0.35 7.71 8.14
N GLN A 75 1.34 6.84 8.10
CA GLN A 75 2.58 7.04 8.85
C GLN A 75 3.40 8.18 8.27
N LEU A 76 3.70 8.11 6.97
CA LEU A 76 4.63 9.06 6.38
C LEU A 76 4.17 9.60 5.03
N GLY A 77 3.08 9.06 4.51
CA GLY A 77 2.60 9.51 3.21
C GLY A 77 3.45 8.96 2.08
N LEU A 78 3.63 7.64 2.07
CA LEU A 78 4.47 6.95 1.09
C LEU A 78 3.93 7.13 -0.34
N LEU A 79 4.29 8.26 -0.96
CA LEU A 79 3.77 8.62 -2.28
C LEU A 79 4.36 7.76 -3.40
N ALA A 80 5.16 6.77 -3.03
CA ALA A 80 5.84 5.93 -4.01
C ALA A 80 4.92 4.87 -4.60
N LEU A 81 3.86 4.53 -3.88
CA LEU A 81 2.97 3.45 -4.32
C LEU A 81 1.52 3.89 -4.39
N VAL A 82 1.23 5.12 -3.99
CA VAL A 82 -0.15 5.58 -3.99
C VAL A 82 -0.37 6.73 -4.95
N ASP A 83 -1.48 6.66 -5.66
CA ASP A 83 -1.87 7.72 -6.56
C ASP A 83 -3.13 8.38 -6.02
N HIS A 84 -3.34 9.64 -6.35
CA HIS A 84 -4.45 10.37 -5.76
C HIS A 84 -5.45 10.81 -6.81
N THR A 85 -6.56 10.10 -6.86
CA THR A 85 -7.66 10.46 -7.74
C THR A 85 -8.78 11.07 -6.90
N GLU A 86 -9.95 11.24 -7.52
CA GLU A 86 -11.11 11.82 -6.82
C GLU A 86 -11.60 10.88 -5.71
N GLU A 87 -11.32 9.59 -5.86
CA GLU A 87 -11.70 8.59 -4.86
C GLU A 87 -10.87 8.72 -3.60
N GLY A 88 -9.63 9.13 -3.76
CA GLY A 88 -8.76 9.27 -2.62
C GLY A 88 -7.43 8.59 -2.85
N PRO A 89 -6.81 8.00 -1.81
CA PRO A 89 -5.58 7.23 -1.93
C PRO A 89 -5.84 5.86 -2.54
N VAL A 90 -5.40 5.68 -3.78
CA VAL A 90 -5.60 4.44 -4.50
C VAL A 90 -4.26 3.88 -4.94
N CYS A 91 -4.22 2.60 -5.29
CA CYS A 91 -2.98 1.95 -5.67
C CYS A 91 -2.47 2.51 -6.99
N LYS A 92 -1.24 3.00 -6.96
CA LYS A 92 -0.61 3.58 -8.15
C LYS A 92 -0.27 2.52 -9.17
N ASN A 93 -0.13 1.29 -8.68
CA ASN A 93 0.31 0.19 -9.53
C ASN A 93 -0.22 -1.15 -9.01
N ILE A 94 0.60 -1.83 -8.22
CA ILE A 94 0.29 -3.18 -7.77
C ILE A 94 -0.41 -3.18 -6.43
N VAL A 95 -1.44 -4.00 -6.29
CA VAL A 95 -2.11 -4.19 -5.01
C VAL A 95 -1.57 -5.46 -4.35
N ALA A 96 -1.16 -5.35 -3.10
CA ALA A 96 -0.52 -6.46 -2.40
C ALA A 96 -0.97 -6.55 -0.95
N CYS A 97 -0.74 -7.70 -0.33
CA CYS A 97 -1.07 -7.89 1.08
C CYS A 97 0.20 -7.95 1.92
N CYS A 98 0.42 -6.91 2.70
CA CYS A 98 1.60 -6.82 3.57
C CYS A 98 1.19 -6.93 5.03
N PRO A 99 1.64 -7.97 5.73
CA PRO A 99 1.35 -8.13 7.15
C PRO A 99 2.20 -7.19 8.03
N GLU A 100 1.57 -6.50 8.97
CA GLU A 100 2.33 -5.64 9.88
C GLU A 100 2.98 -6.49 10.97
N GLY A 101 4.31 -6.43 11.04
CA GLY A 101 5.03 -7.20 12.02
C GLY A 101 6.27 -7.84 11.44
N THR A 102 6.11 -8.55 10.32
CA THR A 102 7.22 -9.20 9.64
C THR A 102 6.72 -10.01 8.45
N THR A 103 7.66 -10.61 7.72
CA THR A 103 7.39 -11.45 6.54
C THR A 103 7.03 -10.62 5.32
N ASN A 104 7.22 -11.26 4.16
CA ASN A 104 7.03 -10.61 2.85
C ASN A 104 5.56 -10.44 2.51
N CYS A 105 5.31 -9.79 1.39
CA CYS A 105 3.96 -9.51 0.96
C CYS A 105 3.62 -10.30 -0.31
N VAL A 106 2.40 -10.78 -0.37
CA VAL A 106 1.92 -11.45 -1.57
C VAL A 106 1.25 -10.44 -2.49
N ALA A 107 1.49 -10.55 -3.78
CA ALA A 107 0.90 -9.65 -4.75
C ALA A 107 -0.33 -10.29 -5.38
N VAL A 108 -1.44 -9.55 -5.37
CA VAL A 108 -2.69 -10.08 -5.90
C VAL A 108 -2.88 -9.67 -7.35
N ASP A 109 -1.84 -9.07 -7.88
CA ASP A 109 -1.79 -8.74 -9.30
C ASP A 109 -0.57 -9.42 -9.89
N ASN A 110 -0.71 -9.90 -11.11
CA ASN A 110 0.36 -10.61 -11.78
C ASN A 110 0.38 -10.25 -13.24
N ALA A 111 -0.24 -9.12 -13.58
CA ALA A 111 -0.35 -8.68 -14.95
C ALA A 111 -0.04 -7.20 -15.10
N GLY A 112 -0.48 -6.42 -14.13
CA GLY A 112 -0.31 -4.98 -14.20
C GLY A 112 -1.43 -4.33 -14.96
N ALA A 113 -2.66 -4.59 -14.51
CA ALA A 113 -3.84 -4.05 -15.18
C ALA A 113 -4.53 -3.04 -14.27
N GLY A 114 -5.62 -2.46 -14.78
CA GLY A 114 -6.35 -1.47 -14.00
C GLY A 114 -7.23 -2.12 -12.94
N THR A 115 -6.62 -2.47 -11.81
CA THR A 115 -7.34 -3.07 -10.71
C THR A 115 -8.08 -2.02 -9.90
N LYS A 116 -9.24 -1.60 -10.40
CA LYS A 116 -10.08 -0.64 -9.70
C LYS A 116 -11.48 -0.64 -10.29
N ALA A 117 -11.91 -1.79 -10.82
CA ALA A 117 -13.19 -1.89 -11.50
C ALA A 117 -14.09 -2.93 -10.85
N GLU A 118 -15.39 -2.65 -10.82
CA GLU A 118 -16.40 -3.55 -10.29
C GLU A 118 -17.76 -3.17 -10.87
N SER A 1 7.32 13.74 0.84
CA SER A 1 6.05 14.00 1.54
C SER A 1 6.03 15.42 2.12
N LEU A 2 7.23 16.00 2.30
CA LEU A 2 7.39 17.38 2.77
C LEU A 2 6.88 17.53 4.21
N PRO A 3 7.77 17.36 5.20
CA PRO A 3 7.44 17.50 6.61
C PRO A 3 7.32 18.96 7.03
N ALA A 4 6.34 19.66 6.46
CA ALA A 4 6.08 21.05 6.80
C ALA A 4 5.37 21.15 8.14
N SER A 5 4.10 20.74 8.18
CA SER A 5 3.35 20.71 9.42
C SER A 5 2.77 19.32 9.67
N ALA A 6 1.54 19.11 9.24
CA ALA A 6 0.86 17.84 9.46
C ALA A 6 0.97 16.92 8.26
N ALA A 7 1.43 17.48 7.13
CA ALA A 7 1.58 16.72 5.88
C ALA A 7 0.29 16.01 5.50
N LYS A 8 -0.79 16.76 5.40
CA LYS A 8 -2.09 16.21 5.07
C LYS A 8 -2.16 15.85 3.59
N ASN A 9 -2.02 14.57 3.30
CA ASN A 9 -2.01 14.11 1.91
C ASN A 9 -2.66 12.73 1.77
N ALA A 10 -2.95 12.08 2.90
CA ALA A 10 -3.41 10.71 2.88
C ALA A 10 -4.81 10.57 3.47
N LYS A 11 -5.62 9.72 2.84
CA LYS A 11 -6.95 9.39 3.35
C LYS A 11 -7.10 7.88 3.44
N LEU A 12 -6.95 7.23 2.29
CA LEU A 12 -6.98 5.77 2.18
C LEU A 12 -8.39 5.21 2.30
N ALA A 13 -9.03 5.43 3.43
CA ALA A 13 -10.37 4.91 3.67
C ALA A 13 -11.40 5.68 2.85
N THR A 14 -11.22 7.00 2.81
CA THR A 14 -12.13 7.89 2.10
C THR A 14 -11.89 7.85 0.58
N SER A 15 -11.01 6.97 0.15
CA SER A 15 -10.78 6.75 -1.27
C SER A 15 -11.95 6.01 -1.88
N ALA A 16 -12.67 5.24 -1.05
CA ALA A 16 -13.82 4.45 -1.48
C ALA A 16 -13.40 3.30 -2.40
N ALA A 17 -12.68 3.65 -3.45
CA ALA A 17 -12.18 2.68 -4.41
C ALA A 17 -11.21 1.71 -3.74
N PHE A 18 -10.46 2.20 -2.75
CA PHE A 18 -9.55 1.35 -2.01
C PHE A 18 -10.33 0.41 -1.09
N ALA A 19 -11.51 0.85 -0.67
CA ALA A 19 -12.36 0.02 0.17
C ALA A 19 -12.91 -1.17 -0.62
N LYS A 20 -12.95 -1.03 -1.94
CA LYS A 20 -13.37 -2.12 -2.82
C LYS A 20 -12.34 -3.25 -2.75
N GLN A 21 -11.09 -2.87 -2.51
CA GLN A 21 -9.98 -3.82 -2.42
C GLN A 21 -10.19 -4.76 -1.23
N ALA A 22 -10.83 -4.24 -0.18
CA ALA A 22 -11.05 -4.99 1.04
C ALA A 22 -12.07 -6.11 0.84
N GLU A 23 -12.86 -6.00 -0.22
CA GLU A 23 -13.85 -7.02 -0.53
C GLU A 23 -13.44 -7.83 -1.76
N GLY A 24 -12.63 -7.22 -2.61
CA GLY A 24 -12.16 -7.91 -3.80
C GLY A 24 -11.05 -8.90 -3.50
N THR A 25 -10.33 -8.64 -2.42
CA THR A 25 -9.23 -9.51 -2.03
C THR A 25 -9.24 -9.72 -0.52
N THR A 26 -8.67 -10.83 -0.07
CA THR A 26 -8.62 -11.11 1.36
C THR A 26 -7.42 -10.44 1.99
N CYS A 27 -7.65 -9.26 2.56
CA CYS A 27 -6.62 -8.53 3.28
C CYS A 27 -7.27 -7.72 4.41
N ASN A 28 -6.70 -7.82 5.60
CA ASN A 28 -7.23 -7.14 6.77
C ASN A 28 -6.82 -5.68 6.78
N VAL A 29 -7.35 -4.91 7.73
CA VAL A 29 -7.04 -3.49 7.84
C VAL A 29 -5.53 -3.24 7.96
N GLY A 30 -4.85 -4.07 8.75
CA GLY A 30 -3.41 -3.95 8.90
C GLY A 30 -2.65 -4.86 7.96
N SER A 31 -3.35 -5.43 7.00
CA SER A 31 -2.75 -6.32 6.03
C SER A 31 -3.16 -5.92 4.61
N ILE A 32 -3.66 -4.71 4.47
CA ILE A 32 -4.00 -4.17 3.17
C ILE A 32 -2.97 -3.12 2.78
N ALA A 33 -2.48 -3.19 1.55
CA ALA A 33 -1.36 -2.36 1.14
C ALA A 33 -1.40 -2.04 -0.34
N CYS A 34 -0.42 -1.27 -0.76
CA CYS A 34 -0.18 -1.00 -2.15
C CYS A 34 1.27 -1.30 -2.47
N CYS A 35 1.51 -2.00 -3.57
CA CYS A 35 2.87 -2.31 -3.98
C CYS A 35 3.21 -1.53 -5.24
N ASN A 36 4.48 -1.35 -5.50
CA ASN A 36 4.90 -0.48 -6.58
C ASN A 36 6.22 -0.96 -7.17
N SER A 37 6.49 -0.54 -8.41
CA SER A 37 7.72 -0.85 -9.11
C SER A 37 8.96 -0.55 -8.26
N PRO A 38 9.92 -1.49 -8.19
CA PRO A 38 11.13 -1.35 -7.37
C PRO A 38 11.90 -0.07 -7.64
N ALA A 39 12.05 0.30 -8.90
CA ALA A 39 12.83 1.48 -9.27
C ALA A 39 12.07 2.76 -8.92
N GLU A 40 10.82 2.59 -8.51
CA GLU A 40 9.98 3.71 -8.10
C GLU A 40 9.88 3.75 -6.58
N THR A 41 9.63 2.58 -6.00
CA THR A 41 9.59 2.41 -4.56
C THR A 41 10.92 2.77 -3.91
N ASN A 42 12.01 2.43 -4.59
CA ASN A 42 13.35 2.65 -4.09
C ASN A 42 13.99 3.85 -4.77
N ASN A 43 13.16 4.64 -5.43
CA ASN A 43 13.65 5.81 -6.18
C ASN A 43 14.30 6.82 -5.25
N ASP A 44 13.68 7.04 -4.10
CA ASP A 44 14.22 7.97 -3.12
C ASP A 44 15.20 7.27 -2.19
N SER A 45 16.28 7.96 -1.86
CA SER A 45 17.32 7.42 -1.01
C SER A 45 16.78 7.03 0.38
N LEU A 46 15.90 7.86 0.93
CA LEU A 46 15.40 7.64 2.28
C LEU A 46 14.12 6.80 2.25
N LEU A 47 13.45 6.76 1.08
CA LEU A 47 12.21 6.00 0.94
C LEU A 47 12.41 4.54 1.29
N SER A 48 13.59 4.00 0.97
CA SER A 48 13.91 2.60 1.25
C SER A 48 13.92 2.33 2.76
N GLY A 49 14.14 3.37 3.55
CA GLY A 49 14.05 3.23 5.00
C GLY A 49 12.73 3.73 5.53
N LEU A 50 12.05 4.54 4.73
CA LEU A 50 10.76 5.11 5.08
C LEU A 50 9.71 4.00 5.23
N LEU A 51 9.82 2.96 4.40
CA LEU A 51 8.89 1.86 4.46
C LEU A 51 9.16 1.00 5.71
N GLY A 52 10.42 0.90 6.08
CA GLY A 52 10.80 0.04 7.18
C GLY A 52 10.60 0.70 8.53
N ALA A 53 9.39 1.20 8.77
CA ALA A 53 9.06 1.83 10.04
C ALA A 53 8.91 0.80 11.15
N GLY A 54 8.54 -0.41 10.74
CA GLY A 54 8.39 -1.49 11.67
C GLY A 54 8.95 -2.79 11.12
N LEU A 55 8.10 -3.58 10.52
CA LEU A 55 8.52 -4.84 9.92
C LEU A 55 8.00 -4.93 8.48
N LEU A 56 8.37 -3.97 7.64
CA LEU A 56 7.97 -3.99 6.26
C LEU A 56 8.86 -4.92 5.47
N ASN A 57 8.32 -6.08 5.18
CA ASN A 57 8.98 -7.07 4.36
C ASN A 57 8.60 -6.84 2.90
N GLY A 58 9.25 -7.55 2.01
CA GLY A 58 9.05 -7.31 0.59
C GLY A 58 8.01 -8.24 -0.02
N LEU A 59 8.07 -8.37 -1.34
CA LEU A 59 7.12 -9.19 -2.09
C LEU A 59 7.30 -10.67 -1.79
N SER A 60 6.24 -11.44 -2.07
CA SER A 60 6.22 -12.89 -1.87
C SER A 60 7.38 -13.59 -2.60
N GLY A 61 8.52 -13.67 -1.92
CA GLY A 61 9.68 -14.34 -2.49
C GLY A 61 10.48 -13.44 -3.40
N ASN A 62 10.14 -12.15 -3.43
CA ASN A 62 10.83 -11.19 -4.28
C ASN A 62 11.47 -10.07 -3.48
N THR A 63 12.78 -10.17 -3.29
CA THR A 63 13.52 -9.13 -2.61
C THR A 63 13.72 -7.92 -3.53
N GLY A 64 12.96 -6.87 -3.29
CA GLY A 64 13.07 -5.68 -4.10
C GLY A 64 11.82 -4.83 -4.06
N SER A 65 10.71 -5.40 -4.49
CA SER A 65 9.43 -4.70 -4.48
C SER A 65 8.87 -4.70 -3.06
N ALA A 66 8.66 -3.50 -2.53
CA ALA A 66 8.15 -3.36 -1.18
C ALA A 66 6.77 -2.72 -1.22
N CYS A 67 5.86 -3.26 -0.44
CA CYS A 67 4.50 -2.74 -0.39
C CYS A 67 4.21 -2.19 0.99
N ALA A 68 3.66 -0.98 1.05
CA ALA A 68 3.39 -0.34 2.33
C ALA A 68 1.92 -0.42 2.66
N LYS A 69 1.63 -0.89 3.87
CA LYS A 69 0.26 -1.09 4.32
C LYS A 69 -0.38 0.24 4.66
N ALA A 70 -1.69 0.23 4.85
CA ALA A 70 -2.44 1.45 5.16
C ALA A 70 -1.92 2.13 6.42
N SER A 71 -1.42 1.32 7.36
CA SER A 71 -0.89 1.84 8.62
C SER A 71 0.42 2.56 8.35
N LEU A 72 1.19 2.04 7.40
CA LEU A 72 2.44 2.63 7.02
C LEU A 72 2.21 3.86 6.14
N ILE A 73 1.14 3.81 5.36
CA ILE A 73 0.77 4.94 4.53
C ILE A 73 0.48 6.15 5.41
N ASP A 74 -0.14 5.89 6.55
CA ASP A 74 -0.45 6.94 7.53
C ASP A 74 0.80 7.31 8.33
N GLN A 75 1.75 6.39 8.42
CA GLN A 75 2.94 6.58 9.23
C GLN A 75 3.95 7.51 8.56
N LEU A 76 4.32 7.18 7.33
CA LEU A 76 5.39 7.91 6.66
C LEU A 76 4.90 8.63 5.41
N GLY A 77 3.82 8.15 4.82
CA GLY A 77 3.28 8.79 3.64
C GLY A 77 4.08 8.49 2.39
N LEU A 78 4.33 7.21 2.16
CA LEU A 78 5.08 6.76 1.00
C LEU A 78 4.24 6.86 -0.27
N LEU A 79 4.36 7.99 -0.95
CA LEU A 79 3.58 8.24 -2.16
C LEU A 79 4.14 7.49 -3.37
N ALA A 80 5.13 6.65 -3.13
CA ALA A 80 5.72 5.85 -4.20
C ALA A 80 4.71 4.83 -4.73
N LEU A 81 4.04 4.17 -3.80
CA LEU A 81 3.09 3.13 -4.15
C LEU A 81 1.67 3.68 -4.26
N VAL A 82 1.53 4.98 -4.08
CA VAL A 82 0.22 5.61 -4.08
C VAL A 82 0.09 6.57 -5.25
N ASP A 83 -1.07 6.54 -5.87
CA ASP A 83 -1.39 7.48 -6.94
C ASP A 83 -2.74 8.12 -6.65
N HIS A 84 -3.05 9.21 -7.32
CA HIS A 84 -4.29 9.91 -7.04
C HIS A 84 -5.30 9.76 -8.18
N THR A 85 -6.54 9.51 -7.82
CA THR A 85 -7.61 9.42 -8.79
C THR A 85 -8.70 10.45 -8.47
N GLU A 86 -9.83 10.32 -9.15
CA GLU A 86 -11.00 11.15 -8.88
C GLU A 86 -11.56 10.83 -7.50
N GLU A 87 -11.43 9.57 -7.11
CA GLU A 87 -11.86 9.12 -5.80
C GLU A 87 -10.93 9.62 -4.71
N GLY A 88 -9.64 9.33 -4.85
CA GLY A 88 -8.68 9.76 -3.86
C GLY A 88 -7.35 9.07 -4.01
N PRO A 89 -6.59 8.92 -2.91
CA PRO A 89 -5.34 8.18 -2.90
C PRO A 89 -5.58 6.68 -3.09
N VAL A 90 -5.01 6.11 -4.13
CA VAL A 90 -5.25 4.72 -4.49
C VAL A 90 -3.95 4.01 -4.84
N CYS A 91 -4.06 2.76 -5.28
CA CYS A 91 -2.89 1.98 -5.64
C CYS A 91 -2.27 2.49 -6.93
N LYS A 92 -0.98 2.80 -6.87
CA LYS A 92 -0.27 3.36 -8.00
C LYS A 92 -0.11 2.36 -9.12
N ASN A 93 0.20 1.11 -8.78
CA ASN A 93 0.53 0.13 -9.80
C ASN A 93 0.09 -1.28 -9.42
N ILE A 94 0.65 -1.82 -8.36
CA ILE A 94 0.40 -3.21 -8.00
C ILE A 94 -0.47 -3.34 -6.76
N VAL A 95 -1.60 -4.02 -6.91
CA VAL A 95 -2.49 -4.29 -5.79
C VAL A 95 -2.03 -5.56 -5.07
N ALA A 96 -1.83 -5.45 -3.76
CA ALA A 96 -1.33 -6.56 -2.97
C ALA A 96 -1.78 -6.43 -1.53
N CYS A 97 -1.90 -7.54 -0.85
CA CYS A 97 -2.25 -7.51 0.57
C CYS A 97 -1.01 -7.79 1.39
N CYS A 98 -0.52 -6.74 2.04
CA CYS A 98 0.74 -6.82 2.76
C CYS A 98 0.52 -6.51 4.23
N PRO A 99 0.81 -7.50 5.11
CA PRO A 99 0.73 -7.32 6.55
C PRO A 99 1.96 -6.61 7.10
N GLU A 100 1.81 -5.96 8.24
CA GLU A 100 2.94 -5.40 8.95
C GLU A 100 3.51 -6.45 9.89
N GLY A 101 4.60 -7.08 9.48
CA GLY A 101 5.18 -8.12 10.29
C GLY A 101 5.03 -9.50 9.69
N THR A 102 5.71 -9.74 8.58
CA THR A 102 5.60 -11.01 7.88
C THR A 102 6.92 -11.41 7.24
N THR A 103 6.92 -12.53 6.55
CA THR A 103 8.07 -12.94 5.76
C THR A 103 8.03 -12.23 4.41
N ASN A 104 6.87 -12.27 3.79
CA ASN A 104 6.65 -11.54 2.56
C ASN A 104 5.17 -11.22 2.39
N CYS A 105 4.87 -10.30 1.50
CA CYS A 105 3.50 -9.93 1.21
C CYS A 105 3.16 -10.37 -0.21
N VAL A 106 1.96 -10.85 -0.43
CA VAL A 106 1.62 -11.43 -1.72
C VAL A 106 0.90 -10.43 -2.61
N ALA A 107 1.36 -10.35 -3.86
CA ALA A 107 0.71 -9.55 -4.88
C ALA A 107 -0.36 -10.38 -5.57
N VAL A 108 -1.55 -9.83 -5.70
CA VAL A 108 -2.68 -10.60 -6.20
C VAL A 108 -3.10 -10.15 -7.59
N ASP A 109 -2.16 -9.57 -8.34
CA ASP A 109 -2.46 -9.12 -9.68
C ASP A 109 -2.48 -10.30 -10.65
N ASN A 110 -1.38 -11.07 -10.69
CA ASN A 110 -1.25 -12.27 -11.52
C ASN A 110 -1.18 -11.93 -13.01
N ALA A 111 -2.15 -11.18 -13.47
CA ALA A 111 -2.23 -10.75 -14.85
C ALA A 111 -2.43 -9.25 -14.92
N GLY A 112 -3.59 -8.81 -14.49
CA GLY A 112 -3.90 -7.39 -14.50
C GLY A 112 -5.36 -7.12 -14.18
N ALA A 113 -5.66 -6.96 -12.90
CA ALA A 113 -7.03 -6.66 -12.48
C ALA A 113 -7.33 -5.18 -12.68
N GLY A 114 -6.91 -4.37 -11.72
CA GLY A 114 -7.09 -2.94 -11.81
C GLY A 114 -6.26 -2.20 -10.78
N THR A 115 -6.48 -0.91 -10.68
CA THR A 115 -5.78 -0.10 -9.70
C THR A 115 -6.75 0.40 -8.63
N LYS A 116 -8.04 0.32 -8.94
CA LYS A 116 -9.13 0.87 -8.10
C LYS A 116 -10.42 0.95 -8.90
N ALA A 117 -10.40 0.48 -10.15
CA ALA A 117 -11.55 0.55 -11.02
C ALA A 117 -11.97 -0.83 -11.47
N GLU A 118 -12.66 -1.53 -10.58
CA GLU A 118 -13.10 -2.88 -10.85
C GLU A 118 -14.56 -3.05 -10.48
N SER A 1 -17.73 -7.24 10.08
CA SER A 1 -17.08 -7.16 11.41
C SER A 1 -17.87 -6.26 12.34
N LEU A 2 -17.54 -6.30 13.63
CA LEU A 2 -18.17 -5.42 14.61
C LEU A 2 -17.12 -4.51 15.22
N PRO A 3 -17.27 -3.19 15.05
CA PRO A 3 -16.32 -2.18 15.54
C PRO A 3 -16.33 -2.04 17.07
N ALA A 4 -15.97 -3.11 17.75
CA ALA A 4 -15.89 -3.10 19.21
C ALA A 4 -14.46 -2.82 19.66
N SER A 5 -13.53 -2.86 18.72
CA SER A 5 -12.12 -2.59 18.99
C SER A 5 -11.41 -2.14 17.72
N ALA A 6 -10.35 -1.35 17.90
CA ALA A 6 -9.54 -0.84 16.79
C ALA A 6 -10.37 0.01 15.82
N ALA A 7 -11.46 0.59 16.31
CA ALA A 7 -12.32 1.41 15.47
C ALA A 7 -11.87 2.86 15.49
N LYS A 8 -10.71 3.12 14.90
CA LYS A 8 -10.14 4.46 14.86
C LYS A 8 -9.48 4.72 13.51
N ASN A 9 -9.70 5.91 12.96
CA ASN A 9 -9.08 6.35 11.69
C ASN A 9 -9.79 5.72 10.49
N ALA A 10 -10.23 4.47 10.64
CA ALA A 10 -10.97 3.74 9.62
C ALA A 10 -10.08 3.33 8.45
N LYS A 11 -9.89 4.21 7.49
CA LYS A 11 -9.18 3.87 6.28
C LYS A 11 -8.41 5.06 5.70
N LEU A 12 -8.20 5.03 4.39
CA LEU A 12 -7.42 6.04 3.68
C LEU A 12 -8.23 7.32 3.49
N ALA A 13 -8.81 7.82 4.58
CA ALA A 13 -9.66 9.02 4.59
C ALA A 13 -11.00 8.77 3.88
N THR A 14 -10.96 7.92 2.88
CA THR A 14 -12.14 7.57 2.10
C THR A 14 -11.92 6.22 1.44
N SER A 15 -10.86 6.12 0.66
CA SER A 15 -10.49 4.90 -0.07
C SER A 15 -11.72 4.33 -0.80
N ALA A 16 -12.45 5.18 -1.50
CA ALA A 16 -13.71 4.79 -2.12
C ALA A 16 -13.50 3.67 -3.14
N ALA A 17 -12.73 3.95 -4.17
CA ALA A 17 -12.45 2.97 -5.20
C ALA A 17 -11.45 1.93 -4.71
N PHE A 18 -10.63 2.34 -3.75
CA PHE A 18 -9.64 1.44 -3.17
C PHE A 18 -10.31 0.28 -2.45
N ALA A 19 -11.41 0.59 -1.77
CA ALA A 19 -12.18 -0.42 -1.05
C ALA A 19 -12.87 -1.39 -2.00
N LYS A 20 -13.03 -0.98 -3.26
CA LYS A 20 -13.63 -1.85 -4.26
C LYS A 20 -12.63 -2.93 -4.63
N GLN A 21 -11.36 -2.57 -4.53
CA GLN A 21 -10.26 -3.48 -4.77
C GLN A 21 -10.14 -4.49 -3.63
N ALA A 22 -10.61 -4.07 -2.45
CA ALA A 22 -10.57 -4.91 -1.26
C ALA A 22 -11.64 -5.99 -1.32
N GLU A 23 -12.48 -5.94 -2.35
CA GLU A 23 -13.49 -6.95 -2.55
C GLU A 23 -12.87 -8.17 -3.24
N GLY A 24 -11.74 -7.95 -3.89
CA GLY A 24 -11.05 -9.03 -4.55
C GLY A 24 -10.23 -9.85 -3.58
N THR A 25 -9.79 -9.21 -2.52
CA THR A 25 -8.97 -9.86 -1.49
C THR A 25 -9.36 -9.38 -0.10
N THR A 26 -9.92 -10.28 0.69
CA THR A 26 -10.24 -9.98 2.07
C THR A 26 -8.95 -9.82 2.88
N CYS A 27 -8.70 -8.60 3.34
CA CYS A 27 -7.53 -8.32 4.15
C CYS A 27 -7.86 -7.20 5.14
N ASN A 28 -7.04 -7.08 6.17
CA ASN A 28 -7.26 -6.11 7.23
C ASN A 28 -6.62 -4.78 6.86
N VAL A 29 -6.87 -3.74 7.64
CA VAL A 29 -6.25 -2.44 7.38
C VAL A 29 -4.74 -2.53 7.55
N GLY A 30 -4.31 -3.33 8.52
CA GLY A 30 -2.89 -3.56 8.73
C GLY A 30 -2.42 -4.79 7.98
N SER A 31 -3.13 -5.13 6.92
CA SER A 31 -2.78 -6.25 6.07
C SER A 31 -3.08 -5.92 4.59
N ILE A 32 -3.76 -4.82 4.37
CA ILE A 32 -4.05 -4.38 3.02
C ILE A 32 -2.99 -3.40 2.56
N ALA A 33 -2.48 -3.57 1.36
CA ALA A 33 -1.35 -2.80 0.92
C ALA A 33 -1.36 -2.54 -0.57
N CYS A 34 -0.54 -1.60 -0.99
CA CYS A 34 -0.32 -1.33 -2.39
C CYS A 34 1.16 -1.42 -2.70
N CYS A 35 1.50 -1.91 -3.89
CA CYS A 35 2.88 -2.06 -4.27
C CYS A 35 3.14 -1.33 -5.57
N ASN A 36 4.40 -0.96 -5.78
CA ASN A 36 4.81 -0.27 -6.99
C ASN A 36 6.10 -0.89 -7.52
N SER A 37 6.36 -0.67 -8.80
CA SER A 37 7.57 -1.19 -9.42
C SER A 37 8.82 -0.71 -8.68
N PRO A 38 9.85 -1.57 -8.57
CA PRO A 38 11.07 -1.30 -7.79
C PRO A 38 11.73 0.04 -8.12
N ALA A 39 11.64 0.45 -9.39
CA ALA A 39 12.25 1.71 -9.83
C ALA A 39 11.58 2.92 -9.19
N GLU A 40 10.49 2.68 -8.48
CA GLU A 40 9.75 3.75 -7.83
C GLU A 40 9.84 3.60 -6.32
N THR A 41 9.77 2.36 -5.84
CA THR A 41 9.91 2.08 -4.43
C THR A 41 11.32 2.41 -3.97
N ASN A 42 12.28 2.22 -4.86
CA ASN A 42 13.68 2.43 -4.55
C ASN A 42 14.15 3.75 -5.15
N ASN A 43 13.19 4.57 -5.55
CA ASN A 43 13.49 5.86 -6.20
C ASN A 43 14.17 6.81 -5.23
N ASP A 44 13.86 6.64 -3.96
CA ASP A 44 14.49 7.44 -2.92
C ASP A 44 15.33 6.56 -2.02
N SER A 45 16.49 7.06 -1.62
CA SER A 45 17.37 6.34 -0.71
C SER A 45 16.74 6.23 0.67
N LEU A 46 15.87 7.17 0.99
CA LEU A 46 15.16 7.17 2.27
C LEU A 46 13.90 6.32 2.16
N LEU A 47 13.41 6.17 0.93
CA LEU A 47 12.17 5.43 0.68
C LEU A 47 12.31 3.97 1.10
N SER A 48 13.45 3.37 0.77
CA SER A 48 13.67 1.96 1.02
C SER A 48 13.70 1.65 2.52
N GLY A 49 14.07 2.64 3.33
CA GLY A 49 14.02 2.47 4.78
C GLY A 49 12.70 2.95 5.34
N LEU A 50 12.02 3.80 4.56
CA LEU A 50 10.72 4.35 4.94
C LEU A 50 9.65 3.26 4.88
N LEU A 51 9.77 2.37 3.91
CA LEU A 51 8.78 1.30 3.72
C LEU A 51 8.94 0.22 4.79
N GLY A 52 10.13 0.09 5.33
CA GLY A 52 10.39 -0.95 6.30
C GLY A 52 10.17 -0.45 7.71
N ALA A 53 8.96 0.03 7.99
CA ALA A 53 8.64 0.60 9.29
C ALA A 53 8.36 -0.48 10.33
N GLY A 54 9.36 -1.32 10.57
CA GLY A 54 9.23 -2.34 11.59
C GLY A 54 9.37 -3.73 11.04
N LEU A 55 10.60 -4.08 10.62
CA LEU A 55 10.91 -5.43 10.13
C LEU A 55 10.01 -5.80 8.95
N LEU A 56 9.65 -4.80 8.17
CA LEU A 56 8.75 -4.98 7.04
C LEU A 56 9.50 -5.53 5.83
N ASN A 57 8.83 -6.36 5.07
CA ASN A 57 9.40 -6.93 3.86
C ASN A 57 8.52 -6.55 2.68
N GLY A 58 8.89 -7.02 1.50
CA GLY A 58 8.17 -6.64 0.30
C GLY A 58 7.50 -7.81 -0.36
N LEU A 59 7.84 -8.04 -1.62
CA LEU A 59 7.25 -9.13 -2.39
C LEU A 59 7.66 -10.48 -1.80
N SER A 60 6.74 -11.42 -1.84
CA SER A 60 6.97 -12.76 -1.32
C SER A 60 8.17 -13.44 -2.00
N GLY A 61 9.34 -13.31 -1.37
CA GLY A 61 10.53 -13.96 -1.86
C GLY A 61 11.34 -13.09 -2.82
N ASN A 62 10.79 -11.94 -3.19
CA ASN A 62 11.45 -11.08 -4.18
C ASN A 62 12.07 -9.86 -3.52
N THR A 63 13.24 -9.48 -4.01
CA THR A 63 13.95 -8.34 -3.52
C THR A 63 13.84 -7.16 -4.49
N GLY A 64 13.60 -5.98 -3.96
CA GLY A 64 13.51 -4.80 -4.79
C GLY A 64 12.11 -4.23 -4.80
N SER A 65 11.13 -5.11 -4.83
CA SER A 65 9.73 -4.71 -4.83
C SER A 65 9.19 -4.79 -3.40
N ALA A 66 8.80 -3.64 -2.86
CA ALA A 66 8.27 -3.57 -1.50
C ALA A 66 6.95 -2.83 -1.49
N CYS A 67 6.09 -3.17 -0.53
CA CYS A 67 4.77 -2.58 -0.46
C CYS A 67 4.48 -2.07 0.95
N ALA A 68 3.72 -0.98 1.04
CA ALA A 68 3.33 -0.41 2.31
C ALA A 68 1.83 -0.51 2.51
N LYS A 69 1.39 -0.53 3.76
CA LYS A 69 0.00 -0.76 4.09
C LYS A 69 -0.71 0.55 4.39
N ALA A 70 -2.02 0.47 4.60
CA ALA A 70 -2.83 1.65 4.88
C ALA A 70 -2.36 2.32 6.17
N SER A 71 -2.02 1.53 7.16
CA SER A 71 -1.51 2.05 8.41
C SER A 71 -0.16 2.75 8.20
N LEU A 72 0.64 2.20 7.30
CA LEU A 72 1.94 2.78 6.99
C LEU A 72 1.78 4.06 6.18
N ILE A 73 0.63 4.19 5.51
CA ILE A 73 0.32 5.39 4.75
C ILE A 73 0.31 6.60 5.69
N ASP A 74 -0.25 6.41 6.88
CA ASP A 74 -0.29 7.48 7.87
C ASP A 74 0.97 7.48 8.73
N GLN A 75 1.88 6.58 8.42
CA GLN A 75 3.11 6.43 9.17
C GLN A 75 4.24 7.25 8.55
N LEU A 76 4.48 7.01 7.26
CA LEU A 76 5.62 7.65 6.60
C LEU A 76 5.19 8.52 5.42
N GLY A 77 3.96 8.34 4.95
CA GLY A 77 3.49 9.11 3.81
C GLY A 77 4.20 8.72 2.53
N LEU A 78 4.27 7.42 2.27
CA LEU A 78 4.98 6.90 1.12
C LEU A 78 4.19 7.10 -0.17
N LEU A 79 4.53 8.15 -0.91
CA LEU A 79 3.87 8.46 -2.18
C LEU A 79 4.35 7.54 -3.30
N ALA A 80 5.21 6.57 -2.96
CA ALA A 80 5.77 5.67 -3.94
C ALA A 80 4.72 4.72 -4.51
N LEU A 81 3.84 4.21 -3.66
CA LEU A 81 2.88 3.20 -4.07
C LEU A 81 1.44 3.70 -3.93
N VAL A 82 1.29 4.96 -3.56
CA VAL A 82 -0.04 5.53 -3.42
C VAL A 82 -0.29 6.56 -4.50
N ASP A 83 -1.49 6.52 -5.08
CA ASP A 83 -1.86 7.46 -6.13
C ASP A 83 -3.06 8.27 -5.67
N HIS A 84 -3.37 9.32 -6.40
CA HIS A 84 -4.47 10.19 -6.05
C HIS A 84 -5.39 10.43 -7.23
N THR A 85 -6.48 9.70 -7.26
CA THR A 85 -7.50 9.91 -8.25
C THR A 85 -8.60 10.79 -7.66
N GLU A 86 -9.71 10.90 -8.36
CA GLU A 86 -10.86 11.63 -7.85
C GLU A 86 -11.68 10.74 -6.91
N GLU A 87 -11.11 9.58 -6.59
CA GLU A 87 -11.72 8.66 -5.64
C GLU A 87 -10.97 8.71 -4.32
N GLY A 88 -10.00 9.62 -4.24
CA GLY A 88 -9.22 9.78 -3.02
C GLY A 88 -7.88 9.08 -3.11
N PRO A 89 -7.23 8.83 -1.96
CA PRO A 89 -5.99 8.04 -1.91
C PRO A 89 -6.22 6.60 -2.35
N VAL A 90 -5.59 6.20 -3.44
CA VAL A 90 -5.85 4.91 -4.03
C VAL A 90 -4.57 4.18 -4.39
N CYS A 91 -4.72 2.96 -4.90
CA CYS A 91 -3.58 2.17 -5.34
C CYS A 91 -2.94 2.79 -6.57
N LYS A 92 -1.62 2.94 -6.54
CA LYS A 92 -0.89 3.52 -7.64
C LYS A 92 -0.61 2.48 -8.72
N ASN A 93 -0.41 1.23 -8.29
CA ASN A 93 -0.03 0.17 -9.21
C ASN A 93 -0.70 -1.15 -8.87
N ILE A 94 -0.02 -1.99 -8.11
CA ILE A 94 -0.50 -3.34 -7.86
C ILE A 94 -1.02 -3.47 -6.43
N VAL A 95 -2.02 -4.33 -6.25
CA VAL A 95 -2.63 -4.55 -4.95
C VAL A 95 -2.11 -5.84 -4.33
N ALA A 96 -1.85 -5.80 -3.02
CA ALA A 96 -1.25 -6.94 -2.34
C ALA A 96 -1.77 -7.06 -0.91
N CYS A 97 -1.61 -8.24 -0.33
CA CYS A 97 -1.96 -8.47 1.06
C CYS A 97 -0.67 -8.56 1.87
N CYS A 98 -0.43 -7.52 2.65
CA CYS A 98 0.85 -7.33 3.31
C CYS A 98 0.66 -7.18 4.82
N PRO A 99 1.05 -8.19 5.61
CA PRO A 99 0.91 -8.15 7.07
C PRO A 99 1.86 -7.14 7.72
N GLU A 100 1.31 -6.25 8.53
CA GLU A 100 2.12 -5.31 9.30
C GLU A 100 2.77 -6.03 10.48
N GLY A 101 4.05 -6.32 10.37
CA GLY A 101 4.74 -6.98 11.45
C GLY A 101 6.07 -7.56 11.00
N THR A 102 6.02 -8.58 10.16
CA THR A 102 7.24 -9.25 9.70
C THR A 102 7.00 -10.05 8.43
N THR A 103 8.09 -10.33 7.69
CA THR A 103 8.07 -11.25 6.55
C THR A 103 7.37 -10.63 5.33
N ASN A 104 7.56 -11.30 4.18
CA ASN A 104 7.13 -10.78 2.90
C ASN A 104 5.63 -10.89 2.71
N CYS A 105 5.12 -10.15 1.73
CA CYS A 105 3.70 -10.07 1.48
C CYS A 105 3.37 -10.54 0.07
N VAL A 106 2.21 -11.19 -0.07
CA VAL A 106 1.80 -11.73 -1.35
C VAL A 106 0.97 -10.70 -2.12
N ALA A 107 1.06 -10.74 -3.44
CA ALA A 107 0.30 -9.82 -4.29
C ALA A 107 -0.79 -10.57 -5.04
N VAL A 108 -1.95 -9.97 -5.16
CA VAL A 108 -3.08 -10.62 -5.82
C VAL A 108 -3.25 -10.11 -7.24
N ASP A 109 -2.38 -9.19 -7.62
CA ASP A 109 -2.36 -8.65 -8.97
C ASP A 109 -1.28 -9.35 -9.78
N ASN A 110 -1.33 -9.23 -11.11
CA ASN A 110 -0.35 -9.90 -11.96
C ASN A 110 0.26 -8.97 -13.00
N ALA A 111 -0.25 -7.74 -13.11
CA ALA A 111 0.22 -6.86 -14.17
C ALA A 111 -0.08 -5.38 -13.90
N GLY A 112 -0.24 -5.03 -12.63
CA GLY A 112 -0.51 -3.64 -12.28
C GLY A 112 -1.89 -3.19 -12.70
N ALA A 113 -2.85 -4.10 -12.66
CA ALA A 113 -4.21 -3.80 -13.06
C ALA A 113 -5.01 -3.27 -11.88
N GLY A 114 -4.64 -2.08 -11.42
CA GLY A 114 -5.33 -1.47 -10.31
C GLY A 114 -6.45 -0.55 -10.77
N THR A 115 -7.42 -1.10 -11.48
CA THR A 115 -8.54 -0.32 -11.98
C THR A 115 -9.44 0.15 -10.83
N LYS A 116 -9.35 -0.55 -9.70
CA LYS A 116 -10.17 -0.30 -8.51
C LYS A 116 -11.62 -0.69 -8.77
N ALA A 117 -12.32 0.10 -9.55
CA ALA A 117 -13.70 -0.21 -9.91
C ALA A 117 -13.80 -0.36 -11.43
N GLU A 118 -14.08 -1.57 -11.86
CA GLU A 118 -14.15 -1.89 -13.28
C GLU A 118 -15.40 -2.72 -13.55
N SER A 1 2.20 21.43 1.03
CA SER A 1 1.74 21.30 2.43
C SER A 1 2.21 19.97 3.01
N LEU A 2 2.48 19.96 4.30
CA LEU A 2 2.96 18.75 4.97
C LEU A 2 2.10 18.46 6.20
N PRO A 3 1.79 17.17 6.45
CA PRO A 3 1.02 16.75 7.61
C PRO A 3 1.82 16.89 8.91
N ALA A 4 3.13 16.60 8.82
CA ALA A 4 4.05 16.77 9.95
C ALA A 4 3.59 16.01 11.21
N SER A 5 2.92 14.87 10.99
CA SER A 5 2.39 14.04 12.07
C SER A 5 1.33 14.78 12.89
N ALA A 6 0.74 15.80 12.29
CA ALA A 6 -0.34 16.53 12.94
C ALA A 6 -1.69 15.97 12.50
N ALA A 7 -1.67 15.10 11.51
CA ALA A 7 -2.89 14.55 10.93
C ALA A 7 -3.24 13.20 11.54
N LYS A 8 -2.66 12.13 10.99
CA LYS A 8 -3.03 10.76 11.37
C LYS A 8 -4.51 10.54 11.08
N ASN A 9 -4.88 10.69 9.81
CA ASN A 9 -6.28 10.68 9.43
C ASN A 9 -6.69 9.34 8.84
N ALA A 10 -5.85 8.77 7.98
CA ALA A 10 -6.10 7.47 7.36
C ALA A 10 -7.49 7.37 6.75
N LYS A 11 -7.71 8.04 5.62
CA LYS A 11 -8.96 7.87 4.88
C LYS A 11 -9.13 6.41 4.50
N LEU A 12 -8.49 6.04 3.39
CA LEU A 12 -8.46 4.67 2.89
C LEU A 12 -9.83 4.23 2.37
N ALA A 13 -10.84 4.32 3.22
CA ALA A 13 -12.18 3.87 2.88
C ALA A 13 -12.90 4.91 2.04
N THR A 14 -12.57 6.18 2.30
CA THR A 14 -13.19 7.29 1.60
C THR A 14 -12.69 7.42 0.16
N SER A 15 -11.87 6.47 -0.26
CA SER A 15 -11.47 6.36 -1.66
C SER A 15 -12.56 5.67 -2.44
N ALA A 16 -13.23 4.70 -1.77
CA ALA A 16 -14.25 3.85 -2.38
C ALA A 16 -13.65 2.91 -3.41
N ALA A 17 -12.92 3.48 -4.36
CA ALA A 17 -12.31 2.75 -5.45
C ALA A 17 -11.22 1.79 -4.95
N PHE A 18 -10.62 2.10 -3.80
CA PHE A 18 -9.65 1.19 -3.21
C PHE A 18 -10.36 0.17 -2.32
N ALA A 19 -11.51 0.55 -1.81
CA ALA A 19 -12.29 -0.35 -0.97
C ALA A 19 -12.79 -1.57 -1.75
N LYS A 20 -13.21 -1.34 -2.99
CA LYS A 20 -13.63 -2.42 -3.87
C LYS A 20 -12.43 -3.26 -4.26
N GLN A 21 -11.26 -2.64 -4.22
CA GLN A 21 -10.00 -3.30 -4.51
C GLN A 21 -9.60 -4.21 -3.35
N ALA A 22 -9.93 -3.77 -2.14
CA ALA A 22 -9.58 -4.47 -0.92
C ALA A 22 -10.31 -5.80 -0.80
N GLU A 23 -11.39 -5.95 -1.56
CA GLU A 23 -12.18 -7.17 -1.53
C GLU A 23 -11.63 -8.20 -2.51
N GLY A 24 -10.57 -7.82 -3.21
CA GLY A 24 -9.96 -8.74 -4.17
C GLY A 24 -9.15 -9.82 -3.48
N THR A 25 -8.67 -9.53 -2.28
CA THR A 25 -7.88 -10.47 -1.49
C THR A 25 -8.31 -10.41 -0.03
N THR A 26 -7.79 -11.32 0.79
CA THR A 26 -8.01 -11.25 2.22
C THR A 26 -7.24 -10.09 2.81
N CYS A 27 -7.93 -8.96 2.99
CA CYS A 27 -7.28 -7.76 3.46
C CYS A 27 -8.04 -7.14 4.62
N ASN A 28 -7.31 -6.74 5.65
CA ASN A 28 -7.91 -6.13 6.83
C ASN A 28 -6.95 -5.08 7.38
N VAL A 29 -7.17 -4.67 8.63
CA VAL A 29 -6.28 -3.71 9.27
C VAL A 29 -4.87 -4.28 9.38
N GLY A 30 -3.87 -3.46 9.03
CA GLY A 30 -2.49 -3.91 9.09
C GLY A 30 -2.14 -4.91 8.01
N SER A 31 -3.14 -5.39 7.28
CA SER A 31 -2.93 -6.36 6.21
C SER A 31 -3.25 -5.75 4.85
N ILE A 32 -3.78 -4.54 4.87
CA ILE A 32 -4.15 -3.85 3.66
C ILE A 32 -2.97 -2.99 3.20
N ALA A 33 -2.59 -3.12 1.94
CA ALA A 33 -1.41 -2.46 1.43
C ALA A 33 -1.54 -2.13 -0.05
N CYS A 34 -0.52 -1.47 -0.57
CA CYS A 34 -0.40 -1.20 -1.99
C CYS A 34 1.06 -1.36 -2.39
N CYS A 35 1.31 -1.80 -3.61
CA CYS A 35 2.67 -2.05 -4.05
C CYS A 35 2.95 -1.35 -5.37
N ASN A 36 4.22 -1.17 -5.66
CA ASN A 36 4.66 -0.51 -6.88
C ASN A 36 6.05 -1.00 -7.24
N SER A 37 6.43 -0.84 -8.50
CA SER A 37 7.75 -1.21 -8.99
C SER A 37 8.86 -0.67 -8.08
N PRO A 38 9.88 -1.51 -7.81
CA PRO A 38 11.01 -1.14 -6.95
C PRO A 38 11.67 0.16 -7.36
N ALA A 39 11.74 0.43 -8.66
CA ALA A 39 12.38 1.64 -9.17
C ALA A 39 11.68 2.90 -8.66
N GLU A 40 10.44 2.76 -8.22
CA GLU A 40 9.66 3.88 -7.71
C GLU A 40 9.85 3.99 -6.20
N THR A 41 9.62 2.89 -5.50
CA THR A 41 9.71 2.86 -4.05
C THR A 41 11.15 3.01 -3.57
N ASN A 42 12.10 2.70 -4.44
CA ASN A 42 13.51 2.78 -4.08
C ASN A 42 14.17 3.99 -4.73
N ASN A 43 13.38 4.85 -5.36
CA ASN A 43 13.90 6.03 -6.04
C ASN A 43 14.48 7.02 -5.04
N ASP A 44 13.87 7.08 -3.87
CA ASP A 44 14.35 7.94 -2.80
C ASP A 44 15.21 7.11 -1.85
N SER A 45 16.36 7.66 -1.46
CA SER A 45 17.27 6.95 -0.57
C SER A 45 16.63 6.70 0.79
N LEU A 46 15.67 7.52 1.16
CA LEU A 46 14.96 7.36 2.41
C LEU A 46 13.72 6.50 2.24
N LEU A 47 13.23 6.42 1.01
CA LEU A 47 12.01 5.66 0.72
C LEU A 47 12.22 4.18 0.96
N SER A 48 13.44 3.72 0.72
CA SER A 48 13.77 2.31 0.88
C SER A 48 13.72 1.89 2.36
N GLY A 49 13.69 2.88 3.25
CA GLY A 49 13.51 2.60 4.65
C GLY A 49 12.10 2.94 5.12
N LEU A 50 11.43 3.78 4.34
CA LEU A 50 10.09 4.26 4.67
C LEU A 50 9.05 3.16 4.47
N LEU A 51 9.38 2.18 3.64
CA LEU A 51 8.47 1.08 3.34
C LEU A 51 8.40 0.09 4.49
N GLY A 52 9.32 0.20 5.44
CA GLY A 52 9.35 -0.71 6.56
C GLY A 52 9.63 -0.02 7.87
N ALA A 53 8.59 0.49 8.51
CA ALA A 53 8.74 1.23 9.77
C ALA A 53 9.27 0.33 10.89
N GLY A 54 9.10 -0.97 10.74
CA GLY A 54 9.58 -1.89 11.76
C GLY A 54 9.98 -3.23 11.20
N LEU A 55 11.05 -3.25 10.39
CA LEU A 55 11.64 -4.49 9.87
C LEU A 55 10.66 -5.27 9.00
N LEU A 56 9.91 -4.54 8.19
CA LEU A 56 8.90 -5.14 7.32
C LEU A 56 9.53 -5.90 6.16
N ASN A 57 8.71 -6.61 5.40
CA ASN A 57 9.19 -7.45 4.31
C ASN A 57 8.65 -6.93 2.99
N GLY A 58 8.98 -7.64 1.91
CA GLY A 58 8.60 -7.18 0.59
C GLY A 58 7.66 -8.14 -0.10
N LEU A 59 7.69 -8.17 -1.42
CA LEU A 59 6.86 -9.09 -2.19
C LEU A 59 7.28 -10.54 -1.94
N SER A 60 6.31 -11.40 -1.71
CA SER A 60 6.57 -12.81 -1.46
C SER A 60 7.20 -13.46 -2.69
N GLY A 61 8.49 -13.73 -2.60
CA GLY A 61 9.18 -14.42 -3.68
C GLY A 61 10.00 -13.48 -4.54
N ASN A 62 9.46 -12.30 -4.80
CA ASN A 62 10.14 -11.32 -5.63
C ASN A 62 10.90 -10.32 -4.77
N THR A 63 12.21 -10.50 -4.70
CA THR A 63 13.06 -9.60 -3.91
C THR A 63 13.27 -8.27 -4.63
N GLY A 64 12.23 -7.46 -4.68
CA GLY A 64 12.32 -6.17 -5.32
C GLY A 64 11.21 -5.24 -4.88
N SER A 65 9.98 -5.65 -5.09
CA SER A 65 8.82 -4.84 -4.72
C SER A 65 8.61 -4.86 -3.20
N ALA A 66 8.26 -3.71 -2.66
CA ALA A 66 7.94 -3.59 -1.25
C ALA A 66 6.60 -2.89 -1.10
N CYS A 67 5.71 -3.44 -0.29
CA CYS A 67 4.38 -2.88 -0.17
C CYS A 67 4.14 -2.36 1.23
N ALA A 68 3.63 -1.14 1.32
CA ALA A 68 3.39 -0.50 2.60
C ALA A 68 1.91 -0.52 2.92
N LYS A 69 1.61 -0.68 4.20
CA LYS A 69 0.23 -0.85 4.64
C LYS A 69 -0.40 0.50 4.94
N ALA A 70 -1.73 0.53 4.97
CA ALA A 70 -2.48 1.78 5.16
C ALA A 70 -2.11 2.48 6.47
N SER A 71 -1.65 1.73 7.45
CA SER A 71 -1.30 2.28 8.75
C SER A 71 0.00 3.05 8.63
N LEU A 72 0.80 2.63 7.68
CA LEU A 72 2.11 3.22 7.46
C LEU A 72 2.02 4.35 6.46
N ILE A 73 0.94 4.40 5.70
CA ILE A 73 0.75 5.44 4.71
C ILE A 73 0.60 6.80 5.40
N ASP A 74 -0.11 6.82 6.52
CA ASP A 74 -0.28 8.06 7.30
C ASP A 74 0.90 8.25 8.25
N GLN A 75 1.92 7.41 8.10
CA GLN A 75 3.09 7.48 8.96
C GLN A 75 4.11 8.44 8.38
N LEU A 76 4.49 8.22 7.12
CA LEU A 76 5.57 8.99 6.53
C LEU A 76 5.25 9.49 5.13
N GLY A 77 4.05 9.19 4.62
CA GLY A 77 3.68 9.68 3.29
C GLY A 77 4.25 8.82 2.18
N LEU A 78 4.01 7.51 2.24
CA LEU A 78 4.52 6.57 1.25
C LEU A 78 3.86 6.76 -0.13
N LEU A 79 4.13 7.91 -0.76
CA LEU A 79 3.51 8.28 -2.02
C LEU A 79 4.02 7.45 -3.21
N ALA A 80 5.00 6.58 -2.95
CA ALA A 80 5.60 5.78 -4.01
C ALA A 80 4.73 4.58 -4.38
N LEU A 81 4.01 4.06 -3.40
CA LEU A 81 3.24 2.85 -3.61
C LEU A 81 1.76 3.15 -3.79
N VAL A 82 1.35 4.31 -3.29
CA VAL A 82 -0.04 4.74 -3.42
C VAL A 82 -0.13 5.90 -4.38
N ASP A 83 -1.16 5.87 -5.23
CA ASP A 83 -1.41 6.95 -6.15
C ASP A 83 -2.66 7.68 -5.75
N HIS A 84 -2.80 8.92 -6.20
CA HIS A 84 -3.95 9.71 -5.83
C HIS A 84 -4.80 10.06 -7.03
N THR A 85 -6.02 9.56 -7.02
CA THR A 85 -7.00 9.91 -8.03
C THR A 85 -8.05 10.82 -7.42
N GLU A 86 -9.08 11.16 -8.17
CA GLU A 86 -10.11 12.07 -7.66
C GLU A 86 -10.89 11.44 -6.51
N GLU A 87 -10.97 10.11 -6.51
CA GLU A 87 -11.68 9.38 -5.46
C GLU A 87 -10.91 9.46 -4.14
N GLY A 88 -9.59 9.34 -4.22
CA GLY A 88 -8.77 9.36 -3.03
C GLY A 88 -7.48 8.58 -3.21
N PRO A 89 -6.84 8.18 -2.10
CA PRO A 89 -5.64 7.36 -2.14
C PRO A 89 -5.94 5.93 -2.58
N VAL A 90 -5.30 5.49 -3.66
CA VAL A 90 -5.58 4.19 -4.24
C VAL A 90 -4.29 3.51 -4.65
N CYS A 91 -4.37 2.22 -5.01
CA CYS A 91 -3.19 1.47 -5.41
C CYS A 91 -2.63 2.01 -6.72
N LYS A 92 -1.34 2.33 -6.70
CA LYS A 92 -0.68 2.98 -7.81
C LYS A 92 -0.61 2.06 -9.02
N ASN A 93 0.12 0.98 -8.85
CA ASN A 93 0.42 0.09 -9.95
C ASN A 93 -0.03 -1.33 -9.65
N ILE A 94 0.55 -1.93 -8.62
CA ILE A 94 0.26 -3.31 -8.29
C ILE A 94 -0.57 -3.42 -7.03
N VAL A 95 -1.75 -4.00 -7.16
CA VAL A 95 -2.61 -4.24 -6.01
C VAL A 95 -2.15 -5.50 -5.26
N ALA A 96 -1.62 -5.29 -4.06
CA ALA A 96 -1.08 -6.38 -3.27
C ALA A 96 -1.24 -6.08 -1.79
N CYS A 97 -1.61 -7.08 -1.01
CA CYS A 97 -1.86 -6.87 0.41
C CYS A 97 -0.72 -7.44 1.23
N CYS A 98 -0.48 -6.83 2.39
CA CYS A 98 0.73 -7.08 3.15
C CYS A 98 0.47 -6.95 4.64
N PRO A 99 1.01 -7.89 5.44
CA PRO A 99 0.85 -7.85 6.90
C PRO A 99 1.86 -6.92 7.55
N GLU A 100 1.50 -6.36 8.70
CA GLU A 100 2.43 -5.53 9.46
C GLU A 100 3.24 -6.39 10.42
N GLY A 101 4.40 -5.89 10.82
CA GLY A 101 5.26 -6.63 11.70
C GLY A 101 6.34 -7.36 10.94
N THR A 102 5.93 -8.21 10.00
CA THR A 102 6.85 -9.00 9.22
C THR A 102 6.08 -9.82 8.19
N THR A 103 6.79 -10.71 7.50
CA THR A 103 6.24 -11.54 6.44
C THR A 103 5.99 -10.74 5.17
N ASN A 104 6.13 -11.41 4.05
CA ASN A 104 6.02 -10.76 2.75
C ASN A 104 4.57 -10.42 2.41
N CYS A 105 4.42 -9.73 1.30
CA CYS A 105 3.11 -9.37 0.79
C CYS A 105 2.79 -10.16 -0.46
N VAL A 106 1.52 -10.47 -0.65
CA VAL A 106 1.11 -11.28 -1.79
C VAL A 106 0.50 -10.39 -2.88
N ALA A 107 0.85 -10.67 -4.12
CA ALA A 107 0.33 -9.90 -5.24
C ALA A 107 -0.63 -10.76 -6.05
N VAL A 108 -1.92 -10.46 -5.95
CA VAL A 108 -2.95 -11.28 -6.56
C VAL A 108 -2.99 -11.10 -8.08
N ASP A 109 -2.18 -10.19 -8.55
CA ASP A 109 -2.09 -9.89 -9.98
C ASP A 109 -0.68 -10.15 -10.49
N ASN A 110 0.29 -10.05 -9.56
CA ASN A 110 1.72 -10.16 -9.86
C ASN A 110 2.23 -8.85 -10.44
N ALA A 111 1.66 -8.47 -11.58
CA ALA A 111 2.02 -7.23 -12.26
C ALA A 111 1.18 -7.04 -13.51
N GLY A 112 0.25 -6.09 -13.47
CA GLY A 112 -0.53 -5.77 -14.64
C GLY A 112 -1.87 -5.15 -14.29
N ALA A 113 -2.32 -5.35 -13.06
CA ALA A 113 -3.62 -4.85 -12.64
C ALA A 113 -3.50 -3.91 -11.45
N GLY A 114 -4.11 -2.75 -11.58
CA GLY A 114 -4.09 -1.78 -10.51
C GLY A 114 -4.92 -0.57 -10.87
N THR A 115 -4.71 0.54 -10.15
CA THR A 115 -5.44 1.78 -10.40
C THR A 115 -6.96 1.57 -10.34
N LYS A 116 -7.40 0.86 -9.29
CA LYS A 116 -8.83 0.68 -8.98
C LYS A 116 -9.52 -0.27 -9.95
N ALA A 117 -8.74 -1.01 -10.72
CA ALA A 117 -9.27 -1.93 -11.72
C ALA A 117 -9.90 -3.16 -11.07
N GLU A 118 -11.23 -3.18 -11.07
CA GLU A 118 -11.99 -4.33 -10.59
C GLU A 118 -13.37 -4.29 -11.22
N SER A 1 3.61 22.02 14.19
CA SER A 1 4.85 22.80 13.94
C SER A 1 5.25 22.70 12.48
N LEU A 2 4.27 22.83 11.60
CA LEU A 2 4.49 22.69 10.17
C LEU A 2 3.36 23.38 9.42
N PRO A 3 3.67 23.99 8.25
CA PRO A 3 2.64 24.58 7.39
C PRO A 3 1.57 23.54 7.03
N ALA A 4 2.03 22.39 6.56
CA ALA A 4 1.17 21.23 6.29
C ALA A 4 0.01 21.56 5.36
N SER A 5 0.21 22.53 4.48
CA SER A 5 -0.78 22.87 3.48
C SER A 5 -0.76 21.83 2.37
N ALA A 6 0.44 21.49 1.93
CA ALA A 6 0.65 20.45 0.93
C ALA A 6 1.74 19.50 1.40
N ALA A 7 1.58 18.98 2.61
CA ALA A 7 2.57 18.10 3.21
C ALA A 7 1.89 16.93 3.89
N LYS A 8 2.37 15.73 3.61
CA LYS A 8 1.83 14.50 4.18
C LYS A 8 0.37 14.30 3.75
N ASN A 9 0.14 14.44 2.45
CA ASN A 9 -1.19 14.30 1.87
C ASN A 9 -1.57 12.83 1.73
N ALA A 10 -1.58 12.14 2.86
CA ALA A 10 -1.92 10.73 2.89
C ALA A 10 -3.17 10.50 3.72
N LYS A 11 -4.30 10.35 3.05
CA LYS A 11 -5.57 10.11 3.71
C LYS A 11 -5.91 8.63 3.72
N LEU A 12 -6.03 8.05 2.50
CA LEU A 12 -6.22 6.61 2.31
C LEU A 12 -7.65 6.16 2.67
N ALA A 13 -8.12 6.56 3.83
CA ALA A 13 -9.45 6.19 4.30
C ALA A 13 -10.54 6.78 3.41
N THR A 14 -10.25 7.94 2.84
CA THR A 14 -11.20 8.62 1.97
C THR A 14 -11.22 8.00 0.57
N SER A 15 -10.18 7.22 0.25
CA SER A 15 -10.08 6.55 -1.02
C SER A 15 -10.93 5.28 -1.03
N ALA A 16 -12.24 5.47 -1.12
CA ALA A 16 -13.18 4.36 -1.11
C ALA A 16 -12.82 3.32 -2.16
N ALA A 17 -12.40 3.77 -3.34
CA ALA A 17 -12.07 2.88 -4.43
C ALA A 17 -10.93 1.92 -4.08
N PHE A 18 -10.03 2.40 -3.23
CA PHE A 18 -8.87 1.61 -2.83
C PHE A 18 -9.32 0.46 -1.93
N ALA A 19 -10.20 0.76 -1.00
CA ALA A 19 -10.69 -0.25 -0.07
C ALA A 19 -11.75 -1.13 -0.72
N LYS A 20 -12.49 -0.56 -1.66
CA LYS A 20 -13.47 -1.32 -2.42
C LYS A 20 -12.76 -2.40 -3.22
N GLN A 21 -11.57 -2.07 -3.69
CA GLN A 21 -10.74 -3.02 -4.39
C GLN A 21 -10.20 -4.08 -3.45
N ALA A 22 -10.02 -3.68 -2.18
CA ALA A 22 -9.52 -4.59 -1.15
C ALA A 22 -10.62 -5.55 -0.72
N GLU A 23 -11.83 -5.31 -1.19
CA GLU A 23 -12.96 -6.18 -0.91
C GLU A 23 -12.97 -7.37 -1.85
N GLY A 24 -12.05 -7.35 -2.83
CA GLY A 24 -11.97 -8.42 -3.80
C GLY A 24 -10.91 -9.45 -3.44
N THR A 25 -10.12 -9.13 -2.43
CA THR A 25 -9.10 -10.05 -1.94
C THR A 25 -9.13 -10.09 -0.41
N THR A 26 -8.71 -11.19 0.19
CA THR A 26 -8.75 -11.33 1.63
C THR A 26 -7.55 -10.67 2.29
N CYS A 27 -7.72 -9.43 2.73
CA CYS A 27 -6.71 -8.73 3.51
C CYS A 27 -7.41 -7.92 4.60
N ASN A 28 -6.71 -7.62 5.67
CA ASN A 28 -7.32 -6.96 6.83
C ASN A 28 -6.75 -5.55 6.99
N VAL A 29 -7.20 -4.83 8.00
CA VAL A 29 -6.67 -3.51 8.30
C VAL A 29 -5.18 -3.61 8.60
N GLY A 30 -4.41 -2.66 8.08
CA GLY A 30 -2.97 -2.72 8.24
C GLY A 30 -2.32 -3.68 7.27
N SER A 31 -3.12 -4.53 6.62
CA SER A 31 -2.60 -5.48 5.66
C SER A 31 -2.92 -5.04 4.23
N ILE A 32 -3.64 -3.94 4.08
CA ILE A 32 -3.92 -3.41 2.75
C ILE A 32 -2.73 -2.62 2.26
N ALA A 33 -2.01 -3.18 1.32
CA ALA A 33 -0.77 -2.58 0.88
C ALA A 33 -0.78 -2.30 -0.61
N CYS A 34 -0.15 -1.21 -1.01
CA CYS A 34 0.01 -0.89 -2.40
C CYS A 34 1.47 -1.10 -2.81
N CYS A 35 1.66 -1.77 -3.93
CA CYS A 35 2.98 -2.07 -4.42
C CYS A 35 3.26 -1.32 -5.71
N ASN A 36 4.52 -0.99 -5.93
CA ASN A 36 4.94 -0.37 -7.17
C ASN A 36 6.22 -1.03 -7.64
N SER A 37 6.46 -1.02 -8.95
CA SER A 37 7.68 -1.56 -9.53
C SER A 37 8.91 -1.09 -8.75
N PRO A 38 9.83 -2.01 -8.44
CA PRO A 38 10.98 -1.77 -7.56
C PRO A 38 11.76 -0.48 -7.88
N ALA A 39 12.02 -0.23 -9.15
CA ALA A 39 12.82 0.94 -9.55
C ALA A 39 12.05 2.24 -9.37
N GLU A 40 10.75 2.12 -9.13
CA GLU A 40 9.90 3.28 -8.90
C GLU A 40 9.61 3.41 -7.42
N THR A 41 9.41 2.26 -6.79
CA THR A 41 9.24 2.18 -5.35
C THR A 41 10.49 2.70 -4.64
N ASN A 42 11.65 2.33 -5.16
CA ASN A 42 12.92 2.70 -4.55
C ASN A 42 13.43 4.01 -5.11
N ASN A 43 12.61 4.65 -5.92
CA ASN A 43 12.95 5.97 -6.45
C ASN A 43 12.61 7.03 -5.40
N ASP A 44 11.95 6.58 -4.35
CA ASP A 44 11.59 7.44 -3.23
C ASP A 44 12.62 7.35 -2.12
N SER A 45 12.87 8.46 -1.45
CA SER A 45 13.84 8.48 -0.37
C SER A 45 13.20 8.00 0.92
N LEU A 46 11.88 8.06 0.98
CA LEU A 46 11.15 7.64 2.17
C LEU A 46 10.95 6.12 2.17
N LEU A 47 10.41 5.60 1.07
CA LEU A 47 10.16 4.17 0.90
C LEU A 47 11.42 3.34 1.15
N SER A 48 12.56 3.86 0.73
CA SER A 48 13.83 3.15 0.88
C SER A 48 14.12 2.83 2.35
N GLY A 49 13.56 3.63 3.27
CA GLY A 49 13.68 3.33 4.69
C GLY A 49 12.37 2.79 5.24
N LEU A 50 11.27 3.13 4.58
CA LEU A 50 9.94 2.68 4.97
C LEU A 50 9.79 1.17 4.77
N LEU A 51 10.67 0.60 3.92
CA LEU A 51 10.71 -0.83 3.65
C LEU A 51 10.63 -1.65 4.94
N GLY A 52 11.23 -1.14 6.00
CA GLY A 52 11.21 -1.82 7.26
C GLY A 52 10.93 -0.89 8.42
N ALA A 53 9.66 -0.54 8.62
CA ALA A 53 9.27 0.25 9.77
C ALA A 53 9.48 -0.57 11.04
N GLY A 54 9.35 -1.88 10.88
CA GLY A 54 9.67 -2.82 11.94
C GLY A 54 10.51 -3.96 11.41
N LEU A 55 9.90 -5.13 11.29
CA LEU A 55 10.56 -6.28 10.69
C LEU A 55 9.81 -6.71 9.45
N LEU A 56 9.48 -5.73 8.61
CA LEU A 56 8.64 -5.96 7.44
C LEU A 56 9.44 -6.60 6.31
N ASN A 57 8.73 -6.93 5.24
CA ASN A 57 9.30 -7.62 4.10
C ASN A 57 8.77 -7.02 2.80
N GLY A 58 9.17 -7.60 1.70
CA GLY A 58 8.73 -7.11 0.41
C GLY A 58 7.83 -8.10 -0.29
N LEU A 59 8.04 -8.30 -1.59
CA LEU A 59 7.25 -9.23 -2.38
C LEU A 59 7.47 -10.65 -1.88
N SER A 60 6.44 -11.50 -2.03
CA SER A 60 6.48 -12.89 -1.61
C SER A 60 7.66 -13.64 -2.22
N GLY A 61 8.81 -13.62 -1.53
CA GLY A 61 9.99 -14.30 -2.02
C GLY A 61 10.92 -13.37 -2.78
N ASN A 62 10.56 -12.09 -2.85
CA ASN A 62 11.35 -11.12 -3.56
C ASN A 62 11.75 -9.98 -2.63
N THR A 63 12.97 -10.05 -2.11
CA THR A 63 13.49 -9.01 -1.25
C THR A 63 14.04 -7.83 -2.05
N GLY A 64 13.12 -7.06 -2.63
CA GLY A 64 13.51 -5.92 -3.43
C GLY A 64 12.30 -5.05 -3.74
N SER A 65 11.24 -5.68 -4.20
CA SER A 65 9.99 -4.98 -4.44
C SER A 65 9.25 -4.84 -3.11
N ALA A 66 9.11 -3.60 -2.65
CA ALA A 66 8.47 -3.33 -1.36
C ALA A 66 7.07 -2.76 -1.55
N CYS A 67 6.25 -2.94 -0.53
CA CYS A 67 4.88 -2.42 -0.53
C CYS A 67 4.57 -1.75 0.79
N ALA A 68 3.84 -0.65 0.74
CA ALA A 68 3.43 0.03 1.96
C ALA A 68 1.95 -0.17 2.20
N LYS A 69 1.63 -0.66 3.39
CA LYS A 69 0.25 -0.82 3.80
C LYS A 69 -0.30 0.51 4.30
N ALA A 70 -1.62 0.59 4.44
CA ALA A 70 -2.29 1.81 4.90
C ALA A 70 -1.65 2.35 6.18
N SER A 71 -1.26 1.45 7.07
CA SER A 71 -0.63 1.82 8.33
C SER A 71 0.66 2.59 8.06
N LEU A 72 1.39 2.17 7.04
CA LEU A 72 2.65 2.79 6.71
C LEU A 72 2.44 4.06 5.89
N ILE A 73 1.30 4.13 5.23
CA ILE A 73 0.91 5.33 4.51
C ILE A 73 0.72 6.46 5.52
N ASP A 74 0.12 6.13 6.65
CA ASP A 74 -0.08 7.09 7.74
C ASP A 74 1.17 7.19 8.61
N GLN A 75 2.17 6.37 8.32
CA GLN A 75 3.40 6.37 9.10
C GLN A 75 4.31 7.48 8.64
N LEU A 76 4.60 7.50 7.35
CA LEU A 76 5.53 8.47 6.80
C LEU A 76 4.81 9.50 5.93
N GLY A 77 3.63 9.13 5.44
CA GLY A 77 2.91 10.01 4.54
C GLY A 77 3.41 9.89 3.12
N LEU A 78 3.58 8.64 2.69
CA LEU A 78 4.16 8.35 1.41
C LEU A 78 3.20 8.58 0.25
N LEU A 79 3.75 9.00 -0.88
CA LEU A 79 2.98 9.14 -2.10
C LEU A 79 3.67 8.45 -3.27
N ALA A 80 4.66 7.60 -2.95
CA ALA A 80 5.42 6.88 -3.98
C ALA A 80 4.64 5.69 -4.50
N LEU A 81 3.75 5.16 -3.67
CA LEU A 81 2.94 4.01 -4.05
C LEU A 81 1.49 4.41 -4.27
N VAL A 82 1.21 5.70 -4.17
CA VAL A 82 -0.15 6.18 -4.28
C VAL A 82 -0.30 7.09 -5.49
N ASP A 83 -1.40 6.91 -6.20
CA ASP A 83 -1.75 7.75 -7.31
C ASP A 83 -3.07 8.43 -7.02
N HIS A 84 -3.22 9.67 -7.44
CA HIS A 84 -4.41 10.41 -7.09
C HIS A 84 -5.37 10.49 -8.27
N THR A 85 -6.50 9.82 -8.11
CA THR A 85 -7.56 9.90 -9.10
C THR A 85 -8.72 10.73 -8.55
N GLU A 86 -9.84 10.70 -9.26
CA GLU A 86 -11.04 11.42 -8.85
C GLU A 86 -11.56 10.93 -7.49
N GLU A 87 -11.23 9.69 -7.15
CA GLU A 87 -11.68 9.12 -5.88
C GLU A 87 -10.79 9.57 -4.73
N GLY A 88 -9.51 9.74 -5.00
CA GLY A 88 -8.58 10.11 -3.96
C GLY A 88 -7.23 9.45 -4.13
N PRO A 89 -6.43 9.37 -3.06
CA PRO A 89 -5.14 8.67 -3.08
C PRO A 89 -5.33 7.15 -3.14
N VAL A 90 -5.24 6.59 -4.33
CA VAL A 90 -5.48 5.17 -4.56
C VAL A 90 -4.20 4.46 -4.97
N CYS A 91 -4.33 3.18 -5.32
CA CYS A 91 -3.18 2.38 -5.68
C CYS A 91 -2.57 2.87 -6.98
N LYS A 92 -1.28 3.12 -6.96
CA LYS A 92 -0.57 3.62 -8.12
C LYS A 92 -0.37 2.53 -9.17
N ASN A 93 -0.12 1.30 -8.72
CA ASN A 93 0.26 0.23 -9.65
C ASN A 93 -0.32 -1.12 -9.23
N ILE A 94 0.31 -1.75 -8.25
CA ILE A 94 0.01 -3.13 -7.88
C ILE A 94 -0.69 -3.20 -6.52
N VAL A 95 -1.74 -4.02 -6.43
CA VAL A 95 -2.44 -4.21 -5.15
C VAL A 95 -2.03 -5.54 -4.50
N ALA A 96 -1.87 -5.51 -3.17
CA ALA A 96 -1.44 -6.70 -2.44
C ALA A 96 -1.88 -6.64 -0.98
N CYS A 97 -1.79 -7.78 -0.30
CA CYS A 97 -2.04 -7.82 1.13
C CYS A 97 -0.75 -8.13 1.88
N CYS A 98 -0.32 -7.20 2.71
CA CYS A 98 0.95 -7.33 3.42
C CYS A 98 0.72 -7.22 4.93
N PRO A 99 1.17 -8.22 5.69
CA PRO A 99 1.00 -8.24 7.15
C PRO A 99 2.09 -7.47 7.90
N GLU A 100 1.67 -6.55 8.77
CA GLU A 100 2.63 -5.84 9.61
C GLU A 100 3.17 -6.76 10.70
N GLY A 101 4.40 -7.19 10.53
CA GLY A 101 5.05 -8.00 11.53
C GLY A 101 6.34 -8.57 11.01
N THR A 102 6.23 -9.65 10.25
CA THR A 102 7.38 -10.28 9.61
C THR A 102 6.91 -11.15 8.44
N THR A 103 7.84 -11.48 7.53
CA THR A 103 7.55 -12.30 6.36
C THR A 103 6.90 -11.46 5.26
N ASN A 104 7.13 -11.86 4.01
CA ASN A 104 6.80 -11.04 2.85
C ASN A 104 5.30 -10.95 2.61
N CYS A 105 4.95 -10.12 1.64
CA CYS A 105 3.58 -9.86 1.29
C CYS A 105 3.29 -10.42 -0.09
N VAL A 106 2.10 -10.97 -0.27
CA VAL A 106 1.75 -11.58 -1.53
C VAL A 106 0.91 -10.61 -2.38
N ALA A 107 1.35 -10.42 -3.61
CA ALA A 107 0.62 -9.56 -4.54
C ALA A 107 -0.31 -10.41 -5.39
N VAL A 108 -1.54 -9.93 -5.57
CA VAL A 108 -2.53 -10.66 -6.34
C VAL A 108 -2.69 -10.08 -7.73
N ASP A 109 -1.93 -9.02 -8.00
CA ASP A 109 -1.99 -8.35 -9.29
C ASP A 109 -1.04 -9.02 -10.27
N ASN A 110 -1.46 -10.15 -10.78
CA ASN A 110 -0.74 -10.83 -11.85
C ASN A 110 -1.72 -11.36 -12.88
N ALA A 111 -2.99 -11.41 -12.48
CA ALA A 111 -4.06 -11.82 -13.38
C ALA A 111 -4.79 -10.60 -13.91
N GLY A 112 -4.36 -9.42 -13.45
CA GLY A 112 -4.95 -8.18 -13.92
C GLY A 112 -5.87 -7.55 -12.88
N ALA A 113 -5.32 -6.65 -12.08
CA ALA A 113 -6.11 -5.88 -11.13
C ALA A 113 -6.55 -4.56 -11.77
N GLY A 114 -6.89 -3.58 -10.95
CA GLY A 114 -7.30 -2.30 -11.46
C GLY A 114 -6.69 -1.15 -10.69
N THR A 115 -6.74 0.03 -11.27
CA THR A 115 -6.23 1.22 -10.61
C THR A 115 -7.12 1.59 -9.42
N LYS A 116 -8.38 1.88 -9.73
CA LYS A 116 -9.38 2.17 -8.71
C LYS A 116 -10.77 1.92 -9.25
N ALA A 117 -10.85 1.37 -10.45
CA ALA A 117 -12.12 1.19 -11.13
C ALA A 117 -12.44 -0.28 -11.33
N GLU A 118 -13.16 -0.84 -10.37
CA GLU A 118 -13.63 -2.22 -10.46
C GLU A 118 -15.00 -2.31 -9.81
N SER A 1 -6.63 3.78 26.05
CA SER A 1 -6.66 2.64 25.12
C SER A 1 -8.07 2.43 24.56
N LEU A 2 -8.83 3.52 24.45
CA LEU A 2 -10.19 3.43 23.96
C LEU A 2 -10.43 4.42 22.83
N PRO A 3 -10.73 3.92 21.63
CA PRO A 3 -11.05 4.75 20.47
C PRO A 3 -12.46 5.30 20.57
N ALA A 4 -12.64 6.56 20.17
CA ALA A 4 -13.94 7.20 20.26
C ALA A 4 -14.10 8.23 19.15
N SER A 5 -13.99 9.49 19.51
CA SER A 5 -14.09 10.59 18.56
C SER A 5 -12.80 10.66 17.72
N ALA A 6 -11.74 10.08 18.25
CA ALA A 6 -10.46 10.05 17.56
C ALA A 6 -9.91 8.63 17.56
N ALA A 7 -8.81 8.42 16.84
CA ALA A 7 -8.17 7.12 16.72
C ALA A 7 -9.09 6.11 16.04
N LYS A 8 -9.63 6.51 14.90
CA LYS A 8 -10.53 5.65 14.13
C LYS A 8 -10.23 5.77 12.64
N ASN A 9 -8.95 5.88 12.33
CA ASN A 9 -8.49 6.05 10.96
C ASN A 9 -8.51 4.71 10.21
N ALA A 10 -9.72 4.26 9.88
CA ALA A 10 -9.89 3.00 9.17
C ALA A 10 -9.83 3.20 7.65
N LYS A 11 -10.26 4.38 7.18
CA LYS A 11 -10.28 4.66 5.76
C LYS A 11 -9.08 5.50 5.36
N LEU A 12 -8.61 5.31 4.14
CA LEU A 12 -7.47 6.07 3.62
C LEU A 12 -7.91 7.47 3.21
N ALA A 13 -8.37 8.24 4.21
CA ALA A 13 -8.87 9.60 4.02
C ALA A 13 -10.22 9.60 3.29
N THR A 14 -10.46 8.55 2.53
CA THR A 14 -11.68 8.38 1.77
C THR A 14 -11.73 6.97 1.20
N SER A 15 -10.58 6.51 0.68
CA SER A 15 -10.44 5.20 0.05
C SER A 15 -11.29 5.11 -1.22
N ALA A 16 -12.60 4.99 -1.06
CA ALA A 16 -13.54 4.84 -2.18
C ALA A 16 -13.13 3.69 -3.10
N ALA A 17 -12.33 4.01 -4.12
CA ALA A 17 -11.81 2.99 -5.02
C ALA A 17 -10.92 2.00 -4.27
N PHE A 18 -10.23 2.50 -3.25
CA PHE A 18 -9.38 1.65 -2.40
C PHE A 18 -10.26 0.71 -1.57
N ALA A 19 -11.44 1.19 -1.21
CA ALA A 19 -12.39 0.37 -0.47
C ALA A 19 -12.91 -0.77 -1.33
N LYS A 20 -13.11 -0.48 -2.62
CA LYS A 20 -13.51 -1.51 -3.57
C LYS A 20 -12.39 -2.52 -3.71
N GLN A 21 -11.16 -2.02 -3.66
CA GLN A 21 -9.98 -2.86 -3.67
C GLN A 21 -9.98 -3.80 -2.47
N ALA A 22 -10.39 -3.27 -1.32
CA ALA A 22 -10.44 -4.05 -0.09
C ALA A 22 -11.60 -5.04 -0.10
N GLU A 23 -12.54 -4.82 -1.00
CA GLU A 23 -13.70 -5.68 -1.12
C GLU A 23 -13.44 -6.80 -2.13
N GLY A 24 -12.78 -6.46 -3.24
CA GLY A 24 -12.53 -7.43 -4.28
C GLY A 24 -11.41 -8.40 -3.92
N THR A 25 -10.48 -7.95 -3.08
CA THR A 25 -9.36 -8.77 -2.65
C THR A 25 -9.46 -9.05 -1.15
N THR A 26 -9.02 -10.23 -0.73
CA THR A 26 -9.10 -10.59 0.67
C THR A 26 -7.84 -10.18 1.42
N CYS A 27 -7.89 -8.99 1.99
CA CYS A 27 -6.87 -8.51 2.92
C CYS A 27 -7.47 -7.38 3.74
N ASN A 28 -7.30 -7.44 5.03
CA ASN A 28 -7.94 -6.48 5.95
C ASN A 28 -6.89 -5.58 6.58
N VAL A 29 -7.32 -4.72 7.50
CA VAL A 29 -6.38 -3.89 8.22
C VAL A 29 -5.36 -4.75 8.95
N GLY A 30 -4.10 -4.61 8.58
CA GLY A 30 -3.07 -5.45 9.11
C GLY A 30 -2.49 -6.34 8.03
N SER A 31 -3.26 -6.58 6.98
CA SER A 31 -2.80 -7.40 5.87
C SER A 31 -3.03 -6.68 4.53
N ILE A 32 -3.50 -5.45 4.59
CA ILE A 32 -3.80 -4.68 3.38
C ILE A 32 -2.64 -3.76 3.01
N ALA A 33 -2.21 -3.83 1.76
CA ALA A 33 -1.06 -3.05 1.31
C ALA A 33 -1.16 -2.71 -0.17
N CYS A 34 -0.22 -1.88 -0.62
CA CYS A 34 -0.04 -1.60 -2.03
C CYS A 34 1.40 -1.91 -2.41
N CYS A 35 1.60 -2.45 -3.59
CA CYS A 35 2.94 -2.76 -4.06
C CYS A 35 3.22 -1.93 -5.30
N ASN A 36 4.47 -1.51 -5.46
CA ASN A 36 4.84 -0.73 -6.63
C ASN A 36 6.10 -1.26 -7.27
N SER A 37 6.28 -0.91 -8.53
CA SER A 37 7.48 -1.26 -9.27
C SER A 37 8.74 -0.81 -8.52
N PRO A 38 9.81 -1.61 -8.56
CA PRO A 38 11.04 -1.34 -7.82
C PRO A 38 11.63 0.03 -8.12
N ALA A 39 11.56 0.44 -9.39
CA ALA A 39 12.11 1.72 -9.81
C ALA A 39 11.36 2.91 -9.21
N GLU A 40 10.17 2.64 -8.69
CA GLU A 40 9.35 3.68 -8.07
C GLU A 40 9.41 3.57 -6.55
N THR A 41 9.34 2.34 -6.05
CA THR A 41 9.41 2.10 -4.61
C THR A 41 10.82 2.41 -4.08
N ASN A 42 11.82 2.31 -4.96
CA ASN A 42 13.20 2.58 -4.60
C ASN A 42 13.64 3.92 -5.15
N ASN A 43 12.66 4.71 -5.58
CA ASN A 43 12.93 6.00 -6.24
C ASN A 43 13.65 6.98 -5.30
N ASP A 44 13.47 6.80 -4.00
CA ASP A 44 14.13 7.66 -3.02
C ASP A 44 14.98 6.82 -2.07
N SER A 45 16.05 7.43 -1.56
CA SER A 45 16.97 6.77 -0.66
C SER A 45 16.30 6.43 0.67
N LEU A 46 15.39 7.29 1.11
CA LEU A 46 14.68 7.06 2.36
C LEU A 46 13.38 6.33 2.10
N LEU A 47 12.96 6.33 0.84
CA LEU A 47 11.70 5.68 0.45
C LEU A 47 11.74 4.19 0.77
N SER A 48 12.88 3.56 0.51
CA SER A 48 13.04 2.14 0.71
C SER A 48 12.96 1.78 2.19
N GLY A 49 13.38 2.71 3.04
CA GLY A 49 13.30 2.50 4.48
C GLY A 49 11.94 2.87 5.02
N LEU A 50 11.29 3.83 4.37
CA LEU A 50 9.96 4.29 4.75
C LEU A 50 8.92 3.21 4.50
N LEU A 51 9.27 2.28 3.61
CA LEU A 51 8.39 1.18 3.25
C LEU A 51 7.96 0.37 4.49
N GLY A 52 8.85 0.33 5.47
CA GLY A 52 8.57 -0.41 6.67
C GLY A 52 8.98 0.34 7.92
N ALA A 53 8.01 0.98 8.57
CA ALA A 53 8.26 1.69 9.82
C ALA A 53 8.45 0.71 10.97
N GLY A 54 9.38 -0.21 10.81
CA GLY A 54 9.64 -1.22 11.81
C GLY A 54 10.47 -2.36 11.25
N LEU A 55 9.90 -3.56 11.24
CA LEU A 55 10.62 -4.73 10.78
C LEU A 55 9.88 -5.37 9.60
N LEU A 56 9.59 -4.57 8.59
CA LEU A 56 8.81 -5.03 7.44
C LEU A 56 9.69 -5.65 6.36
N ASN A 57 9.06 -6.33 5.43
CA ASN A 57 9.75 -6.98 4.33
C ASN A 57 9.04 -6.66 3.02
N GLY A 58 9.54 -7.19 1.91
CA GLY A 58 8.99 -6.87 0.61
C GLY A 58 8.08 -7.96 0.09
N LEU A 59 7.96 -8.04 -1.24
CA LEU A 59 7.11 -9.03 -1.88
C LEU A 59 7.67 -10.43 -1.67
N SER A 60 6.76 -11.40 -1.51
CA SER A 60 7.13 -12.79 -1.28
C SER A 60 7.96 -13.35 -2.43
N GLY A 61 9.27 -13.29 -2.28
CA GLY A 61 10.16 -13.82 -3.28
C GLY A 61 10.69 -12.75 -4.22
N ASN A 62 10.08 -11.57 -4.19
CA ASN A 62 10.49 -10.50 -5.08
C ASN A 62 11.39 -9.51 -4.35
N THR A 63 12.69 -9.74 -4.44
CA THR A 63 13.68 -8.85 -3.86
C THR A 63 13.86 -7.59 -4.71
N GLY A 64 12.85 -6.72 -4.67
CA GLY A 64 12.89 -5.48 -5.42
C GLY A 64 11.64 -4.67 -5.20
N SER A 65 10.50 -5.32 -5.31
CA SER A 65 9.23 -4.67 -5.05
C SER A 65 8.82 -4.86 -3.58
N ALA A 66 8.44 -3.77 -2.94
CA ALA A 66 8.02 -3.81 -1.54
C ALA A 66 6.57 -3.39 -1.41
N CYS A 67 5.97 -3.67 -0.26
CA CYS A 67 4.58 -3.35 -0.04
C CYS A 67 4.42 -2.60 1.28
N ALA A 68 3.75 -1.46 1.23
CA ALA A 68 3.49 -0.68 2.41
C ALA A 68 2.02 -0.74 2.78
N LYS A 69 1.74 -0.66 4.07
CA LYS A 69 0.37 -0.80 4.56
C LYS A 69 -0.30 0.56 4.67
N ALA A 70 -1.62 0.55 4.87
CA ALA A 70 -2.37 1.79 4.97
C ALA A 70 -1.88 2.64 6.14
N SER A 71 -1.45 1.98 7.21
CA SER A 71 -0.89 2.65 8.35
C SER A 71 0.37 3.39 7.94
N LEU A 72 1.26 2.69 7.24
CA LEU A 72 2.48 3.28 6.72
C LEU A 72 2.17 4.48 5.82
N ILE A 73 1.13 4.34 5.01
CA ILE A 73 0.72 5.40 4.11
C ILE A 73 0.32 6.65 4.90
N ASP A 74 -0.49 6.45 5.93
CA ASP A 74 -0.94 7.56 6.78
C ASP A 74 0.23 8.14 7.57
N GLN A 75 1.20 7.29 7.89
CA GLN A 75 2.28 7.65 8.80
C GLN A 75 3.13 8.80 8.28
N LEU A 76 3.64 8.66 7.06
CA LEU A 76 4.62 9.63 6.56
C LEU A 76 4.38 9.99 5.09
N GLY A 77 3.14 9.87 4.63
CA GLY A 77 2.84 10.19 3.25
C GLY A 77 3.50 9.21 2.30
N LEU A 78 3.29 7.93 2.55
CA LEU A 78 3.96 6.86 1.81
C LEU A 78 3.38 6.71 0.39
N LEU A 79 3.70 7.66 -0.48
CA LEU A 79 3.24 7.60 -1.86
C LEU A 79 4.23 6.82 -2.73
N ALA A 80 5.05 5.98 -2.08
CA ALA A 80 6.03 5.16 -2.79
C ALA A 80 5.33 4.15 -3.69
N LEU A 81 4.12 3.77 -3.29
CA LEU A 81 3.32 2.82 -4.04
C LEU A 81 1.91 3.35 -4.21
N VAL A 82 1.72 4.62 -3.91
CA VAL A 82 0.40 5.21 -3.89
C VAL A 82 0.27 6.27 -4.98
N ASP A 83 -0.86 6.25 -5.64
CA ASP A 83 -1.20 7.24 -6.64
C ASP A 83 -2.46 7.96 -6.18
N HIS A 84 -2.61 9.23 -6.54
CA HIS A 84 -3.76 9.98 -6.06
C HIS A 84 -4.73 10.27 -7.17
N THR A 85 -5.92 9.72 -7.05
CA THR A 85 -7.00 10.00 -7.97
C THR A 85 -8.06 10.85 -7.26
N GLU A 86 -9.19 11.09 -7.93
CA GLU A 86 -10.24 11.90 -7.35
C GLU A 86 -10.90 11.15 -6.18
N GLU A 87 -10.84 9.82 -6.25
CA GLU A 87 -11.37 8.96 -5.19
C GLU A 87 -10.51 9.08 -3.93
N GLY A 88 -9.25 9.47 -4.11
CA GLY A 88 -8.37 9.65 -2.97
C GLY A 88 -7.05 8.93 -3.16
N PRO A 89 -6.34 8.64 -2.06
CA PRO A 89 -5.08 7.87 -2.08
C PRO A 89 -5.34 6.40 -2.34
N VAL A 90 -4.78 5.89 -3.42
CA VAL A 90 -5.00 4.51 -3.84
C VAL A 90 -3.69 3.88 -4.29
N CYS A 91 -3.66 2.55 -4.46
CA CYS A 91 -2.45 1.89 -4.93
C CYS A 91 -2.14 2.29 -6.36
N LYS A 92 -0.87 2.52 -6.64
CA LYS A 92 -0.42 2.99 -7.94
C LYS A 92 -0.44 1.87 -8.98
N ASN A 93 0.16 0.74 -8.63
CA ASN A 93 0.39 -0.31 -9.61
C ASN A 93 -0.09 -1.68 -9.11
N ILE A 94 0.78 -2.36 -8.37
CA ILE A 94 0.58 -3.76 -8.04
C ILE A 94 -0.30 -3.93 -6.78
N VAL A 95 -1.28 -4.81 -6.88
CA VAL A 95 -2.16 -5.13 -5.76
C VAL A 95 -1.64 -6.35 -5.01
N ALA A 96 -1.40 -6.21 -3.72
CA ALA A 96 -0.88 -7.29 -2.91
C ALA A 96 -1.30 -7.11 -1.45
N CYS A 97 -1.42 -8.22 -0.73
CA CYS A 97 -1.77 -8.16 0.68
C CYS A 97 -0.54 -8.45 1.53
N CYS A 98 -0.23 -7.52 2.42
CA CYS A 98 1.01 -7.58 3.18
C CYS A 98 0.73 -7.37 4.67
N PRO A 99 1.23 -8.27 5.52
CA PRO A 99 1.06 -8.17 6.96
C PRO A 99 1.87 -7.04 7.57
N GLU A 100 1.29 -6.35 8.55
CA GLU A 100 2.04 -5.38 9.33
C GLU A 100 2.71 -6.06 10.51
N GLY A 101 4.01 -6.27 10.40
CA GLY A 101 4.75 -6.92 11.45
C GLY A 101 6.10 -7.37 10.96
N THR A 102 6.12 -8.48 10.25
CA THR A 102 7.33 -9.00 9.64
C THR A 102 6.98 -9.87 8.44
N THR A 103 8.00 -10.50 7.86
CA THR A 103 7.86 -11.40 6.72
C THR A 103 7.31 -10.68 5.48
N ASN A 104 7.20 -11.43 4.39
CA ASN A 104 6.93 -10.86 3.09
C ASN A 104 5.44 -10.82 2.78
N CYS A 105 5.10 -10.20 1.67
CA CYS A 105 3.71 -10.01 1.28
C CYS A 105 3.37 -10.82 0.04
N VAL A 106 2.15 -11.36 0.00
CA VAL A 106 1.70 -12.14 -1.14
C VAL A 106 1.08 -11.23 -2.20
N ALA A 107 1.33 -11.54 -3.46
CA ALA A 107 0.83 -10.73 -4.55
C ALA A 107 -0.34 -11.42 -5.25
N VAL A 108 -1.46 -10.72 -5.32
CA VAL A 108 -2.65 -11.25 -5.97
C VAL A 108 -2.79 -10.65 -7.37
N ASP A 109 -1.68 -10.10 -7.86
CA ASP A 109 -1.63 -9.49 -9.18
C ASP A 109 -1.55 -10.58 -10.25
N ASN A 110 -2.66 -11.29 -10.43
CA ASN A 110 -2.76 -12.37 -11.40
C ASN A 110 -4.08 -12.26 -12.16
N ALA A 111 -4.67 -11.07 -12.15
CA ALA A 111 -5.99 -10.88 -12.72
C ALA A 111 -5.92 -9.99 -13.95
N GLY A 112 -7.00 -9.96 -14.72
CA GLY A 112 -7.06 -9.12 -15.90
C GLY A 112 -8.22 -8.16 -15.84
N ALA A 113 -8.42 -7.58 -14.68
CA ALA A 113 -9.54 -6.67 -14.44
C ALA A 113 -9.04 -5.22 -14.43
N GLY A 114 -9.91 -4.31 -13.98
CA GLY A 114 -9.52 -2.94 -13.83
C GLY A 114 -8.79 -2.71 -12.53
N THR A 115 -8.05 -1.60 -12.45
CA THR A 115 -7.29 -1.27 -11.24
C THR A 115 -8.20 -1.20 -10.02
N LYS A 116 -9.22 -0.35 -10.12
CA LYS A 116 -10.23 -0.22 -9.08
C LYS A 116 -11.41 0.60 -9.61
N ALA A 117 -11.56 0.61 -10.92
CA ALA A 117 -12.56 1.45 -11.56
C ALA A 117 -13.78 0.64 -12.00
N GLU A 118 -14.64 0.33 -11.04
CA GLU A 118 -15.89 -0.35 -11.32
C GLU A 118 -16.92 0.05 -10.29
N SER A 1 -17.82 21.31 12.97
CA SER A 1 -18.60 20.21 12.41
C SER A 1 -18.45 18.97 13.28
N LEU A 2 -19.34 18.01 13.10
CA LEU A 2 -19.26 16.73 13.79
C LEU A 2 -19.41 15.60 12.78
N PRO A 3 -18.69 14.48 12.97
CA PRO A 3 -18.80 13.31 12.11
C PRO A 3 -20.17 12.65 12.25
N ALA A 4 -21.13 13.11 11.45
CA ALA A 4 -22.48 12.56 11.45
C ALA A 4 -22.45 11.06 11.24
N SER A 5 -21.71 10.63 10.24
CA SER A 5 -21.53 9.21 9.96
C SER A 5 -20.14 8.97 9.36
N ALA A 6 -19.75 9.84 8.44
CA ALA A 6 -18.45 9.77 7.81
C ALA A 6 -18.06 11.12 7.22
N ALA A 7 -16.80 11.24 6.80
CA ALA A 7 -16.30 12.45 6.16
C ALA A 7 -14.99 12.15 5.46
N LYS A 8 -13.96 11.86 6.25
CA LYS A 8 -12.65 11.49 5.74
C LYS A 8 -11.86 10.85 6.86
N ASN A 9 -12.54 9.97 7.58
CA ASN A 9 -12.01 9.44 8.83
C ASN A 9 -11.19 8.17 8.60
N ALA A 10 -9.91 8.26 8.89
CA ALA A 10 -9.00 7.11 8.86
C ALA A 10 -8.88 6.48 7.48
N LYS A 11 -8.23 5.32 7.43
CA LYS A 11 -7.99 4.58 6.19
C LYS A 11 -7.33 5.48 5.15
N LEU A 12 -7.69 5.31 3.89
CA LEU A 12 -7.15 6.14 2.84
C LEU A 12 -8.13 7.28 2.55
N ALA A 13 -8.52 7.98 3.61
CA ALA A 13 -9.50 9.05 3.53
C ALA A 13 -10.79 8.56 2.87
N THR A 14 -11.47 7.66 3.57
CA THR A 14 -12.71 7.05 3.09
C THR A 14 -12.42 5.92 2.08
N SER A 15 -11.41 6.13 1.23
CA SER A 15 -10.95 5.10 0.29
C SER A 15 -12.10 4.58 -0.58
N ALA A 16 -12.81 5.50 -1.22
CA ALA A 16 -13.97 5.16 -2.04
C ALA A 16 -13.58 4.19 -3.16
N ALA A 17 -12.64 4.59 -3.99
CA ALA A 17 -12.19 3.76 -5.09
C ALA A 17 -11.33 2.60 -4.59
N PHE A 18 -10.83 2.72 -3.37
CA PHE A 18 -9.98 1.68 -2.79
C PHE A 18 -10.82 0.52 -2.28
N ALA A 19 -11.99 0.82 -1.76
CA ALA A 19 -12.92 -0.21 -1.30
C ALA A 19 -13.41 -1.04 -2.48
N LYS A 20 -13.49 -0.41 -3.65
CA LYS A 20 -13.89 -1.10 -4.86
C LYS A 20 -12.78 -2.07 -5.29
N GLN A 21 -11.59 -1.81 -4.79
CA GLN A 21 -10.43 -2.65 -5.04
C GLN A 21 -10.37 -3.79 -4.03
N ALA A 22 -10.59 -3.45 -2.76
CA ALA A 22 -10.39 -4.38 -1.65
C ALA A 22 -11.40 -5.52 -1.64
N GLU A 23 -12.51 -5.35 -2.35
CA GLU A 23 -13.55 -6.37 -2.35
C GLU A 23 -13.15 -7.59 -3.16
N GLY A 24 -12.18 -7.41 -4.05
CA GLY A 24 -11.75 -8.52 -4.89
C GLY A 24 -10.46 -9.15 -4.41
N THR A 25 -9.94 -8.68 -3.28
CA THR A 25 -8.65 -9.15 -2.79
C THR A 25 -8.77 -9.75 -1.39
N THR A 26 -8.15 -10.90 -1.20
CA THR A 26 -8.09 -11.52 0.11
C THR A 26 -7.03 -10.82 0.96
N CYS A 27 -7.48 -9.88 1.79
CA CYS A 27 -6.59 -9.13 2.66
C CYS A 27 -7.34 -8.72 3.93
N ASN A 28 -6.62 -8.14 4.88
CA ASN A 28 -7.20 -7.83 6.18
C ASN A 28 -7.04 -6.35 6.50
N VAL A 29 -7.86 -5.85 7.41
CA VAL A 29 -7.77 -4.44 7.83
C VAL A 29 -6.45 -4.19 8.55
N GLY A 30 -5.65 -3.29 8.00
CA GLY A 30 -4.33 -3.04 8.53
C GLY A 30 -3.27 -3.74 7.72
N SER A 31 -3.59 -4.96 7.29
CA SER A 31 -2.69 -5.75 6.47
C SER A 31 -2.93 -5.50 4.98
N ILE A 32 -3.90 -4.66 4.68
CA ILE A 32 -4.20 -4.31 3.30
C ILE A 32 -3.21 -3.27 2.82
N ALA A 33 -2.68 -3.47 1.63
CA ALA A 33 -1.53 -2.69 1.19
C ALA A 33 -1.56 -2.37 -0.29
N CYS A 34 -0.62 -1.54 -0.69
CA CYS A 34 -0.42 -1.20 -2.08
C CYS A 34 1.00 -1.55 -2.48
N CYS A 35 1.15 -2.20 -3.62
CA CYS A 35 2.45 -2.56 -4.13
C CYS A 35 2.71 -1.87 -5.45
N ASN A 36 3.96 -1.72 -5.82
CA ASN A 36 4.32 -1.01 -7.02
C ASN A 36 5.59 -1.56 -7.62
N SER A 37 5.78 -1.28 -8.91
CA SER A 37 6.99 -1.65 -9.62
C SER A 37 8.22 -1.12 -8.89
N PRO A 38 9.26 -1.95 -8.75
CA PRO A 38 10.46 -1.64 -7.95
C PRO A 38 11.03 -0.25 -8.20
N ALA A 39 11.18 0.12 -9.47
CA ALA A 39 11.84 1.37 -9.84
C ALA A 39 11.14 2.61 -9.29
N GLU A 40 9.96 2.43 -8.72
CA GLU A 40 9.22 3.56 -8.20
C GLU A 40 9.13 3.45 -6.67
N THR A 41 8.91 2.24 -6.21
CA THR A 41 8.98 1.93 -4.79
C THR A 41 10.36 2.24 -4.23
N ASN A 42 11.35 1.87 -5.01
CA ASN A 42 12.75 1.98 -4.64
C ASN A 42 13.31 3.35 -5.02
N ASN A 43 12.41 4.25 -5.41
CA ASN A 43 12.78 5.57 -5.91
C ASN A 43 13.76 6.29 -4.97
N ASP A 44 13.59 6.08 -3.67
CA ASP A 44 14.48 6.68 -2.70
C ASP A 44 15.27 5.62 -1.94
N SER A 45 16.50 5.97 -1.57
CA SER A 45 17.36 5.07 -0.82
C SER A 45 16.77 4.76 0.56
N LEU A 46 16.19 5.78 1.20
CA LEU A 46 15.61 5.60 2.53
C LEU A 46 14.19 5.07 2.43
N LEU A 47 13.52 5.40 1.33
CA LEU A 47 12.20 4.85 1.02
C LEU A 47 12.25 3.32 1.02
N SER A 48 13.39 2.78 0.61
CA SER A 48 13.59 1.34 0.56
C SER A 48 13.58 0.73 1.97
N GLY A 49 13.59 1.57 2.99
CA GLY A 49 13.43 1.11 4.35
C GLY A 49 12.16 1.68 4.97
N LEU A 50 11.54 2.62 4.27
CA LEU A 50 10.36 3.32 4.76
C LEU A 50 9.09 2.51 4.49
N LEU A 51 9.19 1.59 3.55
CA LEU A 51 8.05 0.76 3.15
C LEU A 51 7.65 -0.20 4.28
N GLY A 52 8.58 -0.46 5.19
CA GLY A 52 8.32 -1.33 6.30
C GLY A 52 8.78 -0.72 7.60
N ALA A 53 7.87 -0.01 8.26
CA ALA A 53 8.19 0.74 9.47
C ALA A 53 8.76 -0.15 10.57
N GLY A 54 8.33 -1.40 10.58
CA GLY A 54 8.80 -2.34 11.59
C GLY A 54 9.95 -3.19 11.10
N LEU A 55 10.74 -2.64 10.18
CA LEU A 55 11.84 -3.37 9.56
C LEU A 55 11.29 -4.57 8.79
N LEU A 56 10.36 -4.28 7.89
CA LEU A 56 9.69 -5.32 7.12
C LEU A 56 10.52 -5.81 5.95
N ASN A 57 9.84 -6.46 5.01
CA ASN A 57 10.48 -7.08 3.87
C ASN A 57 9.73 -6.72 2.61
N GLY A 58 10.17 -7.25 1.49
CA GLY A 58 9.58 -6.91 0.21
C GLY A 58 8.52 -7.90 -0.19
N LEU A 59 8.43 -8.18 -1.48
CA LEU A 59 7.51 -9.20 -1.96
C LEU A 59 7.96 -10.56 -1.45
N SER A 60 7.04 -11.50 -1.34
CA SER A 60 7.34 -12.83 -0.83
C SER A 60 8.36 -13.54 -1.71
N GLY A 61 9.62 -13.53 -1.27
CA GLY A 61 10.69 -14.16 -2.04
C GLY A 61 11.39 -13.18 -2.96
N ASN A 62 10.93 -11.93 -2.93
CA ASN A 62 11.44 -10.90 -3.82
C ASN A 62 11.82 -9.66 -3.01
N THR A 63 13.10 -9.54 -2.69
CA THR A 63 13.60 -8.41 -1.93
C THR A 63 13.95 -7.25 -2.85
N GLY A 64 12.93 -6.62 -3.41
CA GLY A 64 13.12 -5.49 -4.28
C GLY A 64 11.82 -4.77 -4.53
N SER A 65 10.81 -5.53 -4.93
CA SER A 65 9.47 -4.99 -5.09
C SER A 65 8.70 -5.12 -3.79
N ALA A 66 8.96 -4.20 -2.87
CA ALA A 66 8.28 -4.19 -1.59
C ALA A 66 6.97 -3.43 -1.70
N CYS A 67 6.09 -3.60 -0.72
CA CYS A 67 4.81 -2.93 -0.75
C CYS A 67 4.52 -2.26 0.59
N ALA A 68 3.73 -1.21 0.56
CA ALA A 68 3.39 -0.46 1.76
C ALA A 68 1.91 -0.55 2.04
N LYS A 69 1.58 -0.72 3.30
CA LYS A 69 0.19 -0.88 3.71
C LYS A 69 -0.43 0.47 3.97
N ALA A 70 -1.76 0.51 4.06
CA ALA A 70 -2.47 1.76 4.30
C ALA A 70 -2.08 2.37 5.65
N SER A 71 -1.64 1.51 6.56
CA SER A 71 -1.19 1.96 7.87
C SER A 71 0.13 2.70 7.73
N LEU A 72 0.92 2.28 6.75
CA LEU A 72 2.20 2.90 6.46
C LEU A 72 2.01 4.25 5.79
N ILE A 73 0.93 4.37 5.04
CA ILE A 73 0.58 5.63 4.41
C ILE A 73 0.18 6.64 5.48
N ASP A 74 -0.47 6.15 6.51
CA ASP A 74 -0.89 6.98 7.65
C ASP A 74 0.31 7.32 8.54
N GLN A 75 1.27 6.40 8.60
CA GLN A 75 2.44 6.57 9.47
C GLN A 75 3.50 7.44 8.82
N LEU A 76 3.91 7.08 7.60
CA LEU A 76 5.01 7.75 6.94
C LEU A 76 4.53 8.68 5.84
N GLY A 77 3.61 8.18 5.01
CA GLY A 77 3.10 9.00 3.92
C GLY A 77 4.00 8.98 2.70
N LEU A 78 4.38 7.78 2.28
CA LEU A 78 5.27 7.61 1.14
C LEU A 78 4.49 7.79 -0.17
N LEU A 79 4.73 8.92 -0.82
CA LEU A 79 4.05 9.25 -2.07
C LEU A 79 4.44 8.31 -3.21
N ALA A 80 5.55 7.61 -3.05
CA ALA A 80 6.03 6.69 -4.07
C ALA A 80 5.12 5.47 -4.20
N LEU A 81 4.34 5.19 -3.16
CA LEU A 81 3.49 4.01 -3.15
C LEU A 81 2.04 4.38 -2.92
N VAL A 82 1.68 5.59 -3.32
CA VAL A 82 0.32 6.03 -3.22
C VAL A 82 -0.06 6.88 -4.43
N ASP A 83 -1.31 6.76 -4.85
CA ASP A 83 -1.80 7.55 -5.96
C ASP A 83 -3.01 8.35 -5.53
N HIS A 84 -3.47 9.25 -6.38
CA HIS A 84 -4.54 10.15 -6.01
C HIS A 84 -5.52 10.32 -7.16
N THR A 85 -6.41 9.36 -7.30
CA THR A 85 -7.51 9.45 -8.25
C THR A 85 -8.60 10.33 -7.66
N GLU A 86 -9.60 10.66 -8.46
CA GLU A 86 -10.67 11.57 -8.05
C GLU A 86 -11.30 11.15 -6.71
N GLU A 87 -11.48 9.85 -6.52
CA GLU A 87 -12.15 9.35 -5.33
C GLU A 87 -11.16 9.11 -4.18
N GLY A 88 -10.32 10.12 -3.91
CA GLY A 88 -9.46 10.10 -2.75
C GLY A 88 -8.14 9.35 -2.97
N PRO A 89 -7.33 9.21 -1.90
CA PRO A 89 -6.08 8.44 -1.95
C PRO A 89 -6.35 6.96 -2.24
N VAL A 90 -5.53 6.37 -3.08
CA VAL A 90 -5.77 5.01 -3.55
C VAL A 90 -4.47 4.30 -3.85
N CYS A 91 -4.56 3.01 -4.15
CA CYS A 91 -3.41 2.24 -4.59
C CYS A 91 -2.95 2.74 -5.95
N LYS A 92 -1.65 2.76 -6.15
CA LYS A 92 -1.06 3.28 -7.37
C LYS A 92 -1.16 2.28 -8.51
N ASN A 93 -0.83 1.02 -8.22
CA ASN A 93 -0.75 0.01 -9.27
C ASN A 93 -1.24 -1.35 -8.80
N ILE A 94 -0.37 -2.09 -8.13
CA ILE A 94 -0.63 -3.48 -7.78
C ILE A 94 -1.18 -3.60 -6.37
N VAL A 95 -2.27 -4.32 -6.21
CA VAL A 95 -2.84 -4.57 -4.89
C VAL A 95 -2.13 -5.75 -4.21
N ALA A 96 -1.84 -5.62 -2.92
CA ALA A 96 -1.09 -6.63 -2.21
C ALA A 96 -1.50 -6.73 -0.75
N CYS A 97 -1.12 -7.82 -0.11
CA CYS A 97 -1.34 -8.02 1.31
C CYS A 97 -0.01 -7.89 2.06
N CYS A 98 0.03 -6.97 3.00
CA CYS A 98 1.28 -6.65 3.70
C CYS A 98 1.06 -6.59 5.20
N PRO A 99 1.87 -7.31 5.97
CA PRO A 99 1.85 -7.22 7.43
C PRO A 99 2.76 -6.10 7.91
N GLU A 100 2.80 -5.89 9.22
CA GLU A 100 3.80 -5.02 9.82
C GLU A 100 4.55 -5.81 10.88
N GLY A 101 5.76 -5.36 11.20
CA GLY A 101 6.56 -6.06 12.18
C GLY A 101 7.65 -6.90 11.55
N THR A 102 7.31 -7.64 10.50
CA THR A 102 8.28 -8.52 9.84
C THR A 102 7.68 -9.25 8.63
N THR A 103 8.55 -9.99 7.93
CA THR A 103 8.16 -10.82 6.78
C THR A 103 7.73 -9.99 5.58
N ASN A 104 7.29 -10.69 4.55
CA ASN A 104 7.15 -10.14 3.21
C ASN A 104 5.70 -9.85 2.86
N CYS A 105 5.50 -9.37 1.66
CA CYS A 105 4.18 -9.03 1.16
C CYS A 105 3.77 -9.98 0.03
N VAL A 106 2.49 -10.31 -0.02
CA VAL A 106 1.95 -11.12 -1.10
C VAL A 106 1.16 -10.25 -2.07
N ALA A 107 1.67 -10.11 -3.28
CA ALA A 107 0.94 -9.40 -4.32
C ALA A 107 -0.19 -10.27 -4.84
N VAL A 108 -1.41 -9.80 -4.68
CA VAL A 108 -2.57 -10.64 -4.97
C VAL A 108 -3.11 -10.41 -6.36
N ASP A 109 -2.31 -9.80 -7.22
CA ASP A 109 -2.67 -9.64 -8.62
C ASP A 109 -1.72 -10.43 -9.50
N ASN A 110 -2.23 -11.52 -10.02
CA ASN A 110 -1.51 -12.31 -11.00
C ASN A 110 -2.42 -12.54 -12.20
N ALA A 111 -3.30 -11.57 -12.44
CA ALA A 111 -4.27 -11.67 -13.51
C ALA A 111 -4.23 -10.42 -14.39
N GLY A 112 -4.06 -9.27 -13.78
CA GLY A 112 -3.99 -8.03 -14.51
C GLY A 112 -5.33 -7.31 -14.55
N ALA A 113 -5.59 -6.50 -13.54
CA ALA A 113 -6.80 -5.70 -13.50
C ALA A 113 -6.62 -4.37 -14.24
N GLY A 114 -7.36 -3.36 -13.81
CA GLY A 114 -7.17 -2.03 -14.36
C GLY A 114 -6.39 -1.13 -13.42
N THR A 115 -7.03 -0.09 -12.93
CA THR A 115 -6.43 0.76 -11.92
C THR A 115 -7.05 0.45 -10.57
N LYS A 116 -8.35 0.16 -10.62
CA LYS A 116 -9.12 -0.25 -9.46
C LYS A 116 -10.35 -1.01 -9.93
N ALA A 117 -11.39 -0.26 -10.27
CA ALA A 117 -12.58 -0.85 -10.87
C ALA A 117 -12.81 -0.23 -12.24
N GLU A 118 -12.06 -0.71 -13.22
CA GLU A 118 -12.13 -0.16 -14.57
C GLU A 118 -12.72 -1.19 -15.51
N SER A 1 -5.91 10.33 21.55
CA SER A 1 -4.52 10.32 22.06
C SER A 1 -3.97 8.90 22.11
N LEU A 2 -4.05 8.26 23.28
CA LEU A 2 -3.57 6.90 23.46
C LEU A 2 -4.39 5.92 22.63
N PRO A 3 -3.73 4.87 22.09
CA PRO A 3 -4.40 3.88 21.25
C PRO A 3 -5.29 2.91 22.06
N ALA A 4 -6.33 3.45 22.67
CA ALA A 4 -7.26 2.66 23.45
C ALA A 4 -8.25 1.95 22.52
N SER A 5 -8.93 2.74 21.71
CA SER A 5 -9.86 2.20 20.72
C SER A 5 -9.18 2.10 19.36
N ALA A 6 -7.90 2.52 19.32
CA ALA A 6 -7.06 2.45 18.12
C ALA A 6 -7.46 3.50 17.08
N ALA A 7 -8.75 3.63 16.83
CA ALA A 7 -9.28 4.57 15.83
C ALA A 7 -8.73 4.24 14.45
N LYS A 8 -8.80 2.98 14.08
CA LYS A 8 -8.32 2.51 12.80
C LYS A 8 -9.39 1.70 12.10
N ASN A 9 -9.88 2.25 11.01
CA ASN A 9 -10.91 1.61 10.22
C ASN A 9 -10.36 1.27 8.86
N ALA A 10 -11.24 0.83 7.97
CA ALA A 10 -10.84 0.38 6.65
C ALA A 10 -11.06 1.46 5.60
N LYS A 11 -11.24 2.68 6.04
CA LYS A 11 -11.41 3.79 5.15
C LYS A 11 -10.19 4.69 5.21
N LEU A 12 -9.32 4.59 4.22
CA LEU A 12 -8.16 5.47 4.16
C LEU A 12 -8.63 6.85 3.76
N ALA A 13 -9.03 7.62 4.77
CA ALA A 13 -9.67 8.93 4.62
C ALA A 13 -11.12 8.77 4.15
N THR A 14 -11.31 7.89 3.18
CA THR A 14 -12.62 7.64 2.59
C THR A 14 -12.63 6.27 1.93
N SER A 15 -11.51 5.93 1.27
CA SER A 15 -11.39 4.67 0.52
C SER A 15 -12.29 4.69 -0.72
N ALA A 16 -13.61 4.64 -0.50
CA ALA A 16 -14.60 4.67 -1.58
C ALA A 16 -14.27 3.70 -2.70
N ALA A 17 -13.56 4.18 -3.71
CA ALA A 17 -13.16 3.37 -4.84
C ALA A 17 -12.23 2.23 -4.42
N PHE A 18 -11.45 2.47 -3.37
CA PHE A 18 -10.56 1.46 -2.83
C PHE A 18 -11.37 0.32 -2.22
N ALA A 19 -12.58 0.63 -1.75
CA ALA A 19 -13.46 -0.38 -1.18
C ALA A 19 -14.06 -1.25 -2.29
N LYS A 20 -14.05 -0.73 -3.51
CA LYS A 20 -14.49 -1.50 -4.67
C LYS A 20 -13.45 -2.57 -4.97
N GLN A 21 -12.23 -2.26 -4.57
CA GLN A 21 -11.09 -3.13 -4.74
C GLN A 21 -10.98 -4.10 -3.57
N ALA A 22 -11.31 -3.61 -2.38
CA ALA A 22 -11.16 -4.37 -1.14
C ALA A 22 -12.09 -5.58 -1.10
N GLU A 23 -13.07 -5.60 -1.98
CA GLU A 23 -13.97 -6.75 -2.07
C GLU A 23 -13.71 -7.53 -3.36
N GLY A 24 -12.56 -7.26 -3.94
CA GLY A 24 -12.13 -8.01 -5.11
C GLY A 24 -10.87 -8.81 -4.81
N THR A 25 -10.09 -8.30 -3.88
CA THR A 25 -8.85 -8.95 -3.48
C THR A 25 -9.03 -9.66 -2.15
N THR A 26 -8.42 -10.82 -2.02
CA THR A 26 -8.50 -11.57 -0.78
C THR A 26 -7.35 -11.20 0.16
N CYS A 27 -7.62 -10.30 1.08
CA CYS A 27 -6.63 -9.83 2.04
C CYS A 27 -7.34 -9.45 3.35
N ASN A 28 -6.58 -8.98 4.32
CA ASN A 28 -7.13 -8.57 5.60
C ASN A 28 -7.29 -7.05 5.62
N VAL A 29 -8.15 -6.54 6.52
CA VAL A 29 -8.42 -5.11 6.60
C VAL A 29 -7.17 -4.33 7.03
N GLY A 30 -6.52 -4.79 8.10
CA GLY A 30 -5.32 -4.13 8.56
C GLY A 30 -4.11 -4.49 7.72
N SER A 31 -4.17 -5.67 7.13
CA SER A 31 -3.05 -6.18 6.37
C SER A 31 -3.28 -6.01 4.87
N ILE A 32 -3.72 -4.82 4.48
CA ILE A 32 -3.88 -4.49 3.07
C ILE A 32 -2.85 -3.42 2.69
N ALA A 33 -2.23 -3.56 1.51
CA ALA A 33 -1.12 -2.71 1.15
C ALA A 33 -1.08 -2.41 -0.34
N CYS A 34 -0.45 -1.28 -0.68
CA CYS A 34 -0.21 -0.89 -2.05
C CYS A 34 1.27 -1.01 -2.38
N CYS A 35 1.59 -1.61 -3.50
CA CYS A 35 2.98 -1.81 -3.91
C CYS A 35 3.22 -1.19 -5.28
N ASN A 36 4.49 -1.03 -5.63
CA ASN A 36 4.86 -0.41 -6.89
C ASN A 36 6.17 -0.98 -7.41
N SER A 37 6.41 -0.79 -8.71
CA SER A 37 7.63 -1.26 -9.36
C SER A 37 8.90 -0.88 -8.61
N PRO A 38 9.76 -1.89 -8.33
CA PRO A 38 11.01 -1.71 -7.58
C PRO A 38 11.85 -0.53 -8.05
N ALA A 39 12.05 -0.43 -9.38
CA ALA A 39 12.95 0.56 -9.96
C ALA A 39 12.55 1.99 -9.61
N GLU A 40 11.30 2.18 -9.24
CA GLU A 40 10.79 3.51 -8.93
C GLU A 40 10.70 3.69 -7.43
N THR A 41 10.10 2.70 -6.77
CA THR A 41 9.96 2.69 -5.32
C THR A 41 11.32 2.74 -4.63
N ASN A 42 12.30 2.08 -5.23
CA ASN A 42 13.60 1.92 -4.61
C ASN A 42 14.64 2.85 -5.25
N ASN A 43 14.15 3.83 -5.99
CA ASN A 43 15.01 4.77 -6.70
C ASN A 43 15.74 5.68 -5.73
N ASP A 44 15.19 5.82 -4.53
CA ASP A 44 15.79 6.66 -3.50
C ASP A 44 16.49 5.80 -2.45
N SER A 45 17.50 6.36 -1.81
CA SER A 45 18.28 5.63 -0.83
C SER A 45 17.56 5.55 0.52
N LEU A 46 16.74 6.56 0.82
CA LEU A 46 16.01 6.58 2.08
C LEU A 46 14.65 5.89 1.92
N LEU A 47 14.04 6.08 0.75
CA LEU A 47 12.76 5.45 0.43
C LEU A 47 12.78 3.95 0.68
N SER A 48 13.91 3.31 0.39
CA SER A 48 14.04 1.88 0.51
C SER A 48 13.90 1.43 1.98
N GLY A 49 14.27 2.31 2.91
CA GLY A 49 14.11 2.01 4.32
C GLY A 49 12.82 2.58 4.87
N LEU A 50 12.33 3.62 4.21
CA LEU A 50 11.07 4.26 4.59
C LEU A 50 9.90 3.30 4.43
N LEU A 51 10.01 2.42 3.44
CA LEU A 51 9.01 1.41 3.19
C LEU A 51 8.85 0.49 4.40
N GLY A 52 9.98 0.16 5.02
CA GLY A 52 9.98 -0.67 6.20
C GLY A 52 9.82 0.17 7.44
N ALA A 53 8.64 0.77 7.59
CA ALA A 53 8.37 1.67 8.71
C ALA A 53 8.34 0.89 10.01
N GLY A 54 8.04 -0.40 9.89
CA GLY A 54 8.01 -1.27 11.05
C GLY A 54 8.92 -2.46 10.86
N LEU A 55 9.94 -2.26 10.02
CA LEU A 55 10.91 -3.29 9.68
C LEU A 55 10.21 -4.44 8.96
N LEU A 56 9.27 -4.07 8.10
CA LEU A 56 8.55 -5.03 7.28
C LEU A 56 9.39 -5.44 6.08
N ASN A 57 8.85 -6.32 5.27
CA ASN A 57 9.57 -6.87 4.14
C ASN A 57 8.87 -6.52 2.84
N GLY A 58 9.40 -7.00 1.74
CA GLY A 58 8.86 -6.66 0.44
C GLY A 58 7.92 -7.73 -0.09
N LEU A 59 7.97 -7.96 -1.39
CA LEU A 59 7.15 -8.97 -2.03
C LEU A 59 7.56 -10.35 -1.56
N SER A 60 6.60 -11.26 -1.50
CA SER A 60 6.85 -12.63 -1.03
C SER A 60 7.94 -13.33 -1.86
N GLY A 61 9.18 -13.19 -1.40
CA GLY A 61 10.30 -13.82 -2.08
C GLY A 61 10.99 -12.89 -3.06
N ASN A 62 10.38 -11.74 -3.33
CA ASN A 62 10.92 -10.83 -4.34
C ASN A 62 11.33 -9.49 -3.74
N THR A 63 12.62 -9.29 -3.62
CA THR A 63 13.17 -8.05 -3.08
C THR A 63 13.01 -6.90 -4.08
N GLY A 64 12.51 -5.77 -3.60
CA GLY A 64 12.37 -4.59 -4.44
C GLY A 64 10.97 -4.04 -4.41
N SER A 65 10.00 -4.87 -4.74
CA SER A 65 8.60 -4.49 -4.70
C SER A 65 8.07 -4.53 -3.27
N ALA A 66 8.17 -3.40 -2.58
CA ALA A 66 7.67 -3.30 -1.22
C ALA A 66 6.22 -2.85 -1.24
N CYS A 67 5.51 -3.08 -0.15
CA CYS A 67 4.11 -2.71 -0.07
C CYS A 67 3.82 -1.85 1.15
N ALA A 68 3.13 -0.75 0.94
CA ALA A 68 2.79 0.15 2.02
C ALA A 68 1.32 0.02 2.37
N LYS A 69 1.05 -0.24 3.64
CA LYS A 69 -0.30 -0.42 4.13
C LYS A 69 -0.93 0.93 4.39
N ALA A 70 -2.25 0.94 4.59
CA ALA A 70 -2.94 2.17 4.95
C ALA A 70 -2.40 2.71 6.27
N SER A 71 -1.95 1.79 7.11
CA SER A 71 -1.33 2.13 8.39
C SER A 71 0.03 2.80 8.17
N LEU A 72 0.62 2.53 7.01
CA LEU A 72 1.92 3.08 6.65
C LEU A 72 1.75 4.45 5.99
N ILE A 73 0.58 4.67 5.40
CA ILE A 73 0.25 5.96 4.82
C ILE A 73 0.30 7.04 5.91
N ASP A 74 -0.16 6.68 7.10
CA ASP A 74 -0.13 7.59 8.25
C ASP A 74 1.17 7.42 9.03
N GLN A 75 1.98 6.46 8.64
CA GLN A 75 3.22 6.16 9.34
C GLN A 75 4.37 7.03 8.83
N LEU A 76 4.59 6.98 7.53
CA LEU A 76 5.72 7.71 6.94
C LEU A 76 5.26 8.60 5.79
N GLY A 77 4.00 8.46 5.39
CA GLY A 77 3.48 9.25 4.29
C GLY A 77 4.13 8.91 2.97
N LEU A 78 4.22 7.62 2.67
CA LEU A 78 4.85 7.15 1.46
C LEU A 78 4.00 7.47 0.23
N LEU A 79 4.62 8.07 -0.77
CA LEU A 79 3.93 8.37 -2.03
C LEU A 79 4.44 7.51 -3.17
N ALA A 80 5.34 6.58 -2.85
CA ALA A 80 6.01 5.76 -3.85
C ALA A 80 5.08 4.71 -4.44
N LEU A 81 4.12 4.25 -3.65
CA LEU A 81 3.25 3.15 -4.08
C LEU A 81 1.78 3.51 -3.90
N VAL A 82 1.52 4.74 -3.50
CA VAL A 82 0.16 5.19 -3.28
C VAL A 82 -0.22 6.21 -4.33
N ASP A 83 -1.43 6.09 -4.84
CA ASP A 83 -1.90 6.98 -5.88
C ASP A 83 -3.07 7.79 -5.35
N HIS A 84 -3.28 8.96 -5.92
CA HIS A 84 -4.37 9.82 -5.48
C HIS A 84 -5.24 10.19 -6.66
N THR A 85 -6.48 9.72 -6.62
CA THR A 85 -7.41 9.95 -7.70
C THR A 85 -8.51 10.91 -7.25
N GLU A 86 -9.54 11.03 -8.07
CA GLU A 86 -10.64 11.94 -7.77
C GLU A 86 -11.51 11.40 -6.64
N GLU A 87 -11.41 10.10 -6.40
CA GLU A 87 -12.16 9.46 -5.31
C GLU A 87 -11.35 9.49 -4.01
N GLY A 88 -10.06 9.78 -4.11
CA GLY A 88 -9.24 9.89 -2.93
C GLY A 88 -7.96 9.07 -3.00
N PRO A 89 -7.43 8.64 -1.84
CA PRO A 89 -6.21 7.86 -1.76
C PRO A 89 -6.46 6.38 -2.06
N VAL A 90 -5.66 5.83 -2.97
CA VAL A 90 -5.85 4.45 -3.40
C VAL A 90 -4.52 3.80 -3.79
N CYS A 91 -4.59 2.56 -4.24
CA CYS A 91 -3.42 1.83 -4.69
C CYS A 91 -2.95 2.36 -6.05
N LYS A 92 -1.66 2.60 -6.18
CA LYS A 92 -1.10 3.16 -7.40
C LYS A 92 -1.02 2.12 -8.51
N ASN A 93 -0.47 0.96 -8.18
CA ASN A 93 -0.19 -0.06 -9.17
C ASN A 93 -0.58 -1.44 -8.66
N ILE A 94 0.25 -1.97 -7.78
CA ILE A 94 0.14 -3.33 -7.31
C ILE A 94 -0.58 -3.39 -5.96
N VAL A 95 -1.45 -4.36 -5.80
CA VAL A 95 -2.20 -4.54 -4.56
C VAL A 95 -1.76 -5.82 -3.86
N ALA A 96 -1.61 -5.76 -2.54
CA ALA A 96 -1.12 -6.90 -1.77
C ALA A 96 -1.67 -6.92 -0.36
N CYS A 97 -1.46 -8.03 0.32
CA CYS A 97 -1.79 -8.14 1.73
C CYS A 97 -0.49 -8.26 2.53
N CYS A 98 -0.22 -7.29 3.39
CA CYS A 98 1.07 -7.19 4.05
C CYS A 98 0.92 -6.81 5.53
N PRO A 99 1.73 -7.43 6.40
CA PRO A 99 1.76 -7.13 7.84
C PRO A 99 2.63 -5.91 8.16
N GLU A 100 2.75 -5.56 9.44
CA GLU A 100 3.52 -4.38 9.83
C GLU A 100 5.02 -4.65 9.86
N GLY A 101 5.41 -5.88 10.16
CA GLY A 101 6.83 -6.17 10.23
C GLY A 101 7.11 -7.62 10.56
N THR A 102 6.72 -8.51 9.66
CA THR A 102 7.03 -9.93 9.80
C THR A 102 7.06 -10.61 8.44
N THR A 103 8.27 -10.97 7.99
CA THR A 103 8.48 -11.60 6.69
C THR A 103 7.90 -10.77 5.54
N ASN A 104 8.00 -11.33 4.34
CA ASN A 104 7.54 -10.66 3.15
C ASN A 104 6.03 -10.68 3.07
N CYS A 105 5.49 -9.84 2.21
CA CYS A 105 4.04 -9.69 2.09
C CYS A 105 3.56 -10.27 0.77
N VAL A 106 2.39 -10.90 0.80
CA VAL A 106 1.85 -11.56 -0.38
C VAL A 106 1.10 -10.58 -1.26
N ALA A 107 1.54 -10.45 -2.51
CA ALA A 107 0.85 -9.63 -3.47
C ALA A 107 -0.07 -10.48 -4.33
N VAL A 108 -1.34 -10.12 -4.39
CA VAL A 108 -2.32 -10.89 -5.16
C VAL A 108 -2.40 -10.39 -6.59
N ASP A 109 -1.46 -9.54 -6.96
CA ASP A 109 -1.40 -9.01 -8.32
C ASP A 109 -0.89 -10.05 -9.28
N ASN A 110 -1.52 -10.08 -10.45
CA ASN A 110 -1.22 -11.07 -11.49
C ASN A 110 -2.30 -11.00 -12.56
N ALA A 111 -3.40 -10.34 -12.23
CA ALA A 111 -4.53 -10.20 -13.15
C ALA A 111 -4.19 -9.24 -14.29
N GLY A 112 -3.58 -8.12 -13.96
CA GLY A 112 -3.22 -7.16 -14.98
C GLY A 112 -4.00 -5.87 -14.86
N ALA A 113 -3.30 -4.78 -14.54
CA ALA A 113 -3.90 -3.45 -14.41
C ALA A 113 -4.94 -3.42 -13.30
N GLY A 114 -4.53 -3.85 -12.11
CA GLY A 114 -5.46 -3.92 -10.99
C GLY A 114 -5.18 -2.88 -9.93
N THR A 115 -5.37 -1.61 -10.28
CA THR A 115 -5.20 -0.52 -9.32
C THR A 115 -6.52 -0.29 -8.58
N LYS A 116 -7.61 -0.28 -9.34
CA LYS A 116 -8.94 -0.10 -8.80
C LYS A 116 -9.95 -0.80 -9.69
N ALA A 117 -11.02 -1.31 -9.09
CA ALA A 117 -12.11 -1.88 -9.86
C ALA A 117 -12.99 -0.76 -10.39
N GLU A 118 -13.14 -0.70 -11.71
CA GLU A 118 -13.90 0.37 -12.36
C GLU A 118 -15.30 0.49 -11.75
N SER A 1 3.97 9.24 22.13
CA SER A 1 2.87 10.18 22.39
C SER A 1 1.54 9.58 21.94
N LEU A 2 0.43 10.12 22.43
CA LEU A 2 -0.88 9.57 22.11
C LEU A 2 -1.80 10.65 21.57
N PRO A 3 -2.68 10.31 20.62
CA PRO A 3 -3.66 11.25 20.06
C PRO A 3 -4.70 11.69 21.09
N ALA A 4 -4.79 10.94 22.18
CA ALA A 4 -5.66 11.28 23.31
C ALA A 4 -7.13 11.39 22.89
N SER A 5 -7.52 10.55 21.93
CA SER A 5 -8.90 10.50 21.42
C SER A 5 -9.28 11.73 20.61
N ALA A 6 -8.31 12.61 20.33
CA ALA A 6 -8.56 13.77 19.48
C ALA A 6 -8.76 13.33 18.05
N ALA A 7 -7.71 12.75 17.48
CA ALA A 7 -7.82 12.10 16.19
C ALA A 7 -8.42 10.71 16.38
N LYS A 8 -9.50 10.43 15.68
CA LYS A 8 -10.22 9.18 15.86
C LYS A 8 -10.64 8.59 14.53
N ASN A 9 -9.73 8.63 13.57
CA ASN A 9 -10.01 8.09 12.25
C ASN A 9 -8.80 7.29 11.77
N ALA A 10 -9.06 6.13 11.20
CA ALA A 10 -8.00 5.26 10.70
C ALA A 10 -8.40 4.63 9.38
N LYS A 11 -8.87 5.46 8.46
CA LYS A 11 -9.23 4.99 7.13
C LYS A 11 -8.39 5.70 6.09
N LEU A 12 -8.59 5.34 4.83
CA LEU A 12 -7.96 6.03 3.72
C LEU A 12 -8.76 7.30 3.44
N ALA A 13 -8.89 8.14 4.47
CA ALA A 13 -9.84 9.26 4.48
C ALA A 13 -11.28 8.72 4.59
N THR A 14 -11.61 7.82 3.69
CA THR A 14 -12.90 7.14 3.69
C THR A 14 -12.73 5.74 3.11
N SER A 15 -11.82 5.64 2.13
CA SER A 15 -11.45 4.36 1.50
C SER A 15 -12.62 3.71 0.79
N ALA A 16 -13.53 4.49 0.25
CA ALA A 16 -14.66 3.93 -0.48
C ALA A 16 -14.17 3.25 -1.76
N ALA A 17 -13.18 3.85 -2.39
CA ALA A 17 -12.58 3.29 -3.59
C ALA A 17 -11.45 2.33 -3.21
N PHE A 18 -10.76 2.65 -2.14
CA PHE A 18 -9.62 1.84 -1.70
C PHE A 18 -10.07 0.48 -1.17
N ALA A 19 -11.12 0.47 -0.36
CA ALA A 19 -11.62 -0.74 0.28
C ALA A 19 -12.13 -1.78 -0.73
N LYS A 20 -12.04 -1.45 -2.01
CA LYS A 20 -12.40 -2.39 -3.07
C LYS A 20 -11.33 -3.48 -3.16
N GLN A 21 -10.27 -3.28 -2.40
CA GLN A 21 -9.18 -4.24 -2.32
C GLN A 21 -9.52 -5.35 -1.33
N ALA A 22 -10.62 -5.15 -0.60
CA ALA A 22 -11.10 -6.16 0.31
C ALA A 22 -12.38 -6.78 -0.23
N GLU A 23 -12.75 -6.36 -1.43
CA GLU A 23 -13.97 -6.83 -2.06
C GLU A 23 -13.65 -7.61 -3.34
N GLY A 24 -13.31 -6.89 -4.40
CA GLY A 24 -12.97 -7.52 -5.66
C GLY A 24 -11.64 -8.24 -5.58
N THR A 25 -10.66 -7.60 -4.94
CA THR A 25 -9.38 -8.23 -4.69
C THR A 25 -9.46 -9.08 -3.43
N THR A 26 -8.98 -10.32 -3.51
CA THR A 26 -9.04 -11.20 -2.37
C THR A 26 -7.88 -10.92 -1.41
N CYS A 27 -8.16 -10.10 -0.40
CA CYS A 27 -7.18 -9.74 0.61
C CYS A 27 -7.88 -9.59 1.95
N ASN A 28 -7.14 -9.23 2.99
CA ASN A 28 -7.70 -9.07 4.31
C ASN A 28 -7.69 -7.59 4.70
N VAL A 29 -8.67 -7.17 5.48
CA VAL A 29 -8.79 -5.77 5.88
C VAL A 29 -7.63 -5.36 6.78
N GLY A 30 -7.34 -6.18 7.77
CA GLY A 30 -6.23 -5.92 8.66
C GLY A 30 -4.89 -6.32 8.04
N SER A 31 -4.89 -6.46 6.73
CA SER A 31 -3.67 -6.80 5.98
C SER A 31 -3.78 -6.25 4.56
N ILE A 32 -4.35 -5.06 4.44
CA ILE A 32 -4.52 -4.44 3.13
C ILE A 32 -3.38 -3.46 2.87
N ALA A 33 -2.83 -3.47 1.66
CA ALA A 33 -1.68 -2.65 1.34
C ALA A 33 -1.67 -2.22 -0.13
N CYS A 34 -0.63 -1.48 -0.49
CA CYS A 34 -0.40 -1.06 -1.87
C CYS A 34 1.06 -1.33 -2.26
N CYS A 35 1.28 -1.71 -3.51
CA CYS A 35 2.61 -2.09 -3.99
C CYS A 35 2.89 -1.42 -5.34
N ASN A 36 4.17 -1.43 -5.73
CA ASN A 36 4.57 -0.87 -7.02
C ASN A 36 5.86 -1.54 -7.49
N SER A 37 6.13 -1.43 -8.79
CA SER A 37 7.34 -1.98 -9.39
C SER A 37 8.59 -1.47 -8.67
N PRO A 38 9.63 -2.31 -8.60
CA PRO A 38 10.87 -1.99 -7.87
C PRO A 38 11.51 -0.70 -8.32
N ALA A 39 11.40 -0.40 -9.61
CA ALA A 39 12.06 0.76 -10.20
C ALA A 39 11.50 2.08 -9.67
N GLU A 40 10.34 2.03 -9.05
CA GLU A 40 9.72 3.22 -8.49
C GLU A 40 9.83 3.20 -6.98
N THR A 41 9.45 2.06 -6.40
CA THR A 41 9.52 1.86 -4.97
C THR A 41 10.93 2.10 -4.43
N ASN A 42 11.92 1.72 -5.22
CA ASN A 42 13.31 1.78 -4.80
C ASN A 42 14.05 2.93 -5.47
N ASN A 43 13.31 3.84 -6.07
CA ASN A 43 13.90 4.95 -6.82
C ASN A 43 14.75 5.84 -5.91
N ASP A 44 14.41 5.86 -4.63
CA ASP A 44 15.12 6.68 -3.66
C ASP A 44 15.74 5.80 -2.58
N SER A 45 16.90 6.22 -2.08
CA SER A 45 17.61 5.48 -1.05
C SER A 45 16.88 5.57 0.29
N LEU A 46 16.10 6.62 0.46
CA LEU A 46 15.32 6.80 1.67
C LEU A 46 13.94 6.18 1.50
N LEU A 47 13.51 6.05 0.25
CA LEU A 47 12.22 5.47 -0.08
C LEU A 47 12.12 4.04 0.44
N SER A 48 13.16 3.26 0.20
CA SER A 48 13.17 1.87 0.63
C SER A 48 13.18 1.77 2.15
N GLY A 49 13.81 2.73 2.82
CA GLY A 49 13.80 2.78 4.27
C GLY A 49 12.48 3.27 4.81
N LEU A 50 11.74 3.99 3.97
CA LEU A 50 10.43 4.48 4.34
C LEU A 50 9.42 3.36 4.31
N LEU A 51 9.71 2.35 3.49
CA LEU A 51 8.86 1.18 3.35
C LEU A 51 8.86 0.36 4.63
N GLY A 52 10.03 0.25 5.24
CA GLY A 52 10.14 -0.51 6.47
C GLY A 52 9.96 0.37 7.70
N ALA A 53 8.73 0.80 7.96
CA ALA A 53 8.45 1.65 9.10
C ALA A 53 8.53 0.83 10.38
N GLY A 54 8.47 -0.48 10.23
CA GLY A 54 8.55 -1.37 11.37
C GLY A 54 9.33 -2.63 11.03
N LEU A 55 10.49 -2.43 10.42
CA LEU A 55 11.34 -3.55 9.99
C LEU A 55 10.57 -4.50 9.09
N LEU A 56 9.93 -3.95 8.06
CA LEU A 56 9.12 -4.73 7.15
C LEU A 56 9.93 -5.30 6.00
N ASN A 57 9.28 -6.15 5.22
CA ASN A 57 9.85 -6.71 4.02
C ASN A 57 9.07 -6.21 2.83
N GLY A 58 9.44 -6.65 1.65
CA GLY A 58 8.71 -6.24 0.46
C GLY A 58 7.74 -7.30 0.02
N LEU A 59 7.76 -7.63 -1.26
CA LEU A 59 7.02 -8.76 -1.77
C LEU A 59 7.63 -10.03 -1.21
N SER A 60 6.85 -11.09 -1.14
CA SER A 60 7.32 -12.37 -0.59
C SER A 60 8.63 -12.81 -1.26
N GLY A 61 9.74 -12.68 -0.53
CA GLY A 61 11.05 -13.07 -1.06
C GLY A 61 11.44 -12.26 -2.29
N ASN A 62 11.02 -11.00 -2.31
CA ASN A 62 11.25 -10.13 -3.46
C ASN A 62 11.94 -8.85 -3.01
N THR A 63 13.24 -8.79 -3.22
CA THR A 63 14.01 -7.61 -2.88
C THR A 63 13.91 -6.54 -3.97
N GLY A 64 12.79 -5.84 -4.00
CA GLY A 64 12.59 -4.80 -4.99
C GLY A 64 11.23 -4.15 -4.87
N SER A 65 10.20 -4.98 -4.94
CA SER A 65 8.85 -4.50 -4.76
C SER A 65 8.48 -4.55 -3.28
N ALA A 66 7.97 -3.45 -2.76
CA ALA A 66 7.60 -3.39 -1.35
C ALA A 66 6.20 -2.80 -1.20
N CYS A 67 5.52 -3.15 -0.12
CA CYS A 67 4.14 -2.76 0.09
C CYS A 67 3.99 -1.89 1.32
N ALA A 68 3.22 -0.82 1.18
CA ALA A 68 2.95 0.08 2.28
C ALA A 68 1.53 -0.12 2.79
N LYS A 69 1.33 0.05 4.08
CA LYS A 69 0.03 -0.13 4.70
C LYS A 69 -0.60 1.23 4.97
N ALA A 70 -1.88 1.25 5.31
CA ALA A 70 -2.57 2.50 5.61
C ALA A 70 -1.92 3.20 6.80
N SER A 71 -1.45 2.40 7.76
CA SER A 71 -0.74 2.93 8.91
C SER A 71 0.55 3.62 8.49
N LEU A 72 1.09 3.17 7.37
CA LEU A 72 2.35 3.70 6.85
C LEU A 72 2.11 4.98 6.06
N ILE A 73 0.89 5.12 5.54
CA ILE A 73 0.51 6.29 4.76
C ILE A 73 0.58 7.54 5.63
N ASP A 74 0.19 7.39 6.89
CA ASP A 74 0.25 8.49 7.85
C ASP A 74 1.50 8.36 8.73
N GLN A 75 2.32 7.36 8.44
CA GLN A 75 3.52 7.11 9.22
C GLN A 75 4.73 7.77 8.58
N LEU A 76 4.96 7.48 7.32
CA LEU A 76 6.13 7.98 6.63
C LEU A 76 5.74 8.76 5.38
N GLY A 77 4.63 8.37 4.77
CA GLY A 77 4.19 9.06 3.57
C GLY A 77 4.78 8.45 2.31
N LEU A 78 4.65 7.13 2.20
CA LEU A 78 5.19 6.39 1.06
C LEU A 78 4.63 6.93 -0.26
N LEU A 79 5.49 7.53 -1.06
CA LEU A 79 5.05 8.13 -2.33
C LEU A 79 5.30 7.18 -3.50
N ALA A 80 5.73 5.95 -3.19
CA ALA A 80 6.09 5.00 -4.23
C ALA A 80 4.89 4.17 -4.67
N LEU A 81 4.07 3.75 -3.72
CA LEU A 81 2.99 2.80 -4.01
C LEU A 81 1.66 3.50 -4.18
N VAL A 82 1.62 4.80 -3.96
CA VAL A 82 0.37 5.53 -3.98
C VAL A 82 0.29 6.42 -5.22
N ASP A 83 -0.89 6.45 -5.83
CA ASP A 83 -1.12 7.27 -7.01
C ASP A 83 -2.25 8.27 -6.77
N HIS A 84 -2.45 9.13 -7.75
CA HIS A 84 -3.47 10.17 -7.70
C HIS A 84 -4.87 9.54 -7.56
N THR A 85 -5.70 10.18 -6.75
CA THR A 85 -7.03 9.66 -6.49
C THR A 85 -8.04 10.80 -6.36
N GLU A 86 -9.31 10.47 -6.52
CA GLU A 86 -10.38 11.43 -6.35
C GLU A 86 -11.25 11.03 -5.16
N GLU A 87 -10.71 10.15 -4.33
CA GLU A 87 -11.41 9.69 -3.15
C GLU A 87 -10.43 9.58 -1.99
N GLY A 88 -9.88 8.38 -1.82
CA GLY A 88 -8.86 8.16 -0.84
C GLY A 88 -7.62 7.59 -1.49
N PRO A 89 -6.45 7.69 -0.84
CA PRO A 89 -5.17 7.25 -1.44
C PRO A 89 -5.25 5.81 -1.97
N VAL A 90 -4.84 5.60 -3.21
CA VAL A 90 -4.97 4.30 -3.84
C VAL A 90 -3.63 3.81 -4.36
N CYS A 91 -3.51 2.50 -4.57
CA CYS A 91 -2.28 1.93 -5.10
C CYS A 91 -2.03 2.37 -6.53
N LYS A 92 -0.77 2.60 -6.84
CA LYS A 92 -0.36 3.10 -8.14
C LYS A 92 -0.41 2.01 -9.20
N ASN A 93 -0.04 0.79 -8.83
CA ASN A 93 0.12 -0.28 -9.79
C ASN A 93 -0.26 -1.63 -9.22
N ILE A 94 0.57 -2.14 -8.33
CA ILE A 94 0.42 -3.51 -7.85
C ILE A 94 -0.52 -3.58 -6.66
N VAL A 95 -1.53 -4.43 -6.78
CA VAL A 95 -2.43 -4.71 -5.67
C VAL A 95 -1.94 -5.91 -4.89
N ALA A 96 -1.83 -5.76 -3.58
CA ALA A 96 -1.28 -6.82 -2.75
C ALA A 96 -1.81 -6.70 -1.32
N CYS A 97 -1.79 -7.81 -0.60
CA CYS A 97 -2.16 -7.81 0.81
C CYS A 97 -0.89 -7.95 1.66
N CYS A 98 -0.76 -7.09 2.66
CA CYS A 98 0.46 -7.01 3.45
C CYS A 98 0.16 -6.72 4.91
N PRO A 99 0.81 -7.44 5.82
CA PRO A 99 0.66 -7.21 7.25
C PRO A 99 1.61 -6.10 7.75
N GLU A 100 1.25 -5.47 8.85
CA GLU A 100 2.10 -4.46 9.45
C GLU A 100 2.86 -5.07 10.63
N GLY A 101 4.17 -4.92 10.63
CA GLY A 101 4.98 -5.38 11.73
C GLY A 101 5.65 -6.70 11.47
N THR A 102 5.33 -7.35 10.36
CA THR A 102 5.83 -8.71 10.12
C THR A 102 6.12 -9.00 8.65
N THR A 103 7.37 -9.34 8.39
CA THR A 103 7.83 -9.90 7.11
C THR A 103 7.22 -9.23 5.87
N ASN A 104 6.80 -10.06 4.91
CA ASN A 104 6.52 -9.60 3.57
C ASN A 104 5.04 -9.64 3.22
N CYS A 105 4.74 -9.22 2.01
CA CYS A 105 3.37 -9.14 1.53
C CYS A 105 3.16 -10.05 0.32
N VAL A 106 1.92 -10.47 0.12
CA VAL A 106 1.58 -11.31 -1.02
C VAL A 106 0.89 -10.50 -2.11
N ALA A 107 1.26 -10.76 -3.35
CA ALA A 107 0.74 -9.98 -4.47
C ALA A 107 -0.30 -10.79 -5.24
N VAL A 108 -1.34 -10.11 -5.70
CA VAL A 108 -2.44 -10.77 -6.42
C VAL A 108 -2.63 -10.15 -7.81
N ASP A 109 -1.60 -9.48 -8.29
CA ASP A 109 -1.66 -8.81 -9.59
C ASP A 109 -1.20 -9.75 -10.70
N ASN A 110 -1.25 -11.05 -10.43
CA ASN A 110 -0.81 -12.06 -11.39
C ASN A 110 -1.85 -12.28 -12.48
N ALA A 111 -2.99 -11.63 -12.33
CA ALA A 111 -4.07 -11.73 -13.30
C ALA A 111 -4.65 -10.35 -13.59
N GLY A 112 -5.51 -10.27 -14.59
CA GLY A 112 -6.13 -9.01 -14.94
C GLY A 112 -7.35 -8.72 -14.09
N ALA A 113 -7.14 -8.59 -12.79
CA ALA A 113 -8.23 -8.35 -11.86
C ALA A 113 -7.83 -7.34 -10.79
N GLY A 114 -8.10 -6.07 -11.04
CA GLY A 114 -7.79 -5.05 -10.07
C GLY A 114 -8.95 -4.10 -9.86
N THR A 115 -9.50 -4.08 -8.64
CA THR A 115 -10.66 -3.27 -8.34
C THR A 115 -10.26 -1.85 -7.96
N LYS A 116 -9.59 -1.18 -8.87
CA LYS A 116 -9.21 0.23 -8.71
C LYS A 116 -8.55 0.74 -9.98
N ALA A 117 -8.86 0.12 -11.10
CA ALA A 117 -8.25 0.48 -12.36
C ALA A 117 -9.00 1.65 -12.99
N GLU A 118 -8.71 2.84 -12.49
CA GLU A 118 -9.30 4.09 -12.99
C GLU A 118 -10.78 4.20 -12.61
N SER A 1 -10.72 14.22 13.73
CA SER A 1 -10.84 15.69 13.59
C SER A 1 -10.74 16.35 14.96
N LEU A 2 -11.60 15.95 15.88
CA LEU A 2 -11.58 16.48 17.24
C LEU A 2 -11.18 15.38 18.21
N PRO A 3 -10.41 15.71 19.25
CA PRO A 3 -9.96 14.75 20.25
C PRO A 3 -11.14 14.12 21.01
N ALA A 4 -11.51 12.92 20.58
CA ALA A 4 -12.57 12.16 21.24
C ALA A 4 -12.00 10.92 21.92
N SER A 5 -12.57 9.76 21.64
CA SER A 5 -12.06 8.52 22.19
C SER A 5 -10.94 7.96 21.31
N ALA A 6 -11.24 7.75 20.03
CA ALA A 6 -10.27 7.21 19.09
C ALA A 6 -10.64 7.60 17.66
N ALA A 7 -9.76 7.31 16.72
CA ALA A 7 -9.98 7.66 15.33
C ALA A 7 -10.30 6.42 14.48
N LYS A 8 -10.89 6.66 13.32
CA LYS A 8 -11.29 5.57 12.44
C LYS A 8 -10.11 5.06 11.63
N ASN A 9 -9.65 3.87 11.99
CA ASN A 9 -8.49 3.25 11.36
C ASN A 9 -8.95 2.21 10.34
N ALA A 10 -10.24 2.17 10.08
CA ALA A 10 -10.80 1.17 9.20
C ALA A 10 -10.77 1.65 7.74
N LYS A 11 -10.65 2.95 7.54
CA LYS A 11 -10.68 3.53 6.20
C LYS A 11 -9.54 4.51 6.00
N LEU A 12 -9.01 4.55 4.79
CA LEU A 12 -7.94 5.47 4.46
C LEU A 12 -8.48 6.63 3.63
N ALA A 13 -8.89 7.69 4.34
CA ALA A 13 -9.39 8.90 3.72
C ALA A 13 -10.63 8.61 2.88
N THR A 14 -11.67 8.11 3.56
CA THR A 14 -12.93 7.72 2.92
C THR A 14 -12.80 6.39 2.18
N SER A 15 -11.75 6.25 1.36
CA SER A 15 -11.49 5.03 0.61
C SER A 15 -12.69 4.67 -0.28
N ALA A 16 -13.29 5.67 -0.91
CA ALA A 16 -14.51 5.48 -1.68
C ALA A 16 -14.34 4.40 -2.74
N ALA A 17 -13.28 4.49 -3.52
CA ALA A 17 -13.03 3.50 -4.54
C ALA A 17 -12.09 2.41 -4.02
N PHE A 18 -11.36 2.71 -2.94
CA PHE A 18 -10.48 1.73 -2.33
C PHE A 18 -11.29 0.63 -1.66
N ALA A 19 -12.52 0.97 -1.29
CA ALA A 19 -13.43 0.00 -0.72
C ALA A 19 -13.79 -1.08 -1.73
N LYS A 20 -13.93 -0.68 -2.98
CA LYS A 20 -14.20 -1.61 -4.06
C LYS A 20 -12.98 -2.48 -4.31
N GLN A 21 -11.82 -1.86 -4.12
CA GLN A 21 -10.54 -2.54 -4.24
C GLN A 21 -10.37 -3.55 -3.11
N ALA A 22 -10.81 -3.16 -1.92
CA ALA A 22 -10.69 -3.99 -0.73
C ALA A 22 -11.59 -5.22 -0.79
N GLU A 23 -12.56 -5.19 -1.70
CA GLU A 23 -13.48 -6.30 -1.85
C GLU A 23 -13.10 -7.15 -3.06
N GLY A 24 -12.01 -6.76 -3.74
CA GLY A 24 -11.55 -7.52 -4.88
C GLY A 24 -10.92 -8.84 -4.48
N THR A 25 -10.31 -8.85 -3.31
CA THR A 25 -9.70 -10.04 -2.74
C THR A 25 -9.81 -9.99 -1.23
N THR A 26 -9.73 -11.14 -0.56
CA THR A 26 -9.89 -11.20 0.88
C THR A 26 -8.69 -10.59 1.61
N CYS A 27 -8.82 -9.32 1.95
CA CYS A 27 -7.80 -8.62 2.73
C CYS A 27 -8.47 -7.57 3.60
N ASN A 28 -7.87 -7.27 4.74
CA ASN A 28 -8.43 -6.27 5.66
C ASN A 28 -7.32 -5.60 6.44
N VAL A 29 -7.67 -4.90 7.51
CA VAL A 29 -6.68 -4.23 8.33
C VAL A 29 -5.64 -5.23 8.85
N GLY A 30 -4.38 -4.91 8.63
CA GLY A 30 -3.31 -5.79 9.04
C GLY A 30 -2.68 -6.50 7.86
N SER A 31 -3.46 -6.76 6.83
CA SER A 31 -2.96 -7.45 5.65
C SER A 31 -3.16 -6.66 4.37
N ILE A 32 -3.95 -5.60 4.43
CA ILE A 32 -4.24 -4.82 3.23
C ILE A 32 -3.11 -3.83 2.95
N ALA A 33 -2.58 -3.89 1.73
CA ALA A 33 -1.50 -3.00 1.34
C ALA A 33 -1.53 -2.73 -0.16
N CYS A 34 -0.61 -1.91 -0.62
CA CYS A 34 -0.44 -1.67 -2.04
C CYS A 34 1.01 -1.94 -2.42
N CYS A 35 1.22 -2.59 -3.55
CA CYS A 35 2.57 -2.96 -3.97
C CYS A 35 2.99 -2.20 -5.22
N ASN A 36 4.30 -2.05 -5.42
CA ASN A 36 4.80 -1.28 -6.55
C ASN A 36 6.04 -1.94 -7.15
N SER A 37 6.33 -1.59 -8.39
CA SER A 37 7.52 -2.05 -9.08
C SER A 37 8.76 -1.46 -8.41
N PRO A 38 9.82 -2.27 -8.25
CA PRO A 38 11.04 -1.86 -7.53
C PRO A 38 11.65 -0.58 -8.08
N ALA A 39 11.56 -0.40 -9.41
CA ALA A 39 12.14 0.77 -10.07
C ALA A 39 11.40 2.05 -9.69
N GLU A 40 10.28 1.89 -8.99
CA GLU A 40 9.48 3.01 -8.53
C GLU A 40 9.63 3.15 -7.03
N THR A 41 9.44 2.03 -6.34
CA THR A 41 9.53 1.97 -4.88
C THR A 41 10.93 2.35 -4.40
N ASN A 42 11.93 1.97 -5.17
CA ASN A 42 13.32 2.09 -4.76
C ASN A 42 14.00 3.27 -5.46
N ASN A 43 13.19 4.15 -6.04
CA ASN A 43 13.71 5.29 -6.79
C ASN A 43 14.58 6.18 -5.91
N ASP A 44 14.31 6.18 -4.61
CA ASP A 44 15.07 6.99 -3.67
C ASP A 44 15.67 6.10 -2.59
N SER A 45 16.86 6.47 -2.12
CA SER A 45 17.57 5.71 -1.11
C SER A 45 16.90 5.81 0.26
N LEU A 46 16.11 6.85 0.47
CA LEU A 46 15.39 7.02 1.72
C LEU A 46 14.03 6.36 1.64
N LEU A 47 13.49 6.29 0.43
CA LEU A 47 12.17 5.68 0.21
C LEU A 47 12.16 4.24 0.68
N SER A 48 13.26 3.54 0.41
CA SER A 48 13.39 2.13 0.76
C SER A 48 13.38 1.94 2.28
N GLY A 49 13.77 2.99 3.01
CA GLY A 49 13.73 2.94 4.46
C GLY A 49 12.43 3.44 5.01
N LEU A 50 11.69 4.17 4.19
CA LEU A 50 10.39 4.67 4.59
C LEU A 50 9.33 3.59 4.42
N LEU A 51 9.68 2.57 3.65
CA LEU A 51 8.82 1.42 3.45
C LEU A 51 8.68 0.62 4.74
N GLY A 52 9.80 0.43 5.42
CA GLY A 52 9.82 -0.37 6.62
C GLY A 52 9.88 0.45 7.88
N ALA A 53 8.73 0.87 8.38
CA ALA A 53 8.67 1.56 9.66
C ALA A 53 8.73 0.55 10.79
N GLY A 54 9.86 -0.13 10.89
CA GLY A 54 10.03 -1.20 11.84
C GLY A 54 10.62 -2.43 11.19
N LEU A 55 9.91 -3.55 11.26
CA LEU A 55 10.37 -4.77 10.64
C LEU A 55 9.49 -5.15 9.45
N LEU A 56 9.21 -4.20 8.59
CA LEU A 56 8.41 -4.46 7.40
C LEU A 56 9.28 -4.99 6.29
N ASN A 57 8.74 -5.92 5.51
CA ASN A 57 9.50 -6.56 4.46
C ASN A 57 8.88 -6.26 3.10
N GLY A 58 9.46 -6.85 2.06
CA GLY A 58 9.04 -6.53 0.71
C GLY A 58 8.23 -7.64 0.07
N LEU A 59 8.45 -7.85 -1.22
CA LEU A 59 7.75 -8.89 -1.98
C LEU A 59 8.14 -10.28 -1.50
N SER A 60 7.24 -11.23 -1.69
CA SER A 60 7.48 -12.62 -1.34
C SER A 60 8.56 -13.24 -2.23
N GLY A 61 9.81 -13.12 -1.80
CA GLY A 61 10.91 -13.67 -2.55
C GLY A 61 11.65 -12.63 -3.37
N ASN A 62 10.90 -11.78 -4.05
CA ASN A 62 11.47 -10.76 -4.92
C ASN A 62 12.05 -9.62 -4.12
N THR A 63 13.36 -9.48 -4.16
CA THR A 63 14.04 -8.41 -3.47
C THR A 63 14.01 -7.12 -4.28
N GLY A 64 13.33 -6.10 -3.76
CA GLY A 64 13.26 -4.83 -4.44
C GLY A 64 11.87 -4.25 -4.39
N SER A 65 10.90 -5.04 -4.82
CA SER A 65 9.51 -4.62 -4.75
C SER A 65 9.02 -4.66 -3.32
N ALA A 66 8.29 -3.63 -2.91
CA ALA A 66 7.79 -3.54 -1.55
C ALA A 66 6.31 -3.25 -1.54
N CYS A 67 5.69 -3.40 -0.37
CA CYS A 67 4.27 -3.12 -0.23
C CYS A 67 4.05 -2.13 0.90
N ALA A 68 3.28 -1.08 0.62
CA ALA A 68 3.02 -0.05 1.61
C ALA A 68 1.61 -0.20 2.14
N LYS A 69 1.46 -0.08 3.44
CA LYS A 69 0.17 -0.24 4.08
C LYS A 69 -0.44 1.12 4.39
N ALA A 70 -1.74 1.16 4.50
CA ALA A 70 -2.46 2.41 4.76
C ALA A 70 -2.12 2.95 6.15
N SER A 71 -1.70 2.06 7.03
CA SER A 71 -1.34 2.42 8.39
C SER A 71 0.02 3.09 8.38
N LEU A 72 0.81 2.73 7.40
CA LEU A 72 2.14 3.26 7.24
C LEU A 72 2.11 4.52 6.38
N ILE A 73 1.09 4.63 5.54
CA ILE A 73 0.94 5.79 4.69
C ILE A 73 0.73 7.05 5.55
N ASP A 74 -0.05 6.90 6.63
CA ASP A 74 -0.31 8.01 7.55
C ASP A 74 0.88 8.22 8.51
N GLN A 75 1.89 7.36 8.39
CA GLN A 75 2.99 7.38 9.32
C GLN A 75 3.99 8.47 8.94
N LEU A 76 4.22 8.62 7.65
CA LEU A 76 5.22 9.57 7.17
C LEU A 76 4.78 10.24 5.88
N GLY A 77 3.50 10.13 5.54
CA GLY A 77 3.01 10.69 4.29
C GLY A 77 3.66 10.02 3.10
N LEU A 78 3.74 8.69 3.17
CA LEU A 78 4.41 7.89 2.15
C LEU A 78 3.87 8.21 0.78
N LEU A 79 4.77 8.54 -0.14
CA LEU A 79 4.38 8.87 -1.50
C LEU A 79 5.00 7.89 -2.49
N ALA A 80 5.79 6.97 -1.97
CA ALA A 80 6.54 6.04 -2.82
C ALA A 80 5.66 4.90 -3.33
N LEU A 81 4.42 4.84 -2.87
CA LEU A 81 3.58 3.70 -3.19
C LEU A 81 2.09 4.03 -3.13
N VAL A 82 1.73 5.23 -3.56
CA VAL A 82 0.32 5.60 -3.65
C VAL A 82 0.07 6.40 -4.91
N ASP A 83 -1.02 6.10 -5.55
CA ASP A 83 -1.47 6.87 -6.70
C ASP A 83 -2.72 7.64 -6.28
N HIS A 84 -3.04 8.72 -6.98
CA HIS A 84 -4.09 9.60 -6.50
C HIS A 84 -5.19 9.79 -7.53
N THR A 85 -6.37 9.32 -7.18
CA THR A 85 -7.56 9.59 -7.97
C THR A 85 -8.47 10.57 -7.23
N GLU A 86 -9.69 10.76 -7.72
CA GLU A 86 -10.59 11.76 -7.13
C GLU A 86 -11.30 11.22 -5.90
N GLU A 87 -11.13 9.93 -5.62
CA GLU A 87 -11.78 9.28 -4.49
C GLU A 87 -10.80 9.06 -3.35
N GLY A 88 -9.63 9.69 -3.46
CA GLY A 88 -8.63 9.59 -2.40
C GLY A 88 -7.37 8.89 -2.86
N PRO A 89 -6.50 8.50 -1.92
CA PRO A 89 -5.28 7.75 -2.23
C PRO A 89 -5.58 6.27 -2.44
N VAL A 90 -4.98 5.68 -3.47
CA VAL A 90 -5.25 4.30 -3.83
C VAL A 90 -3.99 3.58 -4.25
N CYS A 91 -4.14 2.37 -4.78
CA CYS A 91 -3.01 1.55 -5.17
C CYS A 91 -2.26 2.19 -6.33
N LYS A 92 -0.95 2.27 -6.20
CA LYS A 92 -0.12 2.94 -7.17
C LYS A 92 0.04 2.09 -8.44
N ASN A 93 0.10 0.78 -8.27
CA ASN A 93 0.33 -0.12 -9.39
C ASN A 93 -0.22 -1.51 -9.12
N ILE A 94 0.46 -2.27 -8.27
CA ILE A 94 0.14 -3.67 -8.03
C ILE A 94 -0.70 -3.85 -6.77
N VAL A 95 -1.71 -4.71 -6.86
CA VAL A 95 -2.56 -5.00 -5.71
C VAL A 95 -2.09 -6.28 -5.03
N ALA A 96 -1.69 -6.17 -3.78
CA ALA A 96 -1.14 -7.31 -3.05
C ALA A 96 -1.56 -7.28 -1.59
N CYS A 97 -1.48 -8.43 -0.94
CA CYS A 97 -1.81 -8.52 0.48
C CYS A 97 -0.53 -8.66 1.30
N CYS A 98 -0.36 -7.77 2.27
CA CYS A 98 0.87 -7.66 3.02
C CYS A 98 0.60 -7.49 4.50
N PRO A 99 1.05 -8.45 5.32
CA PRO A 99 0.84 -8.42 6.78
C PRO A 99 1.78 -7.43 7.46
N GLU A 100 1.26 -6.69 8.42
CA GLU A 100 2.10 -5.76 9.18
C GLU A 100 2.75 -6.49 10.35
N GLY A 101 4.02 -6.17 10.59
CA GLY A 101 4.76 -6.80 11.66
C GLY A 101 6.08 -7.36 11.18
N THR A 102 6.00 -8.34 10.28
CA THR A 102 7.18 -8.96 9.69
C THR A 102 6.78 -9.80 8.49
N THR A 103 7.78 -10.36 7.81
CA THR A 103 7.58 -11.24 6.66
C THR A 103 7.15 -10.47 5.41
N ASN A 104 7.22 -11.16 4.28
CA ASN A 104 6.98 -10.57 2.97
C ASN A 104 5.48 -10.43 2.68
N CYS A 105 5.19 -9.78 1.57
CA CYS A 105 3.83 -9.63 1.08
C CYS A 105 3.67 -10.39 -0.23
N VAL A 106 2.51 -11.01 -0.43
CA VAL A 106 2.28 -11.83 -1.61
C VAL A 106 1.44 -11.11 -2.65
N ALA A 107 1.77 -11.30 -3.92
CA ALA A 107 1.02 -10.71 -5.01
C ALA A 107 0.20 -11.77 -5.73
N VAL A 108 -1.11 -11.55 -5.78
CA VAL A 108 -2.03 -12.51 -6.37
C VAL A 108 -2.92 -11.86 -7.41
N ASP A 109 -2.51 -10.68 -7.86
CA ASP A 109 -3.29 -9.91 -8.82
C ASP A 109 -2.95 -10.33 -10.25
N ASN A 110 -1.66 -10.52 -10.51
CA ASN A 110 -1.17 -10.92 -11.82
C ASN A 110 -1.44 -9.85 -12.86
N ALA A 111 -1.57 -8.61 -12.39
CA ALA A 111 -1.79 -7.44 -13.25
C ALA A 111 -3.12 -7.52 -14.00
N GLY A 112 -3.46 -6.42 -14.68
CA GLY A 112 -4.66 -6.37 -15.49
C GLY A 112 -4.73 -5.07 -16.25
N ALA A 113 -5.75 -4.27 -15.95
CA ALA A 113 -5.92 -2.99 -16.61
C ALA A 113 -6.83 -2.07 -15.79
N GLY A 114 -7.74 -2.68 -15.05
CA GLY A 114 -8.63 -1.92 -14.20
C GLY A 114 -8.00 -1.66 -12.85
N THR A 115 -8.11 -0.43 -12.37
CA THR A 115 -7.49 -0.03 -11.11
C THR A 115 -8.43 -0.28 -9.93
N LYS A 116 -9.69 0.09 -10.13
CA LYS A 116 -10.70 0.01 -9.09
C LYS A 116 -11.99 0.69 -9.57
N ALA A 117 -11.83 1.63 -10.49
CA ALA A 117 -12.96 2.39 -11.00
C ALA A 117 -13.65 1.67 -12.14
N GLU A 118 -14.44 0.67 -11.79
CA GLU A 118 -15.23 -0.05 -12.76
C GLU A 118 -16.70 0.15 -12.46
N SER A 1 -26.59 2.04 6.59
CA SER A 1 -26.59 0.59 6.77
C SER A 1 -27.02 0.21 8.18
N LEU A 2 -27.61 -0.97 8.33
CA LEU A 2 -28.07 -1.44 9.62
C LEU A 2 -26.90 -2.02 10.42
N PRO A 3 -27.06 -2.19 11.75
CA PRO A 3 -26.03 -2.79 12.61
C PRO A 3 -25.69 -4.22 12.20
N ALA A 4 -24.63 -4.35 11.41
CA ALA A 4 -24.17 -5.65 10.94
C ALA A 4 -22.67 -5.59 10.65
N SER A 5 -22.30 -5.85 9.40
CA SER A 5 -20.90 -5.80 8.98
C SER A 5 -20.40 -4.36 8.92
N ALA A 6 -21.32 -3.44 8.67
CA ALA A 6 -20.98 -2.02 8.55
C ALA A 6 -20.84 -1.36 9.92
N ALA A 7 -19.87 -1.82 10.68
CA ALA A 7 -19.57 -1.24 11.98
C ALA A 7 -18.11 -0.80 12.01
N LYS A 8 -17.57 -0.52 10.84
CA LYS A 8 -16.18 -0.15 10.69
C LYS A 8 -16.07 1.27 10.15
N ASN A 9 -15.48 2.14 10.95
CA ASN A 9 -15.37 3.55 10.59
C ASN A 9 -13.93 3.94 10.35
N ALA A 10 -13.08 2.94 10.21
CA ALA A 10 -11.68 3.17 9.96
C ALA A 10 -11.38 3.03 8.48
N LYS A 11 -11.20 4.16 7.82
CA LYS A 11 -10.97 4.17 6.38
C LYS A 11 -9.73 4.99 6.04
N LEU A 12 -9.43 5.09 4.76
CA LEU A 12 -8.27 5.83 4.30
C LEU A 12 -8.65 7.27 3.97
N ALA A 13 -9.45 7.88 4.87
CA ALA A 13 -9.93 9.26 4.73
C ALA A 13 -10.94 9.41 3.60
N THR A 14 -11.01 8.39 2.76
CA THR A 14 -11.96 8.36 1.64
C THR A 14 -12.07 6.93 1.12
N SER A 15 -10.91 6.37 0.76
CA SER A 15 -10.82 5.00 0.23
C SER A 15 -11.72 4.84 -1.00
N ALA A 16 -12.93 4.31 -0.81
CA ALA A 16 -13.89 4.08 -1.89
C ALA A 16 -13.29 3.27 -3.03
N ALA A 17 -12.72 3.95 -4.02
CA ALA A 17 -11.99 3.29 -5.11
C ALA A 17 -10.91 2.37 -4.55
N PHE A 18 -10.24 2.81 -3.49
CA PHE A 18 -9.22 2.00 -2.83
C PHE A 18 -9.85 0.87 -2.05
N ALA A 19 -11.01 1.15 -1.46
CA ALA A 19 -11.68 0.21 -0.59
C ALA A 19 -12.12 -1.04 -1.33
N LYS A 20 -12.24 -0.93 -2.66
CA LYS A 20 -12.60 -2.07 -3.51
C LYS A 20 -11.67 -3.25 -3.24
N GLN A 21 -10.48 -2.96 -2.75
CA GLN A 21 -9.49 -3.98 -2.44
C GLN A 21 -9.98 -4.88 -1.31
N ALA A 22 -10.76 -4.31 -0.40
CA ALA A 22 -11.24 -5.03 0.78
C ALA A 22 -12.57 -5.72 0.50
N GLU A 23 -13.24 -5.30 -0.57
CA GLU A 23 -14.53 -5.88 -0.91
C GLU A 23 -14.37 -6.95 -1.99
N GLY A 24 -13.58 -6.65 -3.01
CA GLY A 24 -13.40 -7.58 -4.10
C GLY A 24 -12.40 -8.66 -3.78
N THR A 25 -11.35 -8.30 -3.06
CA THR A 25 -10.30 -9.25 -2.73
C THR A 25 -10.27 -9.54 -1.23
N THR A 26 -9.78 -10.71 -0.87
CA THR A 26 -9.67 -11.10 0.52
C THR A 26 -8.35 -10.65 1.12
N CYS A 27 -8.38 -9.53 1.83
CA CYS A 27 -7.20 -9.02 2.51
C CYS A 27 -7.59 -8.56 3.91
N ASN A 28 -6.59 -8.25 4.74
CA ASN A 28 -6.83 -7.92 6.13
C ASN A 28 -6.56 -6.45 6.41
N VAL A 29 -7.04 -5.96 7.56
CA VAL A 29 -6.87 -4.56 7.92
C VAL A 29 -5.38 -4.19 8.04
N GLY A 30 -4.58 -5.14 8.53
CA GLY A 30 -3.16 -4.92 8.61
C GLY A 30 -2.42 -5.72 7.56
N SER A 31 -3.05 -5.83 6.40
CA SER A 31 -2.47 -6.58 5.30
C SER A 31 -2.82 -5.95 3.96
N ILE A 32 -3.72 -4.97 3.97
CA ILE A 32 -4.10 -4.31 2.73
C ILE A 32 -3.04 -3.25 2.39
N ALA A 33 -2.51 -3.33 1.18
CA ALA A 33 -1.35 -2.54 0.83
C ALA A 33 -1.34 -2.18 -0.64
N CYS A 34 -0.30 -1.47 -1.04
CA CYS A 34 -0.05 -1.18 -2.44
C CYS A 34 1.43 -1.36 -2.73
N CYS A 35 1.72 -1.92 -3.89
CA CYS A 35 3.09 -2.17 -4.29
C CYS A 35 3.39 -1.48 -5.60
N ASN A 36 4.63 -1.13 -5.81
CA ASN A 36 5.06 -0.50 -7.06
C ASN A 36 6.36 -1.14 -7.53
N SER A 37 6.62 -1.03 -8.83
CA SER A 37 7.86 -1.55 -9.42
C SER A 37 9.06 -1.13 -8.60
N PRO A 38 10.00 -2.07 -8.36
CA PRO A 38 11.17 -1.85 -7.49
C PRO A 38 11.94 -0.59 -7.81
N ALA A 39 12.07 -0.28 -9.10
CA ALA A 39 12.82 0.89 -9.53
C ALA A 39 12.11 2.20 -9.17
N GLU A 40 10.88 2.07 -8.72
CA GLU A 40 10.07 3.23 -8.36
C GLU A 40 9.91 3.29 -6.84
N THR A 41 9.80 2.13 -6.20
CA THR A 41 9.72 2.06 -4.76
C THR A 41 11.04 2.46 -4.14
N ASN A 42 12.12 1.99 -4.75
CA ASN A 42 13.47 2.25 -4.29
C ASN A 42 14.06 3.44 -5.03
N ASN A 43 13.19 4.19 -5.69
CA ASN A 43 13.60 5.39 -6.43
C ASN A 43 14.28 6.36 -5.48
N ASP A 44 13.84 6.36 -4.24
CA ASP A 44 14.46 7.17 -3.22
C ASP A 44 15.23 6.26 -2.25
N SER A 45 16.44 6.67 -1.89
CA SER A 45 17.29 5.86 -1.02
C SER A 45 16.72 5.76 0.39
N LEU A 46 15.93 6.76 0.78
CA LEU A 46 15.30 6.76 2.09
C LEU A 46 13.93 6.11 2.04
N LEU A 47 13.33 6.10 0.85
CA LEU A 47 11.99 5.56 0.63
C LEU A 47 11.90 4.11 1.10
N SER A 48 12.89 3.32 0.72
CA SER A 48 12.93 1.91 1.08
C SER A 48 13.00 1.72 2.60
N GLY A 49 13.50 2.73 3.30
CA GLY A 49 13.55 2.67 4.74
C GLY A 49 12.37 3.36 5.38
N LEU A 50 11.56 3.99 4.55
CA LEU A 50 10.37 4.69 5.03
C LEU A 50 9.21 3.72 5.19
N LEU A 51 9.17 2.71 4.32
CA LEU A 51 8.13 1.69 4.38
C LEU A 51 8.39 0.74 5.54
N GLY A 52 9.66 0.52 5.85
CA GLY A 52 10.01 -0.36 6.94
C GLY A 52 10.00 0.34 8.27
N ALA A 53 8.80 0.72 8.73
CA ALA A 53 8.66 1.40 10.00
C ALA A 53 8.65 0.38 11.15
N GLY A 54 9.70 -0.42 11.18
CA GLY A 54 9.80 -1.51 12.12
C GLY A 54 10.42 -2.73 11.49
N LEU A 55 9.64 -3.79 11.31
CA LEU A 55 10.13 -4.98 10.62
C LEU A 55 9.23 -5.29 9.44
N LEU A 56 9.15 -4.35 8.50
CA LEU A 56 8.35 -4.55 7.30
C LEU A 56 9.17 -5.25 6.23
N ASN A 57 8.53 -6.14 5.50
CA ASN A 57 9.22 -6.92 4.48
C ASN A 57 8.76 -6.51 3.09
N GLY A 58 9.29 -7.19 2.08
CA GLY A 58 8.99 -6.83 0.71
C GLY A 58 8.12 -7.86 0.03
N LEU A 59 8.19 -7.91 -1.29
CA LEU A 59 7.45 -8.91 -2.05
C LEU A 59 7.96 -10.31 -1.73
N SER A 60 7.05 -11.28 -1.76
CA SER A 60 7.40 -12.67 -1.53
C SER A 60 8.29 -13.20 -2.65
N GLY A 61 9.61 -13.11 -2.45
CA GLY A 61 10.55 -13.55 -3.45
C GLY A 61 11.28 -12.37 -4.08
N ASN A 62 10.52 -11.47 -4.68
CA ASN A 62 11.09 -10.29 -5.33
C ASN A 62 11.62 -9.30 -4.30
N THR A 63 12.92 -9.33 -4.07
CA THR A 63 13.55 -8.42 -3.13
C THR A 63 13.78 -7.05 -3.77
N GLY A 64 12.69 -6.35 -4.02
CA GLY A 64 12.76 -5.04 -4.62
C GLY A 64 11.45 -4.30 -4.51
N SER A 65 10.37 -4.94 -4.97
CA SER A 65 9.04 -4.40 -4.83
C SER A 65 8.62 -4.42 -3.37
N ALA A 66 8.33 -3.26 -2.82
CA ALA A 66 7.96 -3.15 -1.43
C ALA A 66 6.53 -2.66 -1.30
N CYS A 67 5.81 -3.20 -0.32
CA CYS A 67 4.43 -2.83 -0.12
C CYS A 67 4.27 -2.04 1.17
N ALA A 68 3.60 -0.91 1.09
CA ALA A 68 3.32 -0.11 2.26
C ALA A 68 1.83 -0.12 2.54
N LYS A 69 1.46 -0.19 3.81
CA LYS A 69 0.07 -0.34 4.20
C LYS A 69 -0.53 1.02 4.51
N ALA A 70 -1.83 1.06 4.77
CA ALA A 70 -2.51 2.30 5.10
C ALA A 70 -1.94 2.92 6.36
N SER A 71 -1.49 2.09 7.29
CA SER A 71 -0.88 2.56 8.53
C SER A 71 0.43 3.26 8.21
N LEU A 72 1.15 2.74 7.22
CA LEU A 72 2.42 3.31 6.79
C LEU A 72 2.18 4.57 5.97
N ILE A 73 1.11 4.57 5.19
CA ILE A 73 0.72 5.74 4.42
C ILE A 73 0.40 6.89 5.38
N ASP A 74 -0.29 6.55 6.46
CA ASP A 74 -0.63 7.52 7.50
C ASP A 74 0.57 7.81 8.40
N GLN A 75 1.64 7.05 8.19
CA GLN A 75 2.83 7.18 9.01
C GLN A 75 3.86 8.10 8.38
N LEU A 76 4.23 7.81 7.12
CA LEU A 76 5.33 8.55 6.48
C LEU A 76 4.89 9.21 5.18
N GLY A 77 3.67 8.94 4.74
CA GLY A 77 3.18 9.53 3.50
C GLY A 77 3.93 9.04 2.28
N LEU A 78 4.08 7.72 2.17
CA LEU A 78 4.85 7.12 1.08
C LEU A 78 4.14 7.26 -0.25
N LEU A 79 4.51 8.26 -1.04
CA LEU A 79 3.90 8.48 -2.33
C LEU A 79 4.59 7.67 -3.43
N ALA A 80 5.35 6.65 -3.01
CA ALA A 80 6.04 5.80 -3.96
C ALA A 80 5.11 4.75 -4.54
N LEU A 81 4.07 4.40 -3.79
CA LEU A 81 3.13 3.37 -4.22
C LEU A 81 1.70 3.88 -4.20
N VAL A 82 1.51 5.09 -3.71
CA VAL A 82 0.18 5.64 -3.61
C VAL A 82 -0.07 6.67 -4.69
N ASP A 83 -1.29 6.66 -5.22
CA ASP A 83 -1.69 7.61 -6.23
C ASP A 83 -3.01 8.24 -5.81
N HIS A 84 -3.48 9.22 -6.57
CA HIS A 84 -4.72 9.89 -6.26
C HIS A 84 -5.59 10.03 -7.49
N THR A 85 -6.66 9.26 -7.53
CA THR A 85 -7.64 9.37 -8.59
C THR A 85 -8.57 10.54 -8.28
N GLU A 86 -9.67 10.66 -9.01
CA GLU A 86 -10.67 11.67 -8.69
C GLU A 86 -11.49 11.25 -7.47
N GLU A 87 -10.88 10.44 -6.61
CA GLU A 87 -11.51 9.95 -5.41
C GLU A 87 -10.64 10.29 -4.20
N GLY A 88 -9.91 9.29 -3.72
CA GLY A 88 -9.02 9.50 -2.59
C GLY A 88 -7.68 8.84 -2.84
N PRO A 89 -6.91 8.56 -1.78
CA PRO A 89 -5.63 7.86 -1.90
C PRO A 89 -5.84 6.41 -2.31
N VAL A 90 -5.31 6.04 -3.46
CA VAL A 90 -5.56 4.73 -4.01
C VAL A 90 -4.27 4.03 -4.42
N CYS A 91 -4.39 2.76 -4.76
CA CYS A 91 -3.26 1.97 -5.21
C CYS A 91 -2.78 2.47 -6.56
N LYS A 92 -1.54 2.91 -6.61
CA LYS A 92 -0.95 3.44 -7.83
C LYS A 92 -0.74 2.34 -8.86
N ASN A 93 -0.50 1.14 -8.38
CA ASN A 93 -0.14 0.04 -9.26
C ASN A 93 -0.55 -1.32 -8.69
N ILE A 94 0.43 -2.06 -8.23
CA ILE A 94 0.25 -3.45 -7.87
C ILE A 94 -0.48 -3.61 -6.53
N VAL A 95 -1.55 -4.38 -6.53
CA VAL A 95 -2.29 -4.69 -5.30
C VAL A 95 -1.73 -5.98 -4.70
N ALA A 96 -1.47 -5.96 -3.40
CA ALA A 96 -0.87 -7.09 -2.72
C ALA A 96 -1.25 -7.11 -1.25
N CYS A 97 -1.15 -8.28 -0.64
CA CYS A 97 -1.48 -8.44 0.78
C CYS A 97 -0.20 -8.57 1.60
N CYS A 98 0.02 -7.61 2.48
CA CYS A 98 1.25 -7.52 3.24
C CYS A 98 0.96 -7.36 4.73
N PRO A 99 1.39 -8.33 5.55
CA PRO A 99 1.13 -8.31 6.99
C PRO A 99 2.01 -7.29 7.73
N GLU A 100 1.47 -6.68 8.79
CA GLU A 100 2.26 -5.80 9.64
C GLU A 100 2.90 -6.61 10.75
N GLY A 101 4.21 -6.44 10.92
CA GLY A 101 4.91 -7.17 11.95
C GLY A 101 6.15 -7.84 11.40
N THR A 102 5.95 -8.74 10.45
CA THR A 102 7.04 -9.42 9.76
C THR A 102 6.51 -10.18 8.56
N THR A 103 7.42 -10.77 7.78
CA THR A 103 7.07 -11.59 6.62
C THR A 103 6.71 -10.75 5.41
N ASN A 104 7.09 -11.27 4.24
CA ASN A 104 6.88 -10.60 2.97
C ASN A 104 5.40 -10.60 2.60
N CYS A 105 5.09 -9.95 1.49
CA CYS A 105 3.70 -9.79 1.06
C CYS A 105 3.43 -10.60 -0.20
N VAL A 106 2.26 -11.19 -0.27
CA VAL A 106 1.83 -11.96 -1.43
C VAL A 106 1.16 -11.03 -2.45
N ALA A 107 1.35 -11.33 -3.72
CA ALA A 107 0.80 -10.51 -4.78
C ALA A 107 -0.34 -11.22 -5.50
N VAL A 108 -1.50 -10.60 -5.49
CA VAL A 108 -2.67 -11.13 -6.18
C VAL A 108 -2.94 -10.32 -7.43
N ASP A 109 -1.86 -9.78 -8.00
CA ASP A 109 -1.93 -8.88 -9.15
C ASP A 109 -2.21 -9.64 -10.43
N ASN A 110 -2.12 -10.96 -10.38
CA ASN A 110 -2.37 -11.82 -11.52
C ASN A 110 -3.80 -11.70 -12.00
N ALA A 111 -4.72 -11.90 -11.08
CA ALA A 111 -6.15 -11.85 -11.38
C ALA A 111 -6.73 -10.48 -11.02
N GLY A 112 -6.02 -9.43 -11.42
CA GLY A 112 -6.47 -8.08 -11.15
C GLY A 112 -6.05 -7.12 -12.24
N ALA A 113 -6.57 -7.34 -13.45
CA ALA A 113 -6.18 -6.55 -14.61
C ALA A 113 -6.90 -5.20 -14.61
N GLY A 114 -6.58 -4.38 -13.63
CA GLY A 114 -7.20 -3.07 -13.51
C GLY A 114 -7.34 -2.65 -12.07
N THR A 115 -6.29 -2.04 -11.53
CA THR A 115 -6.26 -1.66 -10.14
C THR A 115 -7.12 -0.40 -9.90
N LYS A 116 -8.15 -0.55 -9.08
CA LYS A 116 -9.02 0.55 -8.68
C LYS A 116 -9.68 1.20 -9.89
N ALA A 117 -10.12 0.37 -10.82
CA ALA A 117 -10.70 0.85 -12.05
C ALA A 117 -12.16 0.41 -12.20
N GLU A 118 -12.97 1.27 -12.79
CA GLU A 118 -14.36 0.95 -13.07
C GLU A 118 -14.78 1.66 -14.36
N SER A 1 -5.44 18.73 13.63
CA SER A 1 -4.30 18.13 12.91
C SER A 1 -2.99 18.48 13.59
N LEU A 2 -2.10 17.50 13.70
CA LEU A 2 -0.80 17.72 14.32
C LEU A 2 0.11 18.52 13.38
N PRO A 3 0.89 19.45 13.94
CA PRO A 3 1.83 20.27 13.18
C PRO A 3 3.07 19.50 12.75
N ALA A 4 3.99 20.18 12.06
CA ALA A 4 5.23 19.60 11.56
C ALA A 4 4.98 18.54 10.47
N SER A 5 4.43 17.41 10.88
CA SER A 5 4.15 16.31 9.97
C SER A 5 2.96 16.62 9.06
N ALA A 6 3.02 16.16 7.82
CA ALA A 6 1.92 16.36 6.87
C ALA A 6 0.80 15.37 7.15
N ALA A 7 0.17 15.53 8.30
CA ALA A 7 -0.90 14.62 8.75
C ALA A 7 -2.21 14.87 8.01
N LYS A 8 -2.21 15.86 7.12
CA LYS A 8 -3.40 16.17 6.34
C LYS A 8 -3.49 15.28 5.12
N ASN A 9 -2.50 14.43 4.95
CA ASN A 9 -2.46 13.48 3.84
C ASN A 9 -3.11 12.16 4.24
N ALA A 10 -3.16 11.92 5.55
CA ALA A 10 -3.69 10.66 6.08
C ALA A 10 -5.20 10.59 5.89
N LYS A 11 -5.63 9.93 4.82
CA LYS A 11 -7.05 9.78 4.55
C LYS A 11 -7.48 8.32 4.67
N LEU A 12 -7.46 7.61 3.53
CA LEU A 12 -7.91 6.22 3.46
C LEU A 12 -9.40 6.11 3.75
N ALA A 13 -10.06 7.26 3.88
CA ALA A 13 -11.49 7.29 4.14
C ALA A 13 -12.22 7.93 2.96
N THR A 14 -11.56 8.88 2.32
CA THR A 14 -12.10 9.54 1.16
C THR A 14 -11.96 8.68 -0.09
N SER A 15 -11.01 7.75 -0.05
CA SER A 15 -10.77 6.86 -1.16
C SER A 15 -11.79 5.72 -1.17
N ALA A 16 -13.01 6.03 -1.61
CA ALA A 16 -14.05 5.01 -1.74
C ALA A 16 -13.59 3.92 -2.71
N ALA A 17 -12.73 4.32 -3.64
CA ALA A 17 -12.14 3.39 -4.60
C ALA A 17 -11.26 2.35 -3.89
N PHE A 18 -10.60 2.76 -2.82
CA PHE A 18 -9.72 1.86 -2.07
C PHE A 18 -10.56 0.85 -1.29
N ALA A 19 -11.75 1.28 -0.89
CA ALA A 19 -12.70 0.39 -0.24
C ALA A 19 -13.19 -0.68 -1.21
N LYS A 20 -13.40 -0.29 -2.46
CA LYS A 20 -13.79 -1.25 -3.50
C LYS A 20 -12.60 -2.17 -3.80
N GLN A 21 -11.43 -1.56 -3.76
CA GLN A 21 -10.17 -2.27 -3.95
C GLN A 21 -9.95 -3.29 -2.82
N ALA A 22 -10.55 -3.02 -1.67
CA ALA A 22 -10.40 -3.88 -0.51
C ALA A 22 -11.07 -5.24 -0.70
N GLU A 23 -11.92 -5.35 -1.71
CA GLU A 23 -12.52 -6.64 -2.04
C GLU A 23 -11.98 -7.17 -3.35
N GLY A 24 -10.95 -6.51 -3.87
CA GLY A 24 -10.29 -6.98 -5.07
C GLY A 24 -9.24 -8.01 -4.72
N THR A 25 -8.92 -8.09 -3.44
CA THR A 25 -7.98 -9.07 -2.91
C THR A 25 -8.36 -9.39 -1.47
N THR A 26 -8.26 -10.64 -1.07
CA THR A 26 -8.61 -11.04 0.27
C THR A 26 -7.59 -10.51 1.28
N CYS A 27 -7.92 -9.39 1.91
CA CYS A 27 -7.01 -8.74 2.85
C CYS A 27 -7.79 -8.01 3.94
N ASN A 28 -7.09 -7.65 5.00
CA ASN A 28 -7.69 -6.91 6.10
C ASN A 28 -7.05 -5.53 6.21
N VAL A 29 -7.57 -4.70 7.09
CA VAL A 29 -7.06 -3.34 7.26
C VAL A 29 -5.55 -3.31 7.56
N GLY A 30 -5.10 -4.22 8.42
CA GLY A 30 -3.70 -4.23 8.80
C GLY A 30 -2.85 -5.18 7.97
N SER A 31 -3.45 -5.72 6.90
CA SER A 31 -2.75 -6.64 6.03
C SER A 31 -2.93 -6.25 4.56
N ILE A 32 -3.61 -5.14 4.34
CA ILE A 32 -3.86 -4.65 3.00
C ILE A 32 -2.73 -3.73 2.57
N ALA A 33 -2.22 -3.95 1.37
CA ALA A 33 -1.08 -3.18 0.91
C ALA A 33 -1.16 -2.91 -0.58
N CYS A 34 -0.47 -1.87 -0.98
CA CYS A 34 -0.32 -1.58 -2.38
C CYS A 34 1.13 -1.86 -2.77
N CYS A 35 1.32 -2.60 -3.85
CA CYS A 35 2.66 -2.96 -4.28
C CYS A 35 2.93 -2.36 -5.64
N ASN A 36 4.20 -2.15 -5.95
CA ASN A 36 4.58 -1.62 -7.25
C ASN A 36 5.97 -2.08 -7.61
N SER A 37 6.28 -2.04 -8.91
CA SER A 37 7.60 -2.37 -9.40
C SER A 37 8.67 -1.52 -8.72
N PRO A 38 9.76 -2.16 -8.26
CA PRO A 38 10.80 -1.52 -7.45
C PRO A 38 11.31 -0.20 -8.04
N ALA A 39 11.30 -0.09 -9.36
CA ALA A 39 11.82 1.09 -10.04
C ALA A 39 11.08 2.37 -9.63
N GLU A 40 9.88 2.21 -9.09
CA GLU A 40 9.06 3.35 -8.71
C GLU A 40 9.13 3.59 -7.19
N THR A 41 8.85 2.55 -6.42
CA THR A 41 8.82 2.66 -4.97
C THR A 41 10.23 2.88 -4.38
N ASN A 42 11.24 2.43 -5.11
CA ASN A 42 12.62 2.53 -4.65
C ASN A 42 13.27 3.81 -5.13
N ASN A 43 12.44 4.75 -5.58
CA ASN A 43 12.90 6.04 -6.10
C ASN A 43 13.88 6.72 -5.15
N ASP A 44 13.69 6.52 -3.86
CA ASP A 44 14.59 7.07 -2.86
C ASP A 44 15.22 5.93 -2.04
N SER A 45 16.42 6.17 -1.52
CA SER A 45 17.18 5.15 -0.81
C SER A 45 16.67 4.99 0.63
N LEU A 46 16.06 6.04 1.16
CA LEU A 46 15.47 5.97 2.49
C LEU A 46 14.06 5.41 2.39
N LEU A 47 13.38 5.77 1.30
CA LEU A 47 12.05 5.27 0.98
C LEU A 47 12.02 3.74 1.01
N SER A 48 13.07 3.12 0.49
CA SER A 48 13.14 1.66 0.40
C SER A 48 13.16 1.02 1.79
N GLY A 49 13.49 1.82 2.81
CA GLY A 49 13.48 1.33 4.17
C GLY A 49 12.19 1.71 4.89
N LEU A 50 11.56 2.79 4.43
CA LEU A 50 10.30 3.25 5.02
C LEU A 50 9.14 2.36 4.58
N LEU A 51 9.41 1.48 3.62
CA LEU A 51 8.40 0.57 3.10
C LEU A 51 7.96 -0.43 4.18
N GLY A 52 8.72 -0.50 5.26
CA GLY A 52 8.36 -1.34 6.38
C GLY A 52 8.85 -0.75 7.68
N ALA A 53 7.97 0.00 8.35
CA ALA A 53 8.38 0.77 9.53
C ALA A 53 8.42 -0.11 10.77
N GLY A 54 9.31 -1.10 10.77
CA GLY A 54 9.47 -1.98 11.90
C GLY A 54 10.02 -3.34 11.51
N LEU A 55 11.14 -3.33 10.80
CA LEU A 55 11.82 -4.57 10.37
C LEU A 55 10.92 -5.41 9.47
N LEU A 56 10.25 -4.77 8.53
CA LEU A 56 9.36 -5.46 7.61
C LEU A 56 10.13 -6.00 6.41
N ASN A 57 9.40 -6.55 5.45
CA ASN A 57 10.00 -7.13 4.27
C ASN A 57 9.27 -6.65 3.03
N GLY A 58 9.71 -7.14 1.88
CA GLY A 58 9.13 -6.73 0.62
C GLY A 58 8.26 -7.80 0.00
N LEU A 59 8.26 -7.87 -1.32
CA LEU A 59 7.50 -8.89 -2.02
C LEU A 59 8.06 -10.27 -1.74
N SER A 60 7.18 -11.25 -1.69
CA SER A 60 7.57 -12.64 -1.46
C SER A 60 8.63 -13.08 -2.45
N GLY A 61 9.85 -13.27 -1.96
CA GLY A 61 10.93 -13.74 -2.82
C GLY A 61 11.57 -12.63 -3.63
N ASN A 62 10.76 -11.85 -4.31
CA ASN A 62 11.26 -10.79 -5.18
C ASN A 62 11.61 -9.54 -4.38
N THR A 63 12.87 -9.45 -4.00
CA THR A 63 13.36 -8.31 -3.25
C THR A 63 13.31 -7.03 -4.07
N GLY A 64 12.73 -5.99 -3.50
CA GLY A 64 12.64 -4.72 -4.18
C GLY A 64 11.25 -4.14 -4.13
N SER A 65 10.27 -4.95 -4.51
CA SER A 65 8.88 -4.52 -4.50
C SER A 65 8.28 -4.62 -3.11
N ALA A 66 8.75 -3.76 -2.21
CA ALA A 66 8.23 -3.71 -0.86
C ALA A 66 6.93 -2.91 -0.84
N CYS A 67 5.95 -3.41 -0.10
CA CYS A 67 4.63 -2.80 -0.10
C CYS A 67 4.32 -2.13 1.23
N ALA A 68 3.66 -0.99 1.17
CA ALA A 68 3.27 -0.26 2.36
C ALA A 68 1.78 -0.43 2.61
N LYS A 69 1.36 -0.28 3.86
CA LYS A 69 -0.01 -0.56 4.25
C LYS A 69 -0.74 0.74 4.61
N ALA A 70 -1.99 0.62 5.03
CA ALA A 70 -2.80 1.80 5.35
C ALA A 70 -2.17 2.60 6.48
N SER A 71 -1.61 1.91 7.46
CA SER A 71 -0.94 2.56 8.58
C SER A 71 0.29 3.31 8.07
N LEU A 72 1.01 2.68 7.16
CA LEU A 72 2.21 3.27 6.58
C LEU A 72 1.85 4.41 5.62
N ILE A 73 0.61 4.44 5.20
CA ILE A 73 0.12 5.55 4.39
C ILE A 73 0.13 6.84 5.23
N ASP A 74 -0.14 6.69 6.53
CA ASP A 74 -0.28 7.83 7.41
C ASP A 74 0.97 8.07 8.26
N GLN A 75 1.59 7.00 8.73
CA GLN A 75 2.73 7.08 9.64
C GLN A 75 3.85 8.00 9.12
N LEU A 76 3.97 8.11 7.80
CA LEU A 76 5.02 8.95 7.21
C LEU A 76 4.57 9.58 5.89
N GLY A 77 3.52 9.04 5.29
CA GLY A 77 3.02 9.63 4.06
C GLY A 77 3.85 9.21 2.85
N LEU A 78 4.04 7.91 2.68
CA LEU A 78 4.84 7.37 1.58
C LEU A 78 4.14 7.60 0.24
N LEU A 79 4.33 8.78 -0.33
CA LEU A 79 3.64 9.18 -1.55
C LEU A 79 4.11 8.40 -2.77
N ALA A 80 5.14 7.58 -2.61
CA ALA A 80 5.64 6.76 -3.69
C ALA A 80 4.74 5.55 -3.91
N LEU A 81 3.90 5.25 -2.92
CA LEU A 81 3.07 4.07 -2.97
C LEU A 81 1.61 4.44 -3.26
N VAL A 82 1.22 5.66 -2.92
CA VAL A 82 -0.15 6.09 -3.12
C VAL A 82 -0.28 6.95 -4.36
N ASP A 83 -1.34 6.73 -5.10
CA ASP A 83 -1.67 7.56 -6.25
C ASP A 83 -3.02 8.23 -6.00
N HIS A 84 -3.28 9.32 -6.70
CA HIS A 84 -4.52 10.03 -6.51
C HIS A 84 -5.40 9.91 -7.75
N THR A 85 -6.49 9.18 -7.59
CA THR A 85 -7.46 9.01 -8.65
C THR A 85 -8.60 9.99 -8.48
N GLU A 86 -9.68 9.78 -9.24
CA GLU A 86 -10.87 10.61 -9.15
C GLU A 86 -11.35 10.75 -7.70
N GLU A 87 -11.36 9.63 -6.96
CA GLU A 87 -11.78 9.63 -5.57
C GLU A 87 -10.73 10.28 -4.68
N GLY A 88 -9.63 9.56 -4.43
CA GLY A 88 -8.63 10.07 -3.52
C GLY A 88 -7.35 9.25 -3.56
N PRO A 89 -6.59 9.21 -2.45
CA PRO A 89 -5.35 8.44 -2.35
C PRO A 89 -5.61 6.94 -2.35
N VAL A 90 -5.28 6.29 -3.44
CA VAL A 90 -5.53 4.87 -3.64
C VAL A 90 -4.25 4.13 -3.99
N CYS A 91 -4.38 2.85 -4.32
CA CYS A 91 -3.22 2.05 -4.73
C CYS A 91 -2.70 2.53 -6.07
N LYS A 92 -1.38 2.67 -6.16
CA LYS A 92 -0.73 3.16 -7.37
C LYS A 92 -0.72 2.11 -8.47
N ASN A 93 -0.57 0.85 -8.09
CA ASN A 93 -0.36 -0.20 -9.09
C ASN A 93 -0.98 -1.53 -8.68
N ILE A 94 -0.18 -2.39 -8.07
CA ILE A 94 -0.56 -3.79 -7.84
C ILE A 94 -1.18 -3.99 -6.46
N VAL A 95 -2.30 -4.70 -6.42
CA VAL A 95 -2.97 -5.02 -5.16
C VAL A 95 -2.40 -6.31 -4.58
N ALA A 96 -2.05 -6.28 -3.29
CA ALA A 96 -1.47 -7.44 -2.65
C ALA A 96 -1.72 -7.43 -1.14
N CYS A 97 -1.31 -8.49 -0.47
CA CYS A 97 -1.49 -8.61 0.97
C CYS A 97 -0.14 -8.58 1.67
N CYS A 98 0.00 -7.68 2.63
CA CYS A 98 1.27 -7.50 3.33
C CYS A 98 1.00 -7.16 4.79
N PRO A 99 1.65 -7.88 5.71
CA PRO A 99 1.44 -7.70 7.15
C PRO A 99 2.35 -6.63 7.76
N GLU A 100 1.78 -5.70 8.51
CA GLU A 100 2.58 -4.69 9.18
C GLU A 100 3.23 -5.26 10.43
N GLY A 101 4.49 -5.65 10.29
CA GLY A 101 5.25 -6.17 11.39
C GLY A 101 6.54 -6.78 10.93
N THR A 102 6.45 -7.68 9.97
CA THR A 102 7.61 -8.29 9.34
C THR A 102 7.13 -9.35 8.34
N THR A 103 8.08 -10.06 7.73
CA THR A 103 7.77 -11.04 6.69
C THR A 103 7.35 -10.36 5.39
N ASN A 104 7.47 -11.09 4.30
CA ASN A 104 7.19 -10.57 2.98
C ASN A 104 5.69 -10.47 2.72
N CYS A 105 5.34 -9.89 1.58
CA CYS A 105 3.96 -9.70 1.21
C CYS A 105 3.62 -10.60 0.01
N VAL A 106 2.37 -11.01 -0.07
CA VAL A 106 1.94 -11.91 -1.14
C VAL A 106 1.10 -11.16 -2.16
N ALA A 107 1.40 -11.37 -3.44
CA ALA A 107 0.66 -10.72 -4.51
C ALA A 107 -0.19 -11.74 -5.26
N VAL A 108 -1.49 -11.52 -5.27
CA VAL A 108 -2.40 -12.44 -5.92
C VAL A 108 -3.09 -11.78 -7.10
N ASP A 109 -2.55 -10.63 -7.50
CA ASP A 109 -3.11 -9.90 -8.63
C ASP A 109 -2.82 -10.62 -9.93
N ASN A 110 -3.87 -10.94 -10.65
CA ASN A 110 -3.76 -11.60 -11.93
C ASN A 110 -4.61 -10.85 -12.95
N ALA A 111 -4.06 -9.77 -13.48
CA ALA A 111 -4.76 -8.89 -14.42
C ALA A 111 -5.93 -8.19 -13.77
N GLY A 112 -5.73 -7.75 -12.54
CA GLY A 112 -6.75 -7.01 -11.82
C GLY A 112 -6.32 -5.59 -11.51
N ALA A 113 -5.01 -5.43 -11.36
CA ALA A 113 -4.43 -4.12 -11.09
C ALA A 113 -4.56 -3.19 -12.30
N GLY A 114 -4.63 -1.89 -12.04
CA GLY A 114 -4.77 -0.93 -13.11
C GLY A 114 -6.05 -0.12 -12.98
N THR A 115 -6.96 -0.58 -12.14
CA THR A 115 -8.21 0.13 -11.92
C THR A 115 -8.55 0.14 -10.43
N LYS A 116 -9.56 0.92 -10.07
CA LYS A 116 -10.00 1.03 -8.69
C LYS A 116 -11.50 0.82 -8.59
N ALA A 117 -12.20 1.23 -9.63
CA ALA A 117 -13.64 1.05 -9.71
C ALA A 117 -13.99 0.24 -10.94
N GLU A 118 -14.94 -0.67 -10.81
CA GLU A 118 -15.39 -1.48 -11.93
C GLU A 118 -16.87 -1.80 -11.78
N SER A 1 -16.37 29.17 -1.63
CA SER A 1 -15.79 29.79 -0.42
C SER A 1 -15.53 28.75 0.66
N LEU A 2 -14.42 28.93 1.39
CA LEU A 2 -14.06 28.08 2.52
C LEU A 2 -14.04 26.59 2.14
N PRO A 3 -13.00 26.17 1.40
CA PRO A 3 -12.84 24.77 0.96
C PRO A 3 -12.20 23.90 2.05
N ALA A 4 -12.33 24.32 3.30
CA ALA A 4 -11.68 23.65 4.42
C ALA A 4 -12.23 22.25 4.63
N SER A 5 -13.52 22.08 4.33
CA SER A 5 -14.17 20.79 4.47
C SER A 5 -13.88 19.89 3.26
N ALA A 6 -13.24 20.45 2.25
CA ALA A 6 -12.92 19.69 1.04
C ALA A 6 -11.47 19.22 1.06
N ALA A 7 -10.79 19.50 2.17
CA ALA A 7 -9.40 19.10 2.33
C ALA A 7 -9.28 17.59 2.47
N LYS A 8 -8.22 17.03 1.92
CA LYS A 8 -8.00 15.60 1.98
C LYS A 8 -6.51 15.29 1.98
N ASN A 9 -6.11 14.51 2.97
CA ASN A 9 -4.71 14.14 3.13
C ASN A 9 -4.53 12.64 2.90
N ALA A 10 -3.54 12.07 3.56
CA ALA A 10 -3.23 10.66 3.40
C ALA A 10 -4.07 9.81 4.36
N LYS A 11 -5.36 9.75 4.11
CA LYS A 11 -6.24 8.91 4.91
C LYS A 11 -6.74 7.74 4.09
N LEU A 12 -7.02 6.64 4.75
CA LEU A 12 -7.62 5.49 4.11
C LEU A 12 -9.12 5.70 3.92
N ALA A 13 -9.71 6.50 4.80
CA ALA A 13 -11.15 6.79 4.74
C ALA A 13 -11.53 7.54 3.47
N THR A 14 -10.58 8.32 2.95
CA THR A 14 -10.81 9.10 1.73
C THR A 14 -10.85 8.21 0.51
N SER A 15 -10.16 7.08 0.59
CA SER A 15 -10.04 6.17 -0.52
C SER A 15 -11.18 5.16 -0.55
N ALA A 16 -12.38 5.64 -0.82
CA ALA A 16 -13.54 4.76 -0.94
C ALA A 16 -13.40 3.91 -2.20
N ALA A 17 -12.75 4.51 -3.20
CA ALA A 17 -12.42 3.82 -4.43
C ALA A 17 -11.45 2.66 -4.17
N PHE A 18 -10.63 2.81 -3.15
CA PHE A 18 -9.67 1.77 -2.78
C PHE A 18 -10.32 0.72 -1.90
N ALA A 19 -11.31 1.13 -1.13
CA ALA A 19 -12.00 0.23 -0.22
C ALA A 19 -12.86 -0.79 -0.95
N LYS A 20 -12.93 -0.67 -2.27
CA LYS A 20 -13.66 -1.63 -3.08
C LYS A 20 -12.74 -2.80 -3.35
N GLN A 21 -11.44 -2.51 -3.29
CA GLN A 21 -10.41 -3.50 -3.52
C GLN A 21 -10.31 -4.46 -2.34
N ALA A 22 -10.69 -3.98 -1.16
CA ALA A 22 -10.68 -4.80 0.04
C ALA A 22 -11.77 -5.86 -0.03
N GLU A 23 -12.65 -5.72 -0.99
CA GLU A 23 -13.77 -6.64 -1.15
C GLU A 23 -13.50 -7.64 -2.28
N GLY A 24 -13.05 -7.12 -3.43
CA GLY A 24 -12.82 -7.96 -4.59
C GLY A 24 -11.60 -8.85 -4.44
N THR A 25 -10.51 -8.27 -3.94
CA THR A 25 -9.26 -9.01 -3.76
C THR A 25 -9.22 -9.70 -2.41
N THR A 26 -8.79 -10.94 -2.39
CA THR A 26 -8.75 -11.73 -1.17
C THR A 26 -7.52 -11.41 -0.33
N CYS A 27 -7.70 -10.52 0.64
CA CYS A 27 -6.63 -10.16 1.57
C CYS A 27 -7.24 -9.89 2.95
N ASN A 28 -6.41 -9.53 3.92
CA ASN A 28 -6.89 -9.24 5.25
C ASN A 28 -6.95 -7.72 5.46
N VAL A 29 -8.03 -7.23 6.03
CA VAL A 29 -8.22 -5.79 6.23
C VAL A 29 -7.15 -5.21 7.15
N GLY A 30 -6.65 -6.03 8.08
CA GLY A 30 -5.59 -5.59 8.98
C GLY A 30 -4.21 -5.82 8.39
N SER A 31 -4.18 -6.22 7.13
CA SER A 31 -2.94 -6.48 6.44
C SER A 31 -3.07 -6.18 4.95
N ILE A 32 -3.72 -5.07 4.64
CA ILE A 32 -3.84 -4.64 3.26
C ILE A 32 -2.77 -3.60 2.95
N ALA A 33 -2.19 -3.69 1.77
CA ALA A 33 -1.07 -2.86 1.42
C ALA A 33 -1.04 -2.54 -0.07
N CYS A 34 -0.32 -1.49 -0.41
CA CYS A 34 -0.07 -1.14 -1.79
C CYS A 34 1.40 -1.30 -2.09
N CYS A 35 1.71 -1.96 -3.20
CA CYS A 35 3.09 -2.20 -3.60
C CYS A 35 3.34 -1.62 -4.99
N ASN A 36 4.61 -1.51 -5.34
CA ASN A 36 4.98 -0.96 -6.64
C ASN A 36 6.27 -1.61 -7.12
N SER A 37 6.50 -1.53 -8.43
CA SER A 37 7.73 -2.02 -9.04
C SER A 37 8.95 -1.42 -8.34
N PRO A 38 10.02 -2.23 -8.17
CA PRO A 38 11.22 -1.86 -7.39
C PRO A 38 11.78 -0.49 -7.70
N ALA A 39 11.90 -0.13 -8.98
CA ALA A 39 12.57 1.11 -9.37
C ALA A 39 11.82 2.36 -8.88
N GLU A 40 10.57 2.17 -8.49
CA GLU A 40 9.76 3.27 -7.98
C GLU A 40 9.76 3.24 -6.46
N THR A 41 9.51 2.07 -5.91
CA THR A 41 9.54 1.86 -4.47
C THR A 41 10.93 2.16 -3.90
N ASN A 42 11.95 1.85 -4.68
CA ASN A 42 13.34 2.02 -4.27
C ASN A 42 13.95 3.23 -4.95
N ASN A 43 13.09 4.07 -5.51
CA ASN A 43 13.52 5.25 -6.25
C ASN A 43 14.47 6.12 -5.43
N ASP A 44 14.17 6.26 -4.15
CA ASP A 44 14.99 7.08 -3.27
C ASP A 44 15.88 6.19 -2.39
N SER A 45 17.07 6.70 -2.08
CA SER A 45 18.05 5.96 -1.28
C SER A 45 17.55 5.70 0.14
N LEU A 46 16.79 6.64 0.68
CA LEU A 46 16.25 6.50 2.04
C LEU A 46 14.86 5.85 2.01
N LEU A 47 14.19 5.99 0.87
CA LEU A 47 12.83 5.47 0.71
C LEU A 47 12.78 3.96 0.94
N SER A 48 13.86 3.28 0.60
CA SER A 48 13.91 1.82 0.70
C SER A 48 13.76 1.33 2.15
N GLY A 49 13.85 2.24 3.11
CA GLY A 49 13.55 1.91 4.49
C GLY A 49 12.37 2.71 5.01
N LEU A 50 12.09 3.83 4.36
CA LEU A 50 11.03 4.72 4.79
C LEU A 50 9.67 4.28 4.26
N LEU A 51 9.66 3.27 3.38
CA LEU A 51 8.41 2.76 2.82
C LEU A 51 7.63 2.01 3.89
N GLY A 52 8.27 1.81 5.03
CA GLY A 52 7.62 1.19 6.16
C GLY A 52 7.79 2.03 7.41
N ALA A 53 8.30 1.41 8.45
CA ALA A 53 8.56 2.10 9.71
C ALA A 53 9.38 1.21 10.63
N GLY A 54 9.27 -0.09 10.39
CA GLY A 54 10.11 -1.04 11.07
C GLY A 54 10.84 -1.93 10.08
N LEU A 55 11.26 -3.09 10.52
CA LEU A 55 11.97 -4.04 9.66
C LEU A 55 10.99 -4.74 8.72
N LEU A 56 10.39 -3.97 7.84
CA LEU A 56 9.46 -4.51 6.84
C LEU A 56 10.16 -5.43 5.86
N ASN A 57 9.42 -6.39 5.34
CA ASN A 57 9.89 -7.22 4.25
C ASN A 57 9.11 -6.85 2.99
N GLY A 58 9.44 -7.47 1.88
CA GLY A 58 8.85 -7.09 0.63
C GLY A 58 7.90 -8.13 0.10
N LEU A 59 7.72 -8.16 -1.21
CA LEU A 59 6.85 -9.14 -1.84
C LEU A 59 7.43 -10.54 -1.65
N SER A 60 6.56 -11.49 -1.37
CA SER A 60 6.94 -12.88 -1.16
C SER A 60 7.69 -13.44 -2.37
N GLY A 61 9.02 -13.42 -2.27
CA GLY A 61 9.84 -13.94 -3.34
C GLY A 61 10.15 -12.91 -4.41
N ASN A 62 9.98 -11.64 -4.08
CA ASN A 62 10.25 -10.55 -5.01
C ASN A 62 11.17 -9.55 -4.37
N THR A 63 12.47 -9.71 -4.62
CA THR A 63 13.48 -8.86 -4.03
C THR A 63 13.53 -7.49 -4.70
N GLY A 64 12.72 -6.56 -4.20
CA GLY A 64 12.74 -5.20 -4.71
C GLY A 64 11.42 -4.50 -4.50
N SER A 65 10.34 -5.21 -4.78
CA SER A 65 9.01 -4.68 -4.61
C SER A 65 8.57 -4.77 -3.14
N ALA A 66 8.70 -3.65 -2.43
CA ALA A 66 8.22 -3.57 -1.05
C ALA A 66 6.79 -3.08 -1.03
N CYS A 67 6.16 -3.12 0.13
CA CYS A 67 4.76 -2.77 0.23
C CYS A 67 4.50 -1.85 1.41
N ALA A 68 3.63 -0.86 1.21
CA ALA A 68 3.24 0.04 2.28
C ALA A 68 1.84 -0.32 2.75
N LYS A 69 1.71 -0.57 4.03
CA LYS A 69 0.44 -1.01 4.60
C LYS A 69 -0.44 0.18 4.92
N ALA A 70 -1.75 -0.05 4.99
CA ALA A 70 -2.71 1.03 5.21
C ALA A 70 -2.43 1.78 6.51
N SER A 71 -1.99 1.05 7.54
CA SER A 71 -1.60 1.67 8.81
C SER A 71 -0.41 2.61 8.61
N LEU A 72 0.45 2.25 7.66
CA LEU A 72 1.66 3.02 7.40
C LEU A 72 1.37 4.17 6.44
N ILE A 73 0.26 4.07 5.72
CA ILE A 73 -0.19 5.18 4.89
C ILE A 73 -0.59 6.33 5.81
N ASP A 74 -1.18 5.97 6.94
CA ASP A 74 -1.57 6.94 7.96
C ASP A 74 -0.36 7.33 8.83
N GLN A 75 0.75 6.64 8.60
CA GLN A 75 1.97 6.87 9.37
C GLN A 75 2.89 7.84 8.63
N LEU A 76 2.99 7.65 7.31
CA LEU A 76 3.86 8.48 6.49
C LEU A 76 3.16 8.93 5.22
N GLY A 77 2.83 7.96 4.37
CA GLY A 77 2.21 8.28 3.09
C GLY A 77 3.21 8.37 1.96
N LEU A 78 4.04 7.33 1.83
CA LEU A 78 5.09 7.27 0.81
C LEU A 78 4.48 7.35 -0.58
N LEU A 79 4.66 8.50 -1.23
CA LEU A 79 3.99 8.81 -2.51
C LEU A 79 4.60 8.03 -3.67
N ALA A 80 5.34 6.98 -3.37
CA ALA A 80 5.86 6.10 -4.41
C ALA A 80 4.89 4.93 -4.60
N LEU A 81 4.19 4.58 -3.53
CA LEU A 81 3.35 3.40 -3.52
C LEU A 81 1.87 3.77 -3.61
N VAL A 82 1.57 5.06 -3.64
CA VAL A 82 0.18 5.51 -3.70
C VAL A 82 -0.06 6.39 -4.91
N ASP A 83 -1.18 6.17 -5.55
CA ASP A 83 -1.65 7.00 -6.66
C ASP A 83 -2.52 8.11 -6.07
N HIS A 84 -2.95 9.06 -6.88
CA HIS A 84 -3.71 10.16 -6.36
C HIS A 84 -4.85 10.50 -7.27
N THR A 85 -5.83 9.62 -7.26
CA THR A 85 -7.04 9.83 -7.99
C THR A 85 -7.89 10.93 -7.31
N GLU A 86 -8.80 11.54 -8.08
CA GLU A 86 -9.63 12.65 -7.55
C GLU A 86 -10.35 12.26 -6.27
N GLU A 87 -10.77 11.01 -6.18
CA GLU A 87 -11.42 10.49 -4.98
C GLU A 87 -10.51 10.66 -3.77
N GLY A 88 -9.39 9.98 -3.80
CA GLY A 88 -8.43 10.03 -2.73
C GLY A 88 -7.17 9.29 -3.11
N PRO A 89 -6.20 9.14 -2.19
CA PRO A 89 -4.98 8.38 -2.47
C PRO A 89 -5.28 6.89 -2.57
N VAL A 90 -4.76 6.28 -3.61
CA VAL A 90 -5.14 4.93 -3.98
C VAL A 90 -3.91 4.08 -4.28
N CYS A 91 -4.12 2.82 -4.65
CA CYS A 91 -3.01 1.94 -4.97
C CYS A 91 -2.32 2.41 -6.24
N LYS A 92 -0.99 2.46 -6.20
CA LYS A 92 -0.20 2.95 -7.32
C LYS A 92 -0.22 1.96 -8.47
N ASN A 93 0.00 0.70 -8.14
CA ASN A 93 0.20 -0.33 -9.14
C ASN A 93 -0.28 -1.68 -8.64
N ILE A 94 0.46 -2.23 -7.68
CA ILE A 94 0.20 -3.58 -7.20
C ILE A 94 -0.58 -3.55 -5.89
N VAL A 95 -1.75 -4.16 -5.90
CA VAL A 95 -2.51 -4.34 -4.67
C VAL A 95 -2.17 -5.70 -4.07
N ALA A 96 -1.83 -5.73 -2.81
CA ALA A 96 -1.38 -6.96 -2.17
C ALA A 96 -1.77 -7.00 -0.71
N CYS A 97 -1.59 -8.17 -0.11
CA CYS A 97 -1.82 -8.34 1.30
C CYS A 97 -0.49 -8.42 2.03
N CYS A 98 -0.24 -7.44 2.88
CA CYS A 98 1.05 -7.31 3.54
C CYS A 98 0.87 -6.98 5.01
N PRO A 99 1.49 -7.78 5.88
CA PRO A 99 1.46 -7.57 7.32
C PRO A 99 2.18 -6.29 7.73
N GLU A 100 1.57 -5.50 8.59
CA GLU A 100 2.23 -4.29 9.08
C GLU A 100 3.42 -4.67 9.95
N GLY A 101 4.59 -4.25 9.51
CA GLY A 101 5.80 -4.60 10.21
C GLY A 101 6.67 -5.50 9.37
N THR A 102 6.87 -6.70 9.85
CA THR A 102 7.80 -7.63 9.23
C THR A 102 7.07 -8.62 8.33
N THR A 103 7.81 -9.58 7.80
CA THR A 103 7.26 -10.63 6.95
C THR A 103 6.90 -10.13 5.56
N ASN A 104 6.97 -11.03 4.60
CA ASN A 104 6.74 -10.71 3.21
C ASN A 104 5.26 -10.54 2.92
N CYS A 105 4.96 -9.86 1.83
CA CYS A 105 3.59 -9.60 1.43
C CYS A 105 3.27 -10.36 0.14
N VAL A 106 2.08 -10.90 0.05
CA VAL A 106 1.68 -11.67 -1.11
C VAL A 106 0.85 -10.84 -2.08
N ALA A 107 1.17 -10.95 -3.36
CA ALA A 107 0.42 -10.26 -4.40
C ALA A 107 -0.54 -11.24 -5.06
N VAL A 108 -1.83 -11.02 -4.85
CA VAL A 108 -2.85 -11.98 -5.25
C VAL A 108 -3.43 -11.67 -6.62
N ASP A 109 -2.71 -10.93 -7.43
CA ASP A 109 -3.19 -10.63 -8.78
C ASP A 109 -2.22 -11.18 -9.82
N ASN A 110 -2.77 -11.83 -10.82
CA ASN A 110 -2.04 -12.28 -11.97
C ASN A 110 -2.99 -12.33 -13.17
N ALA A 111 -4.03 -11.51 -13.10
CA ALA A 111 -5.07 -11.51 -14.12
C ALA A 111 -5.42 -10.09 -14.56
N GLY A 112 -5.40 -9.15 -13.61
CA GLY A 112 -5.76 -7.78 -13.92
C GLY A 112 -7.26 -7.61 -14.02
N ALA A 113 -7.92 -7.50 -12.88
CA ALA A 113 -9.37 -7.38 -12.83
C ALA A 113 -9.83 -5.93 -12.97
N GLY A 114 -9.15 -5.05 -12.27
CA GLY A 114 -9.52 -3.65 -12.29
C GLY A 114 -8.42 -2.77 -11.73
N THR A 115 -8.71 -1.50 -11.53
CA THR A 115 -7.70 -0.57 -11.03
C THR A 115 -7.98 -0.18 -9.58
N LYS A 116 -9.15 0.40 -9.34
CA LYS A 116 -9.59 0.74 -8.00
C LYS A 116 -11.11 0.79 -7.98
N ALA A 117 -11.66 1.90 -8.46
CA ALA A 117 -13.08 1.99 -8.68
C ALA A 117 -13.37 1.64 -10.13
N GLU A 118 -13.34 0.34 -10.42
CA GLU A 118 -13.43 -0.16 -11.79
C GLU A 118 -12.25 0.35 -12.62
#